data_1WFK
#
_entry.id   1WFK
#
loop_
_entity.id
_entity.type
_entity.pdbx_description
1 polymer 'zinc finger, FYVE domain containing 19'
2 non-polymer 'ZINC ION'
#
_entity_poly.entity_id   1
_entity_poly.type   'polypeptide(L)'
_entity_poly.pdbx_seq_one_letter_code
;GSSGSSGMESRCYGCAVKFTLFKKEYGCKNCGRAFCNGCLSFSALVPRAGNTQQKVCKQCHTILTRGSSDNASKWSPPQN
YKSGPSSG
;
_entity_poly.pdbx_strand_id   A
#
# COMPACT_ATOMS: atom_id res chain seq x y z
N GLY A 1 32.35 12.07 -11.06
CA GLY A 1 32.79 12.10 -12.45
C GLY A 1 33.04 10.71 -13.00
N SER A 2 33.66 9.86 -12.19
CA SER A 2 33.97 8.49 -12.61
C SER A 2 33.20 7.48 -11.78
N SER A 3 31.93 7.78 -11.52
CA SER A 3 31.09 6.89 -10.72
C SER A 3 29.61 7.18 -10.97
N GLY A 4 28.78 6.15 -10.83
CA GLY A 4 27.35 6.31 -11.04
C GLY A 4 26.65 4.99 -11.24
N SER A 5 27.03 3.99 -10.44
CA SER A 5 26.43 2.66 -10.54
C SER A 5 26.02 2.14 -9.17
N SER A 6 24.77 2.38 -8.79
CA SER A 6 24.26 1.94 -7.50
C SER A 6 23.61 0.56 -7.61
N GLY A 7 23.76 -0.23 -6.56
CA GLY A 7 23.19 -1.57 -6.56
C GLY A 7 21.89 -1.65 -5.77
N MET A 8 20.81 -1.14 -6.36
CA MET A 8 19.51 -1.15 -5.71
C MET A 8 18.76 -2.45 -6.01
N GLU A 9 18.71 -3.35 -5.03
CA GLU A 9 18.03 -4.62 -5.21
C GLU A 9 16.65 -4.60 -4.55
N SER A 10 15.98 -5.74 -4.53
CA SER A 10 14.65 -5.85 -3.94
C SER A 10 14.68 -5.44 -2.47
N ARG A 11 14.21 -4.23 -2.19
CA ARG A 11 14.18 -3.72 -0.83
C ARG A 11 12.76 -3.38 -0.40
N CYS A 12 12.61 -2.83 0.80
CA CYS A 12 11.30 -2.47 1.32
C CYS A 12 10.94 -1.03 0.94
N TYR A 13 9.67 -0.81 0.66
CA TYR A 13 9.19 0.52 0.29
C TYR A 13 8.75 1.31 1.52
N GLY A 14 9.32 0.97 2.66
CA GLY A 14 8.98 1.65 3.89
C GLY A 14 10.20 1.99 4.73
N CYS A 15 11.14 1.06 4.80
CA CYS A 15 12.36 1.25 5.57
C CYS A 15 13.59 1.11 4.69
N ALA A 16 13.39 0.62 3.47
CA ALA A 16 14.48 0.44 2.53
C ALA A 16 15.37 -0.75 2.93
N VAL A 17 14.77 -1.70 3.64
CA VAL A 17 15.50 -2.88 4.09
C VAL A 17 15.56 -3.93 2.99
N LYS A 18 16.71 -4.58 2.87
CA LYS A 18 16.90 -5.62 1.87
C LYS A 18 16.27 -6.93 2.31
N PHE A 19 15.52 -7.56 1.41
CA PHE A 19 14.85 -8.82 1.71
C PHE A 19 15.85 -9.97 1.66
N THR A 20 15.97 -10.69 2.78
CA THR A 20 16.88 -11.82 2.86
C THR A 20 16.27 -12.96 3.67
N LEU A 21 16.98 -14.08 3.73
CA LEU A 21 16.50 -15.25 4.47
C LEU A 21 15.83 -14.83 5.77
N PHE A 22 16.45 -13.89 6.47
CA PHE A 22 15.91 -13.41 7.74
C PHE A 22 14.76 -12.44 7.50
N LYS A 23 14.92 -11.55 6.52
CA LYS A 23 13.89 -10.58 6.19
C LYS A 23 13.16 -10.97 4.92
N LYS A 24 12.02 -11.64 5.07
CA LYS A 24 11.22 -12.07 3.93
C LYS A 24 10.64 -10.87 3.18
N GLU A 25 10.21 -11.10 1.95
CA GLU A 25 9.64 -10.04 1.13
C GLU A 25 8.11 -10.14 1.10
N TYR A 26 7.44 -9.02 1.30
CA TYR A 26 5.99 -8.98 1.29
C TYR A 26 5.47 -8.03 0.22
N GLY A 27 4.20 -8.19 -0.15
CA GLY A 27 3.61 -7.33 -1.16
C GLY A 27 2.30 -6.71 -0.71
N CYS A 28 2.05 -5.48 -1.14
CA CYS A 28 0.84 -4.78 -0.77
C CYS A 28 -0.27 -5.00 -1.81
N LYS A 29 -1.49 -4.63 -1.47
CA LYS A 29 -2.62 -4.78 -2.37
C LYS A 29 -3.10 -3.42 -2.87
N ASN A 30 -3.16 -2.45 -1.98
CA ASN A 30 -3.60 -1.10 -2.33
C ASN A 30 -2.61 -0.43 -3.25
N CYS A 31 -1.47 -0.01 -2.69
CA CYS A 31 -0.43 0.65 -3.47
C CYS A 31 0.26 -0.34 -4.40
N GLY A 32 0.35 -1.58 -3.97
CA GLY A 32 0.99 -2.60 -4.78
C GLY A 32 2.51 -2.47 -4.81
N ARG A 33 3.09 -2.23 -3.63
CA ARG A 33 4.54 -2.09 -3.52
C ARG A 33 5.14 -3.20 -2.67
N ALA A 34 6.46 -3.28 -2.67
CA ALA A 34 7.17 -4.30 -1.90
C ALA A 34 7.47 -3.81 -0.49
N PHE A 35 7.11 -4.60 0.51
CA PHE A 35 7.35 -4.24 1.91
C PHE A 35 7.87 -5.44 2.70
N CYS A 36 8.43 -5.17 3.87
CA CYS A 36 8.97 -6.22 4.71
C CYS A 36 7.98 -6.59 5.82
N ASN A 37 7.90 -7.88 6.12
CA ASN A 37 6.99 -8.37 7.15
C ASN A 37 6.81 -7.33 8.25
N GLY A 38 7.89 -6.62 8.57
CA GLY A 38 7.84 -5.60 9.60
C GLY A 38 6.92 -4.45 9.23
N CYS A 39 7.09 -3.92 8.03
CA CYS A 39 6.27 -2.81 7.55
C CYS A 39 4.91 -3.30 7.08
N LEU A 40 4.90 -4.44 6.39
CA LEU A 40 3.66 -5.01 5.87
C LEU A 40 2.99 -5.89 6.93
N SER A 41 2.67 -5.29 8.07
CA SER A 41 2.03 -6.00 9.17
C SER A 41 0.67 -5.38 9.51
N PHE A 42 0.00 -4.85 8.49
CA PHE A 42 -1.30 -4.22 8.67
C PHE A 42 -2.30 -4.73 7.64
N SER A 43 -3.58 -4.62 7.96
CA SER A 43 -4.64 -5.08 7.06
C SER A 43 -5.74 -4.02 6.95
N ALA A 44 -6.21 -3.80 5.72
CA ALA A 44 -7.25 -2.83 5.47
C ALA A 44 -7.99 -3.13 4.17
N LEU A 45 -9.27 -2.80 4.12
CA LEU A 45 -10.09 -3.04 2.94
C LEU A 45 -9.48 -2.37 1.71
N VAL A 46 -9.15 -3.18 0.70
CA VAL A 46 -8.55 -2.66 -0.52
C VAL A 46 -9.57 -2.63 -1.65
N PRO A 47 -9.77 -1.44 -2.24
CA PRO A 47 -10.72 -1.25 -3.35
C PRO A 47 -10.24 -1.92 -4.64
N ARG A 48 -9.10 -2.59 -4.57
CA ARG A 48 -8.54 -3.26 -5.73
C ARG A 48 -8.84 -4.76 -5.68
N ALA A 49 -8.87 -5.31 -4.46
CA ALA A 49 -9.13 -6.73 -4.27
C ALA A 49 -10.62 -6.97 -3.98
N GLY A 50 -11.46 -6.06 -4.45
CA GLY A 50 -12.89 -6.19 -4.23
C GLY A 50 -13.31 -5.67 -2.87
N ASN A 51 -12.52 -4.76 -2.31
CA ASN A 51 -12.82 -4.18 -1.01
C ASN A 51 -12.70 -5.23 0.10
N THR A 52 -11.58 -5.94 0.11
CA THR A 52 -11.35 -6.98 1.10
C THR A 52 -10.17 -6.62 2.01
N GLN A 53 -10.31 -6.93 3.30
CA GLN A 53 -9.26 -6.63 4.27
C GLN A 53 -8.00 -7.44 3.96
N GLN A 54 -7.16 -6.90 3.09
CA GLN A 54 -5.92 -7.58 2.71
C GLN A 54 -4.72 -6.95 3.43
N LYS A 55 -3.64 -7.72 3.54
CA LYS A 55 -2.44 -7.24 4.21
C LYS A 55 -1.82 -6.08 3.44
N VAL A 56 -1.89 -4.89 4.01
CA VAL A 56 -1.33 -3.70 3.38
C VAL A 56 -0.21 -3.10 4.23
N CYS A 57 0.58 -2.23 3.62
CA CYS A 57 1.69 -1.58 4.32
C CYS A 57 1.17 -0.48 5.25
N LYS A 58 1.93 -0.20 6.29
CA LYS A 58 1.56 0.83 7.26
C LYS A 58 0.85 1.99 6.57
N GLN A 59 1.57 2.70 5.72
CA GLN A 59 1.01 3.83 4.99
C GLN A 59 -0.43 3.53 4.54
N CYS A 60 -0.55 2.69 3.52
CA CYS A 60 -1.86 2.32 2.99
C CYS A 60 -2.86 2.08 4.13
N HIS A 61 -2.49 1.19 5.05
CA HIS A 61 -3.35 0.88 6.19
C HIS A 61 -3.91 2.14 6.82
N THR A 62 -3.11 3.20 6.80
CA THR A 62 -3.52 4.48 7.38
C THR A 62 -4.27 5.33 6.35
N ILE A 63 -3.79 5.32 5.11
CA ILE A 63 -4.41 6.09 4.04
C ILE A 63 -5.85 5.64 3.81
N LEU A 64 -6.08 4.33 3.91
CA LEU A 64 -7.42 3.77 3.71
C LEU A 64 -8.30 4.04 4.94
N THR A 65 -7.67 4.33 6.07
CA THR A 65 -8.39 4.60 7.30
C THR A 65 -8.47 6.10 7.57
N ARG A 66 -7.60 6.87 6.92
CA ARG A 66 -7.57 8.31 7.09
C ARG A 66 -8.63 8.99 6.23
N GLY A 67 -8.83 8.44 5.03
CA GLY A 67 -9.82 9.00 4.12
C GLY A 67 -9.48 10.42 3.69
N SER A 68 -8.55 10.54 2.74
CA SER A 68 -8.14 11.85 2.25
C SER A 68 -9.34 12.77 2.05
N SER A 69 -9.09 14.07 2.10
CA SER A 69 -10.15 15.05 1.92
C SER A 69 -9.78 16.08 0.85
N ASP A 70 -9.23 15.58 -0.25
CA ASP A 70 -8.84 16.45 -1.36
C ASP A 70 -9.30 15.87 -2.70
N ASN A 71 -9.04 16.60 -3.78
CA ASN A 71 -9.43 16.16 -5.11
C ASN A 71 -8.25 16.28 -6.08
N ALA A 72 -7.09 15.85 -5.63
CA ALA A 72 -5.88 15.91 -6.47
C ALA A 72 -5.71 14.62 -7.26
N SER A 73 -6.27 14.59 -8.47
CA SER A 73 -6.17 13.42 -9.33
C SER A 73 -6.78 13.71 -10.70
N LYS A 74 -6.63 12.76 -11.62
CA LYS A 74 -7.16 12.90 -12.96
C LYS A 74 -8.60 13.40 -12.93
N TRP A 75 -9.14 13.70 -14.11
CA TRP A 75 -10.51 14.19 -14.21
C TRP A 75 -11.42 13.52 -13.18
N SER A 76 -12.02 14.33 -12.31
CA SER A 76 -12.89 13.82 -11.26
C SER A 76 -14.36 14.07 -11.62
N PRO A 77 -15.23 13.16 -11.18
CA PRO A 77 -16.67 13.26 -11.43
C PRO A 77 -17.32 14.39 -10.65
N PRO A 78 -18.57 14.72 -11.03
CA PRO A 78 -19.32 15.80 -10.38
C PRO A 78 -19.74 15.44 -8.95
N GLN A 79 -19.48 16.35 -8.02
CA GLN A 79 -19.83 16.12 -6.61
C GLN A 79 -21.12 15.32 -6.50
N ASN A 80 -22.09 15.65 -7.35
CA ASN A 80 -23.37 14.96 -7.34
C ASN A 80 -23.40 13.84 -8.38
N TYR A 81 -23.14 12.62 -7.93
CA TYR A 81 -23.13 11.46 -8.81
C TYR A 81 -24.44 10.68 -8.70
N LYS A 82 -24.71 10.17 -7.50
CA LYS A 82 -25.93 9.40 -7.26
C LYS A 82 -26.73 9.99 -6.10
N SER A 83 -28.04 9.94 -6.21
CA SER A 83 -28.92 10.48 -5.18
C SER A 83 -28.46 10.04 -3.80
N GLY A 84 -27.76 10.92 -3.10
CA GLY A 84 -27.27 10.60 -1.77
C GLY A 84 -26.34 11.67 -1.22
N PRO A 85 -25.72 11.38 -0.06
CA PRO A 85 -24.79 12.31 0.58
C PRO A 85 -23.49 12.48 -0.19
N SER A 86 -23.42 11.86 -1.36
CA SER A 86 -22.23 11.93 -2.19
C SER A 86 -21.55 13.29 -2.03
N SER A 87 -20.32 13.27 -1.52
CA SER A 87 -19.56 14.48 -1.31
C SER A 87 -18.82 14.89 -2.58
N GLY A 88 -18.18 16.05 -2.54
CA GLY A 88 -17.45 16.55 -3.69
C GLY A 88 -16.46 15.53 -4.23
N GLY A 1 25.63 7.11 -14.78
CA GLY A 1 24.56 6.16 -14.57
C GLY A 1 24.73 5.38 -13.27
N SER A 2 24.97 4.07 -13.40
CA SER A 2 25.16 3.21 -12.24
C SER A 2 26.49 2.48 -12.31
N SER A 3 27.24 2.52 -11.21
CA SER A 3 28.54 1.86 -11.14
C SER A 3 28.43 0.50 -10.48
N GLY A 4 27.28 0.25 -9.84
CA GLY A 4 27.06 -1.03 -9.17
C GLY A 4 27.64 -1.04 -7.77
N SER A 5 26.81 -0.77 -6.79
CA SER A 5 27.24 -0.76 -5.39
C SER A 5 26.75 -2.00 -4.65
N SER A 6 27.41 -2.33 -3.55
CA SER A 6 27.04 -3.49 -2.75
C SER A 6 25.78 -3.21 -1.93
N GLY A 7 24.68 -3.85 -2.32
CA GLY A 7 23.42 -3.66 -1.62
C GLY A 7 22.40 -2.91 -2.45
N MET A 8 22.11 -3.43 -3.64
CA MET A 8 21.15 -2.81 -4.53
C MET A 8 20.12 -3.83 -5.02
N GLU A 9 19.68 -4.70 -4.12
CA GLU A 9 18.71 -5.73 -4.47
C GLU A 9 17.33 -5.37 -3.94
N SER A 10 16.31 -6.12 -4.35
CA SER A 10 14.95 -5.87 -3.93
C SER A 10 14.90 -5.46 -2.46
N ARG A 11 14.52 -4.22 -2.21
CA ARG A 11 14.43 -3.70 -0.85
C ARG A 11 12.98 -3.41 -0.47
N CYS A 12 12.79 -2.85 0.72
CA CYS A 12 11.45 -2.52 1.21
C CYS A 12 11.08 -1.09 0.84
N TYR A 13 9.81 -0.88 0.52
CA TYR A 13 9.32 0.44 0.16
C TYR A 13 8.84 1.21 1.38
N GLY A 14 9.41 0.89 2.54
CA GLY A 14 9.04 1.56 3.77
C GLY A 14 10.23 1.90 4.63
N CYS A 15 11.16 0.97 4.74
CA CYS A 15 12.36 1.18 5.55
C CYS A 15 13.62 1.03 4.70
N ALA A 16 13.44 0.55 3.48
CA ALA A 16 14.57 0.36 2.56
C ALA A 16 15.44 -0.81 3.01
N VAL A 17 14.84 -1.77 3.70
CA VAL A 17 15.57 -2.94 4.19
C VAL A 17 15.66 -4.01 3.10
N LYS A 18 16.83 -4.61 2.98
CA LYS A 18 17.06 -5.66 1.99
C LYS A 18 16.34 -6.95 2.38
N PHE A 19 15.49 -7.45 1.49
CA PHE A 19 14.75 -8.67 1.75
C PHE A 19 15.69 -9.87 1.83
N THR A 20 15.89 -10.38 3.04
CA THR A 20 16.77 -11.52 3.25
C THR A 20 16.04 -12.63 4.01
N LEU A 21 16.69 -13.79 4.11
CA LEU A 21 16.11 -14.93 4.83
C LEU A 21 15.28 -14.46 6.02
N PHE A 22 15.92 -13.72 6.92
CA PHE A 22 15.24 -13.21 8.10
C PHE A 22 14.16 -12.20 7.72
N LYS A 23 14.48 -11.32 6.79
CA LYS A 23 13.55 -10.31 6.34
C LYS A 23 12.94 -10.68 4.98
N LYS A 24 11.92 -11.55 5.02
CA LYS A 24 11.26 -11.99 3.81
C LYS A 24 10.69 -10.80 3.03
N GLU A 25 10.16 -11.08 1.84
CA GLU A 25 9.60 -10.03 1.00
C GLU A 25 8.08 -10.15 0.94
N TYR A 26 7.39 -9.03 1.16
CA TYR A 26 5.94 -9.00 1.15
C TYR A 26 5.43 -8.04 0.08
N GLY A 27 4.16 -8.19 -0.28
CA GLY A 27 3.57 -7.33 -1.29
C GLY A 27 2.26 -6.71 -0.83
N CYS A 28 2.03 -5.47 -1.23
CA CYS A 28 0.81 -4.76 -0.84
C CYS A 28 -0.29 -4.97 -1.89
N LYS A 29 -1.53 -4.63 -1.52
CA LYS A 29 -2.66 -4.77 -2.43
C LYS A 29 -3.13 -3.42 -2.93
N ASN A 30 -3.20 -2.44 -2.02
CA ASN A 30 -3.63 -1.10 -2.38
C ASN A 30 -2.62 -0.42 -3.30
N CYS A 31 -1.50 0.00 -2.74
CA CYS A 31 -0.45 0.65 -3.52
C CYS A 31 0.24 -0.34 -4.46
N GLY A 32 0.36 -1.58 -4.02
CA GLY A 32 1.00 -2.59 -4.83
C GLY A 32 2.50 -2.46 -4.87
N ARG A 33 3.10 -2.23 -3.69
CA ARG A 33 4.54 -2.09 -3.60
C ARG A 33 5.16 -3.20 -2.75
N ALA A 34 6.48 -3.30 -2.77
CA ALA A 34 7.19 -4.32 -2.00
C ALA A 34 7.49 -3.83 -0.59
N PHE A 35 7.12 -4.63 0.40
CA PHE A 35 7.36 -4.28 1.80
C PHE A 35 7.87 -5.48 2.59
N CYS A 36 8.49 -5.21 3.73
CA CYS A 36 9.03 -6.27 4.58
C CYS A 36 8.03 -6.64 5.67
N ASN A 37 7.94 -7.93 5.98
CA ASN A 37 7.02 -8.41 7.01
C ASN A 37 6.85 -7.38 8.11
N GLY A 38 7.94 -6.67 8.43
CA GLY A 38 7.87 -5.66 9.47
C GLY A 38 6.97 -4.50 9.10
N CYS A 39 7.14 -3.98 7.89
CA CYS A 39 6.34 -2.86 7.42
C CYS A 39 4.96 -3.34 6.96
N LEU A 40 4.94 -4.48 6.28
CA LEU A 40 3.70 -5.04 5.77
C LEU A 40 3.03 -5.93 6.83
N SER A 41 2.82 -5.36 8.02
CA SER A 41 2.20 -6.08 9.12
C SER A 41 0.84 -5.48 9.47
N PHE A 42 0.18 -4.90 8.46
CA PHE A 42 -1.12 -4.28 8.67
C PHE A 42 -2.13 -4.79 7.65
N SER A 43 -3.41 -4.59 7.94
CA SER A 43 -4.48 -5.04 7.04
C SER A 43 -5.57 -3.98 6.93
N ALA A 44 -6.20 -3.90 5.76
CA ALA A 44 -7.26 -2.93 5.53
C ALA A 44 -7.98 -3.23 4.21
N LEU A 45 -9.25 -2.82 4.14
CA LEU A 45 -10.05 -3.04 2.94
C LEU A 45 -9.42 -2.36 1.73
N VAL A 46 -9.10 -3.16 0.71
CA VAL A 46 -8.50 -2.63 -0.50
C VAL A 46 -9.52 -2.51 -1.62
N PRO A 47 -9.65 -1.30 -2.19
CA PRO A 47 -10.59 -1.03 -3.28
C PRO A 47 -10.18 -1.70 -4.58
N ARG A 48 -9.10 -2.47 -4.53
CA ARG A 48 -8.60 -3.17 -5.71
C ARG A 48 -8.95 -4.65 -5.65
N ALA A 49 -8.97 -5.20 -4.45
CA ALA A 49 -9.30 -6.62 -4.25
C ALA A 49 -10.76 -6.79 -3.84
N GLY A 50 -11.62 -5.92 -4.35
CA GLY A 50 -13.03 -5.99 -4.01
C GLY A 50 -13.31 -5.59 -2.59
N ASN A 51 -12.59 -4.58 -2.10
CA ASN A 51 -12.77 -4.10 -0.74
C ASN A 51 -12.60 -5.24 0.27
N THR A 52 -11.46 -5.93 0.18
CA THR A 52 -11.17 -7.03 1.09
C THR A 52 -10.03 -6.69 2.03
N GLN A 53 -10.21 -7.01 3.31
CA GLN A 53 -9.18 -6.74 4.31
C GLN A 53 -7.91 -7.53 4.02
N GLN A 54 -7.11 -7.03 3.08
CA GLN A 54 -5.86 -7.70 2.71
C GLN A 54 -4.67 -7.06 3.41
N LYS A 55 -3.56 -7.77 3.45
CA LYS A 55 -2.35 -7.28 4.10
C LYS A 55 -1.78 -6.08 3.33
N VAL A 56 -1.80 -4.92 3.97
CA VAL A 56 -1.28 -3.71 3.36
C VAL A 56 -0.16 -3.10 4.19
N CYS A 57 0.62 -2.22 3.58
CA CYS A 57 1.73 -1.56 4.27
C CYS A 57 1.21 -0.46 5.19
N LYS A 58 1.98 -0.16 6.23
CA LYS A 58 1.61 0.87 7.19
C LYS A 58 0.87 2.01 6.51
N GLN A 59 1.57 2.73 5.64
CA GLN A 59 0.97 3.85 4.91
C GLN A 59 -0.45 3.52 4.48
N CYS A 60 -0.58 2.67 3.46
CA CYS A 60 -1.89 2.28 2.96
C CYS A 60 -2.86 2.01 4.10
N HIS A 61 -2.45 1.15 5.02
CA HIS A 61 -3.29 0.81 6.17
C HIS A 61 -3.85 2.07 6.84
N THR A 62 -3.06 3.14 6.80
CA THR A 62 -3.47 4.40 7.40
C THR A 62 -4.25 5.26 6.39
N ILE A 63 -3.85 5.18 5.13
CA ILE A 63 -4.50 5.95 4.07
C ILE A 63 -5.94 5.48 3.86
N LEU A 64 -6.15 4.17 3.98
CA LEU A 64 -7.47 3.59 3.80
C LEU A 64 -8.33 3.82 5.04
N THR A 65 -7.68 4.18 6.15
CA THR A 65 -8.39 4.42 7.40
C THR A 65 -8.53 5.92 7.66
N ARG A 66 -7.66 6.71 7.05
CA ARG A 66 -7.68 8.15 7.22
C ARG A 66 -8.83 8.77 6.43
N GLY A 67 -9.16 8.15 5.29
CA GLY A 67 -10.23 8.67 4.45
C GLY A 67 -11.37 7.68 4.31
N SER A 68 -11.53 7.14 3.10
CA SER A 68 -12.59 6.18 2.83
C SER A 68 -12.35 5.46 1.51
N SER A 69 -12.89 4.26 1.39
CA SER A 69 -12.72 3.45 0.17
C SER A 69 -14.03 3.40 -0.61
N ASP A 70 -13.91 3.42 -1.93
CA ASP A 70 -15.07 3.37 -2.80
C ASP A 70 -16.02 2.25 -2.39
N ASN A 71 -17.31 2.45 -2.63
CA ASN A 71 -18.32 1.45 -2.27
C ASN A 71 -18.92 0.82 -3.52
N ALA A 72 -18.22 -0.15 -4.08
CA ALA A 72 -18.69 -0.84 -5.28
C ALA A 72 -18.77 -2.35 -5.06
N SER A 73 -19.89 -2.81 -4.53
CA SER A 73 -20.08 -4.23 -4.28
C SER A 73 -21.56 -4.54 -4.03
N LYS A 74 -21.88 -5.84 -3.91
CA LYS A 74 -23.24 -6.27 -3.67
C LYS A 74 -23.49 -6.52 -2.19
N TRP A 75 -24.09 -5.53 -1.53
CA TRP A 75 -24.38 -5.64 -0.10
C TRP A 75 -25.77 -5.08 0.21
N SER A 76 -26.65 -5.96 0.67
CA SER A 76 -28.02 -5.56 1.01
C SER A 76 -28.15 -5.27 2.51
N PRO A 77 -28.95 -4.25 2.84
CA PRO A 77 -29.18 -3.85 4.23
C PRO A 77 -30.00 -4.87 5.01
N PRO A 78 -29.74 -4.98 6.31
CA PRO A 78 -30.44 -5.91 7.20
C PRO A 78 -31.90 -5.52 7.41
N GLN A 79 -32.62 -6.33 8.18
CA GLN A 79 -34.03 -6.06 8.47
C GLN A 79 -34.25 -4.58 8.75
N ASN A 80 -33.46 -4.02 9.66
CA ASN A 80 -33.57 -2.62 10.01
C ASN A 80 -32.30 -2.12 10.70
N TYR A 81 -31.83 -0.95 10.29
CA TYR A 81 -30.62 -0.36 10.85
C TYR A 81 -30.68 1.16 10.82
N LYS A 82 -30.57 1.77 11.99
CA LYS A 82 -30.62 3.22 12.12
C LYS A 82 -29.23 3.82 11.95
N SER A 83 -29.04 4.58 10.88
CA SER A 83 -27.74 5.21 10.61
C SER A 83 -27.93 6.46 9.74
N GLY A 84 -26.82 7.16 9.50
CA GLY A 84 -26.88 8.37 8.70
C GLY A 84 -26.82 8.07 7.21
N PRO A 85 -27.56 8.85 6.42
CA PRO A 85 -27.60 8.69 4.96
C PRO A 85 -26.29 9.07 4.29
N SER A 86 -25.95 8.35 3.22
CA SER A 86 -24.71 8.62 2.49
C SER A 86 -24.97 8.66 0.98
N SER A 87 -24.60 9.77 0.36
CA SER A 87 -24.79 9.93 -1.08
C SER A 87 -24.22 8.75 -1.85
N GLY A 88 -24.63 8.61 -3.11
CA GLY A 88 -24.15 7.51 -3.92
C GLY A 88 -25.14 7.13 -5.01
N GLY A 1 41.87 -1.01 -3.95
CA GLY A 1 40.63 -0.52 -4.55
C GLY A 1 39.69 -1.65 -4.93
N SER A 2 38.99 -2.19 -3.94
CA SER A 2 38.05 -3.29 -4.17
C SER A 2 36.65 -2.91 -3.68
N SER A 3 35.81 -2.44 -4.60
CA SER A 3 34.46 -2.06 -4.26
C SER A 3 33.68 -3.23 -3.66
N GLY A 4 32.46 -2.96 -3.22
CA GLY A 4 31.64 -4.00 -2.63
C GLY A 4 31.31 -5.11 -3.60
N SER A 5 31.03 -6.29 -3.08
CA SER A 5 30.71 -7.45 -3.91
C SER A 5 29.35 -7.26 -4.59
N SER A 6 28.33 -7.03 -3.77
CA SER A 6 26.97 -6.84 -4.29
C SER A 6 26.28 -5.68 -3.58
N GLY A 7 25.32 -5.06 -4.26
CA GLY A 7 24.59 -3.95 -3.69
C GLY A 7 23.22 -4.34 -3.19
N MET A 8 22.18 -3.80 -3.83
CA MET A 8 20.81 -4.10 -3.46
C MET A 8 19.88 -4.02 -4.67
N GLU A 9 18.93 -4.94 -4.74
CA GLU A 9 17.98 -4.97 -5.85
C GLU A 9 16.54 -4.85 -5.34
N SER A 10 16.12 -5.81 -4.52
CA SER A 10 14.77 -5.81 -3.97
C SER A 10 14.78 -5.39 -2.50
N ARG A 11 14.34 -4.17 -2.24
CA ARG A 11 14.29 -3.65 -0.88
C ARG A 11 12.86 -3.34 -0.46
N CYS A 12 12.71 -2.77 0.74
CA CYS A 12 11.39 -2.43 1.26
C CYS A 12 11.02 -0.99 0.90
N TYR A 13 9.75 -0.78 0.60
CA TYR A 13 9.27 0.55 0.23
C TYR A 13 8.83 1.32 1.47
N GLY A 14 9.40 0.98 2.61
CA GLY A 14 9.06 1.65 3.85
C GLY A 14 10.27 1.99 4.70
N CYS A 15 11.23 1.06 4.74
CA CYS A 15 12.45 1.27 5.50
C CYS A 15 13.68 1.07 4.62
N ALA A 16 13.48 0.56 3.42
CA ALA A 16 14.57 0.33 2.48
C ALA A 16 15.44 -0.84 2.95
N VAL A 17 14.84 -1.76 3.68
CA VAL A 17 15.57 -2.93 4.19
C VAL A 17 15.62 -4.04 3.14
N LYS A 18 16.82 -4.52 2.87
CA LYS A 18 17.01 -5.59 1.88
C LYS A 18 16.32 -6.87 2.34
N PHE A 19 15.60 -7.51 1.41
CA PHE A 19 14.89 -8.74 1.72
C PHE A 19 15.86 -9.92 1.74
N THR A 20 15.84 -10.68 2.84
CA THR A 20 16.70 -11.84 3.00
C THR A 20 15.99 -12.95 3.75
N LEU A 21 16.65 -14.10 3.85
CA LEU A 21 16.09 -15.25 4.54
C LEU A 21 15.31 -14.82 5.78
N PHE A 22 15.98 -14.06 6.65
CA PHE A 22 15.35 -13.57 7.88
C PHE A 22 14.27 -12.54 7.57
N LYS A 23 14.62 -11.58 6.70
CA LYS A 23 13.69 -10.53 6.32
C LYS A 23 13.02 -10.86 4.99
N LYS A 24 11.99 -11.70 5.04
CA LYS A 24 11.25 -12.09 3.84
C LYS A 24 10.72 -10.86 3.10
N GLU A 25 10.17 -11.09 1.92
CA GLU A 25 9.61 -10.01 1.12
C GLU A 25 8.10 -10.11 1.04
N TYR A 26 7.42 -9.00 1.32
CA TYR A 26 5.96 -8.97 1.29
C TYR A 26 5.47 -8.00 0.22
N GLY A 27 4.20 -8.15 -0.16
CA GLY A 27 3.62 -7.28 -1.18
C GLY A 27 2.31 -6.66 -0.73
N CYS A 28 2.07 -5.42 -1.16
CA CYS A 28 0.85 -4.72 -0.79
C CYS A 28 -0.24 -4.93 -1.85
N LYS A 29 -1.47 -4.59 -1.50
CA LYS A 29 -2.59 -4.74 -2.42
C LYS A 29 -3.08 -3.39 -2.92
N ASN A 30 -3.14 -2.42 -2.01
CA ASN A 30 -3.59 -1.07 -2.36
C ASN A 30 -2.59 -0.39 -3.29
N CYS A 31 -1.46 0.03 -2.72
CA CYS A 31 -0.42 0.70 -3.49
C CYS A 31 0.27 -0.28 -4.44
N GLY A 32 0.40 -1.53 -4.00
CA GLY A 32 1.03 -2.54 -4.82
C GLY A 32 2.54 -2.41 -4.83
N ARG A 33 3.13 -2.18 -3.66
CA ARG A 33 4.58 -2.02 -3.55
C ARG A 33 5.18 -3.15 -2.71
N ALA A 34 6.51 -3.21 -2.68
CA ALA A 34 7.20 -4.23 -1.91
C ALA A 34 7.51 -3.75 -0.50
N PHE A 35 7.13 -4.54 0.49
CA PHE A 35 7.35 -4.20 1.88
C PHE A 35 7.85 -5.41 2.68
N CYS A 36 8.47 -5.14 3.83
CA CYS A 36 8.99 -6.20 4.68
C CYS A 36 7.99 -6.56 5.77
N ASN A 37 7.90 -7.86 6.07
CA ASN A 37 6.98 -8.34 7.10
C ASN A 37 6.80 -7.30 8.19
N GLY A 38 7.88 -6.59 8.52
CA GLY A 38 7.83 -5.57 9.55
C GLY A 38 6.91 -4.42 9.17
N CYS A 39 7.11 -3.87 7.98
CA CYS A 39 6.31 -2.76 7.50
C CYS A 39 4.94 -3.23 7.02
N LEU A 40 4.92 -4.40 6.37
CA LEU A 40 3.69 -4.96 5.86
C LEU A 40 3.01 -5.84 6.92
N SER A 41 2.78 -5.26 8.10
CA SER A 41 2.14 -5.98 9.19
C SER A 41 0.78 -5.38 9.51
N PHE A 42 0.12 -4.85 8.49
CA PHE A 42 -1.20 -4.25 8.66
C PHE A 42 -2.17 -4.76 7.61
N SER A 43 -3.47 -4.65 7.89
CA SER A 43 -4.50 -5.11 6.98
C SER A 43 -5.64 -4.08 6.89
N ALA A 44 -6.11 -3.83 5.68
CA ALA A 44 -7.19 -2.89 5.45
C ALA A 44 -7.93 -3.19 4.16
N LEU A 45 -9.22 -2.86 4.12
CA LEU A 45 -10.04 -3.10 2.94
C LEU A 45 -9.44 -2.43 1.71
N VAL A 46 -9.11 -3.22 0.70
CA VAL A 46 -8.53 -2.69 -0.53
C VAL A 46 -9.57 -2.63 -1.64
N PRO A 47 -9.77 -1.43 -2.21
CA PRO A 47 -10.73 -1.22 -3.29
C PRO A 47 -10.29 -1.88 -4.60
N ARG A 48 -9.15 -2.55 -4.56
CA ARG A 48 -8.62 -3.23 -5.74
C ARG A 48 -8.89 -4.72 -5.68
N ALA A 49 -8.93 -5.26 -4.47
CA ALA A 49 -9.18 -6.69 -4.27
C ALA A 49 -10.64 -6.94 -3.89
N GLY A 50 -11.53 -6.05 -4.34
CA GLY A 50 -12.94 -6.19 -4.03
C GLY A 50 -13.26 -5.78 -2.62
N ASN A 51 -12.66 -4.70 -2.16
CA ASN A 51 -12.89 -4.20 -0.81
C ASN A 51 -12.71 -5.31 0.22
N THR A 52 -11.56 -5.99 0.16
CA THR A 52 -11.27 -7.08 1.08
C THR A 52 -10.09 -6.73 1.98
N GLN A 53 -10.22 -7.06 3.26
CA GLN A 53 -9.17 -6.78 4.23
C GLN A 53 -7.91 -7.58 3.92
N GLN A 54 -7.00 -6.98 3.14
CA GLN A 54 -5.76 -7.65 2.77
C GLN A 54 -4.57 -7.02 3.49
N LYS A 55 -3.46 -7.75 3.53
CA LYS A 55 -2.25 -7.26 4.18
C LYS A 55 -1.65 -6.08 3.42
N VAL A 56 -1.80 -4.89 3.99
CA VAL A 56 -1.27 -3.69 3.37
C VAL A 56 -0.16 -3.07 4.22
N CYS A 57 0.61 -2.18 3.61
CA CYS A 57 1.71 -1.52 4.30
C CYS A 57 1.19 -0.42 5.23
N LYS A 58 1.95 -0.12 6.28
CA LYS A 58 1.57 0.91 7.23
C LYS A 58 0.83 2.05 6.53
N GLN A 59 1.55 2.77 5.67
CA GLN A 59 0.96 3.89 4.95
C GLN A 59 -0.46 3.57 4.50
N CYS A 60 -0.59 2.72 3.50
CA CYS A 60 -1.88 2.33 2.98
C CYS A 60 -2.87 2.07 4.11
N HIS A 61 -2.47 1.21 5.06
CA HIS A 61 -3.31 0.88 6.20
C HIS A 61 -3.88 2.14 6.84
N THR A 62 -3.12 3.22 6.79
CA THR A 62 -3.55 4.49 7.37
C THR A 62 -4.30 5.33 6.34
N ILE A 63 -3.86 5.26 5.09
CA ILE A 63 -4.49 6.01 4.02
C ILE A 63 -5.92 5.55 3.78
N LEU A 64 -6.14 4.24 3.95
CA LEU A 64 -7.47 3.67 3.75
C LEU A 64 -8.35 3.89 4.97
N THR A 65 -7.72 4.23 6.10
CA THR A 65 -8.45 4.49 7.34
C THR A 65 -8.57 5.97 7.61
N ARG A 66 -7.73 6.77 6.94
CA ARG A 66 -7.75 8.22 7.11
C ARG A 66 -8.87 8.85 6.29
N GLY A 67 -9.19 8.23 5.16
CA GLY A 67 -10.24 8.75 4.30
C GLY A 67 -11.47 7.85 4.28
N SER A 68 -11.63 7.12 3.19
CA SER A 68 -12.78 6.22 3.05
C SER A 68 -14.01 6.80 3.72
N SER A 69 -14.21 8.10 3.53
CA SER A 69 -15.36 8.79 4.12
C SER A 69 -16.45 9.03 3.08
N ASP A 70 -17.53 8.25 3.16
CA ASP A 70 -18.63 8.37 2.22
C ASP A 70 -19.07 9.83 2.09
N ASN A 71 -19.09 10.32 0.85
CA ASN A 71 -19.49 11.69 0.59
C ASN A 71 -19.86 11.87 -0.88
N ALA A 72 -20.51 12.99 -1.19
CA ALA A 72 -20.92 13.29 -2.56
C ALA A 72 -20.06 14.40 -3.16
N SER A 73 -20.16 14.58 -4.47
CA SER A 73 -19.39 15.60 -5.17
C SER A 73 -20.12 16.94 -5.13
N LYS A 74 -20.16 17.55 -3.95
CA LYS A 74 -20.81 18.85 -3.78
C LYS A 74 -20.47 19.46 -2.43
N TRP A 75 -20.13 20.74 -2.43
CA TRP A 75 -19.77 21.44 -1.20
C TRP A 75 -19.73 22.95 -1.44
N SER A 76 -20.51 23.68 -0.66
CA SER A 76 -20.56 25.14 -0.79
C SER A 76 -20.23 25.80 0.54
N PRO A 77 -19.46 26.90 0.47
CA PRO A 77 -19.06 27.66 1.66
C PRO A 77 -20.22 28.40 2.31
N PRO A 78 -20.09 28.69 3.62
CA PRO A 78 -21.13 29.39 4.38
C PRO A 78 -21.25 30.85 3.97
N GLN A 79 -20.69 31.19 2.81
CA GLN A 79 -20.74 32.56 2.31
C GLN A 79 -19.90 33.49 3.17
N ASN A 80 -18.71 33.03 3.55
CA ASN A 80 -17.81 33.82 4.38
C ASN A 80 -16.46 33.99 3.70
N TYR A 81 -15.94 32.91 3.14
CA TYR A 81 -14.65 32.94 2.46
C TYR A 81 -14.77 33.60 1.10
N LYS A 82 -13.64 34.07 0.57
CA LYS A 82 -13.62 34.73 -0.74
C LYS A 82 -13.16 33.75 -1.83
N SER A 83 -14.09 33.42 -2.73
CA SER A 83 -13.78 32.50 -3.82
C SER A 83 -12.63 33.04 -4.67
N GLY A 84 -12.10 32.17 -5.53
CA GLY A 84 -10.99 32.56 -6.39
C GLY A 84 -10.00 31.44 -6.60
N PRO A 85 -10.23 30.64 -7.65
CA PRO A 85 -9.34 29.51 -7.99
C PRO A 85 -7.99 29.97 -8.51
N SER A 86 -7.79 31.28 -8.54
CA SER A 86 -6.54 31.85 -9.03
C SER A 86 -5.89 32.74 -7.98
N SER A 87 -4.90 32.19 -7.28
CA SER A 87 -4.20 32.93 -6.23
C SER A 87 -2.69 32.93 -6.49
N GLY A 88 -2.15 34.10 -6.78
CA GLY A 88 -0.73 34.22 -7.03
C GLY A 88 -0.42 34.72 -8.43
N GLY A 1 36.10 -10.65 -11.72
CA GLY A 1 35.68 -10.59 -10.33
C GLY A 1 35.63 -11.95 -9.69
N SER A 2 36.48 -12.17 -8.69
CA SER A 2 36.52 -13.45 -7.99
C SER A 2 35.30 -13.63 -7.10
N SER A 3 35.02 -12.61 -6.28
CA SER A 3 33.89 -12.65 -5.37
C SER A 3 33.39 -11.24 -5.06
N GLY A 4 32.07 -11.06 -5.10
CA GLY A 4 31.50 -9.75 -4.82
C GLY A 4 30.10 -9.86 -4.22
N SER A 5 29.75 -8.88 -3.40
CA SER A 5 28.44 -8.87 -2.76
C SER A 5 27.33 -8.74 -3.79
N SER A 6 26.33 -9.60 -3.69
CA SER A 6 25.20 -9.59 -4.61
C SER A 6 24.78 -8.15 -4.93
N GLY A 7 24.38 -7.42 -3.91
CA GLY A 7 23.96 -6.04 -4.10
C GLY A 7 22.56 -5.78 -3.58
N MET A 8 21.94 -4.69 -4.03
CA MET A 8 20.60 -4.34 -3.61
C MET A 8 19.65 -4.28 -4.81
N GLU A 9 18.75 -5.25 -4.89
CA GLU A 9 17.79 -5.30 -5.99
C GLU A 9 16.35 -5.21 -5.46
N SER A 10 16.00 -6.09 -4.54
CA SER A 10 14.67 -6.10 -3.96
C SER A 10 14.70 -5.67 -2.50
N ARG A 11 14.27 -4.43 -2.25
CA ARG A 11 14.26 -3.89 -0.90
C ARG A 11 12.84 -3.55 -0.47
N CYS A 12 12.70 -2.97 0.72
CA CYS A 12 11.40 -2.59 1.25
C CYS A 12 11.06 -1.15 0.88
N TYR A 13 9.78 -0.91 0.59
CA TYR A 13 9.34 0.43 0.22
C TYR A 13 8.91 1.23 1.46
N GLY A 14 9.49 0.86 2.60
CA GLY A 14 9.17 1.56 3.84
C GLY A 14 10.40 1.86 4.67
N CYS A 15 11.33 0.92 4.71
CA CYS A 15 12.56 1.08 5.48
C CYS A 15 13.79 0.91 4.58
N ALA A 16 13.56 0.40 3.37
CA ALA A 16 14.64 0.19 2.42
C ALA A 16 15.51 -1.00 2.84
N VAL A 17 14.90 -1.93 3.57
CA VAL A 17 15.63 -3.12 4.03
C VAL A 17 15.68 -4.18 2.95
N LYS A 18 16.84 -4.81 2.79
CA LYS A 18 17.03 -5.85 1.80
C LYS A 18 16.34 -7.15 2.23
N PHE A 19 15.43 -7.64 1.40
CA PHE A 19 14.71 -8.87 1.70
C PHE A 19 15.66 -10.07 1.72
N THR A 20 16.02 -10.51 2.92
CA THR A 20 16.92 -11.64 3.08
C THR A 20 16.27 -12.74 3.91
N LEU A 21 16.96 -13.88 4.01
CA LEU A 21 16.45 -15.01 4.78
C LEU A 21 15.70 -14.54 6.02
N PHE A 22 16.33 -13.66 6.79
CA PHE A 22 15.72 -13.13 8.00
C PHE A 22 14.54 -12.23 7.67
N LYS A 23 14.74 -11.34 6.70
CA LYS A 23 13.69 -10.41 6.28
C LYS A 23 13.04 -10.89 4.99
N LYS A 24 11.81 -11.40 5.12
CA LYS A 24 11.07 -11.89 3.96
C LYS A 24 10.53 -10.73 3.14
N GLU A 25 10.07 -11.04 1.92
CA GLU A 25 9.52 -10.02 1.04
C GLU A 25 8.00 -10.12 0.98
N TYR A 26 7.34 -8.99 1.17
CA TYR A 26 5.88 -8.94 1.15
C TYR A 26 5.38 -7.95 0.09
N GLY A 27 4.11 -8.07 -0.27
CA GLY A 27 3.54 -7.20 -1.27
C GLY A 27 2.24 -6.57 -0.81
N CYS A 28 1.99 -5.34 -1.24
CA CYS A 28 0.77 -4.62 -0.87
C CYS A 28 -0.29 -4.75 -1.97
N LYS A 29 -1.55 -4.53 -1.59
CA LYS A 29 -2.65 -4.62 -2.53
C LYS A 29 -3.08 -3.24 -3.00
N ASN A 30 -3.18 -2.31 -2.05
CA ASN A 30 -3.58 -0.94 -2.36
C ASN A 30 -2.56 -0.26 -3.26
N CYS A 31 -1.43 0.12 -2.68
CA CYS A 31 -0.37 0.78 -3.42
C CYS A 31 0.32 -0.20 -4.39
N GLY A 32 0.45 -1.45 -3.95
CA GLY A 32 1.08 -2.46 -4.78
C GLY A 32 2.59 -2.35 -4.79
N ARG A 33 3.18 -2.15 -3.61
CA ARG A 33 4.62 -2.02 -3.48
C ARG A 33 5.20 -3.15 -2.63
N ALA A 34 6.51 -3.31 -2.69
CA ALA A 34 7.19 -4.35 -1.93
C ALA A 34 7.54 -3.86 -0.51
N PHE A 35 7.10 -4.61 0.49
CA PHE A 35 7.36 -4.26 1.88
C PHE A 35 7.86 -5.47 2.67
N CYS A 36 8.47 -5.20 3.82
CA CYS A 36 9.00 -6.27 4.66
C CYS A 36 8.01 -6.63 5.76
N ASN A 37 7.91 -7.92 6.06
CA ASN A 37 6.99 -8.41 7.09
C ASN A 37 6.83 -7.37 8.19
N GLY A 38 7.92 -6.67 8.50
CA GLY A 38 7.88 -5.67 9.55
C GLY A 38 6.99 -4.49 9.20
N CYS A 39 7.15 -3.97 7.99
CA CYS A 39 6.35 -2.83 7.53
C CYS A 39 4.97 -3.30 7.06
N LEU A 40 4.94 -4.44 6.38
CA LEU A 40 3.69 -5.00 5.88
C LEU A 40 3.03 -5.89 6.93
N SER A 41 2.72 -5.30 8.08
CA SER A 41 2.09 -6.03 9.17
C SER A 41 0.72 -5.45 9.50
N PHE A 42 0.08 -4.88 8.49
CA PHE A 42 -1.25 -4.27 8.66
C PHE A 42 -2.23 -4.81 7.62
N SER A 43 -3.52 -4.66 7.90
CA SER A 43 -4.56 -5.11 6.99
C SER A 43 -5.69 -4.10 6.91
N ALA A 44 -6.19 -3.88 5.69
CA ALA A 44 -7.28 -2.93 5.47
C ALA A 44 -8.03 -3.25 4.18
N LEU A 45 -9.32 -2.94 4.16
CA LEU A 45 -10.15 -3.19 2.99
C LEU A 45 -9.58 -2.50 1.75
N VAL A 46 -9.21 -3.30 0.76
CA VAL A 46 -8.64 -2.77 -0.48
C VAL A 46 -9.67 -2.79 -1.61
N PRO A 47 -9.95 -1.62 -2.19
CA PRO A 47 -10.91 -1.47 -3.28
C PRO A 47 -10.41 -2.11 -4.58
N ARG A 48 -9.10 -2.33 -4.65
CA ARG A 48 -8.51 -2.93 -5.83
C ARG A 48 -8.79 -4.43 -5.89
N ALA A 49 -8.69 -5.08 -4.74
CA ALA A 49 -8.93 -6.52 -4.66
C ALA A 49 -10.43 -6.81 -4.60
N GLY A 50 -11.19 -5.88 -4.05
CA GLY A 50 -12.62 -6.07 -3.93
C GLY A 50 -13.13 -5.82 -2.53
N ASN A 51 -12.69 -4.72 -1.92
CA ASN A 51 -13.10 -4.37 -0.57
C ASN A 51 -12.84 -5.52 0.39
N THR A 52 -11.63 -6.06 0.35
CA THR A 52 -11.25 -7.17 1.21
C THR A 52 -10.09 -6.78 2.12
N GLN A 53 -10.21 -7.09 3.40
CA GLN A 53 -9.18 -6.78 4.37
C GLN A 53 -7.88 -7.51 4.04
N GLN A 54 -7.15 -6.99 3.05
CA GLN A 54 -5.90 -7.61 2.63
C GLN A 54 -4.72 -6.98 3.37
N LYS A 55 -3.60 -7.70 3.39
CA LYS A 55 -2.39 -7.21 4.06
C LYS A 55 -1.80 -6.02 3.32
N VAL A 56 -1.85 -4.85 3.96
CA VAL A 56 -1.32 -3.64 3.36
C VAL A 56 -0.20 -3.05 4.23
N CYS A 57 0.56 -2.12 3.65
CA CYS A 57 1.66 -1.47 4.36
C CYS A 57 1.14 -0.39 5.30
N LYS A 58 1.92 -0.07 6.32
CA LYS A 58 1.54 0.96 7.29
C LYS A 58 0.79 2.09 6.60
N GLN A 59 1.51 2.83 5.74
CA GLN A 59 0.91 3.95 5.03
C GLN A 59 -0.51 3.62 4.57
N CYS A 60 -0.62 2.78 3.55
CA CYS A 60 -1.92 2.38 3.03
C CYS A 60 -2.91 2.11 4.15
N HIS A 61 -2.51 1.23 5.08
CA HIS A 61 -3.36 0.88 6.21
C HIS A 61 -3.96 2.13 6.84
N THR A 62 -3.19 3.22 6.84
CA THR A 62 -3.65 4.47 7.42
C THR A 62 -4.42 5.30 6.40
N ILE A 63 -3.91 5.36 5.17
CA ILE A 63 -4.55 6.11 4.11
C ILE A 63 -5.98 5.63 3.88
N LEU A 64 -6.17 4.32 3.91
CA LEU A 64 -7.49 3.73 3.72
C LEU A 64 -8.38 3.96 4.93
N THR A 65 -7.76 4.24 6.07
CA THR A 65 -8.49 4.49 7.31
C THR A 65 -8.58 5.98 7.60
N ARG A 66 -7.77 6.77 6.90
CA ARG A 66 -7.76 8.22 7.08
C ARG A 66 -8.70 8.90 6.10
N GLY A 67 -9.40 8.10 5.31
CA GLY A 67 -10.34 8.65 4.34
C GLY A 67 -10.96 9.94 4.80
N SER A 68 -10.46 11.06 4.29
CA SER A 68 -10.98 12.38 4.66
C SER A 68 -12.31 12.65 3.97
N SER A 69 -12.47 12.11 2.78
CA SER A 69 -13.71 12.29 2.01
C SER A 69 -14.90 11.70 2.75
N ASP A 70 -15.68 12.56 3.39
CA ASP A 70 -16.86 12.11 4.13
C ASP A 70 -18.13 12.73 3.56
N ASN A 71 -18.08 14.03 3.30
CA ASN A 71 -19.23 14.75 2.75
C ASN A 71 -19.51 14.29 1.32
N ALA A 72 -20.76 14.47 0.89
CA ALA A 72 -21.17 14.08 -0.46
C ALA A 72 -20.83 12.62 -0.73
N SER A 73 -21.07 11.78 0.26
CA SER A 73 -20.79 10.35 0.12
C SER A 73 -22.08 9.54 0.09
N LYS A 74 -22.92 9.74 1.11
CA LYS A 74 -24.19 9.03 1.20
C LYS A 74 -25.36 9.98 0.97
N TRP A 75 -25.92 9.95 -0.23
CA TRP A 75 -27.04 10.81 -0.58
C TRP A 75 -27.75 10.30 -1.84
N SER A 76 -29.05 10.53 -1.90
CA SER A 76 -29.84 10.09 -3.05
C SER A 76 -30.78 11.21 -3.53
N PRO A 77 -30.95 11.30 -4.85
CA PRO A 77 -31.81 12.32 -5.46
C PRO A 77 -33.30 12.06 -5.19
N PRO A 78 -34.08 13.14 -5.20
CA PRO A 78 -35.53 13.06 -4.96
C PRO A 78 -36.28 12.38 -6.10
N GLN A 79 -37.60 12.32 -5.99
CA GLN A 79 -38.42 11.70 -7.01
C GLN A 79 -38.47 12.55 -8.28
N ASN A 80 -38.81 13.82 -8.11
CA ASN A 80 -38.88 14.75 -9.25
C ASN A 80 -37.59 15.55 -9.38
N TYR A 81 -36.66 15.01 -10.17
CA TYR A 81 -35.37 15.68 -10.39
C TYR A 81 -35.41 16.53 -11.65
N LYS A 82 -35.88 15.94 -12.75
CA LYS A 82 -35.97 16.65 -14.02
C LYS A 82 -37.43 16.97 -14.36
N SER A 83 -38.34 16.17 -13.83
CA SER A 83 -39.76 16.37 -14.09
C SER A 83 -40.00 16.88 -15.50
N GLY A 84 -39.27 16.31 -16.46
CA GLY A 84 -39.41 16.72 -17.85
C GLY A 84 -38.81 15.71 -18.80
N PRO A 85 -39.30 15.71 -20.05
CA PRO A 85 -38.81 14.80 -21.10
C PRO A 85 -37.40 15.13 -21.55
N SER A 86 -36.47 14.22 -21.28
CA SER A 86 -35.07 14.42 -21.65
C SER A 86 -34.69 15.89 -21.55
N SER A 87 -35.13 16.54 -20.48
CA SER A 87 -34.84 17.95 -20.27
C SER A 87 -34.01 18.14 -19.01
N GLY A 88 -32.97 18.97 -19.10
CA GLY A 88 -32.11 19.23 -17.96
C GLY A 88 -30.65 18.98 -18.27
N GLY A 1 30.50 12.45 -13.89
CA GLY A 1 30.62 11.08 -13.42
C GLY A 1 29.93 10.86 -12.09
N SER A 2 28.65 10.53 -12.14
CA SER A 2 27.87 10.29 -10.92
C SER A 2 27.79 8.80 -10.61
N SER A 3 28.75 8.32 -9.83
CA SER A 3 28.79 6.91 -9.45
C SER A 3 27.87 6.64 -8.27
N GLY A 4 26.63 6.27 -8.58
CA GLY A 4 25.66 5.99 -7.53
C GLY A 4 25.75 4.55 -7.04
N SER A 5 24.92 4.22 -6.05
CA SER A 5 24.92 2.88 -5.49
C SER A 5 24.53 1.84 -6.55
N SER A 6 25.54 1.16 -7.10
CA SER A 6 25.31 0.16 -8.12
C SER A 6 25.13 -1.23 -7.49
N GLY A 7 23.90 -1.53 -7.10
CA GLY A 7 23.62 -2.82 -6.50
C GLY A 7 22.42 -2.77 -5.56
N MET A 8 21.34 -2.13 -6.00
CA MET A 8 20.14 -2.01 -5.20
C MET A 8 19.17 -3.15 -5.49
N GLU A 9 19.22 -4.19 -4.68
CA GLU A 9 18.34 -5.34 -4.85
C GLU A 9 16.95 -5.06 -4.32
N SER A 10 16.07 -6.05 -4.39
CA SER A 10 14.70 -5.91 -3.91
C SER A 10 14.67 -5.51 -2.45
N ARG A 11 14.38 -4.23 -2.18
CA ARG A 11 14.32 -3.74 -0.82
C ARG A 11 12.88 -3.41 -0.42
N CYS A 12 12.72 -2.85 0.78
CA CYS A 12 11.41 -2.48 1.28
C CYS A 12 11.04 -1.05 0.89
N TYR A 13 9.77 -0.83 0.59
CA TYR A 13 9.30 0.49 0.20
C TYR A 13 8.85 1.30 1.42
N GLY A 14 9.41 0.96 2.58
CA GLY A 14 9.05 1.66 3.80
C GLY A 14 10.26 2.00 4.64
N CYS A 15 11.21 1.08 4.73
CA CYS A 15 12.42 1.30 5.51
C CYS A 15 13.66 1.14 4.63
N ALA A 16 13.46 0.64 3.42
CA ALA A 16 14.57 0.44 2.48
C ALA A 16 15.43 -0.73 2.90
N VAL A 17 14.85 -1.68 3.63
CA VAL A 17 15.56 -2.86 4.10
C VAL A 17 15.69 -3.90 2.99
N LYS A 18 16.81 -4.63 2.99
CA LYS A 18 17.05 -5.66 1.99
C LYS A 18 16.37 -6.97 2.38
N PHE A 19 15.63 -7.54 1.44
CA PHE A 19 14.92 -8.79 1.68
C PHE A 19 15.89 -9.97 1.68
N THR A 20 15.84 -10.76 2.76
CA THR A 20 16.72 -11.92 2.89
C THR A 20 16.04 -13.04 3.66
N LEU A 21 16.67 -14.20 3.69
CA LEU A 21 16.12 -15.36 4.39
C LEU A 21 15.37 -14.92 5.65
N PHE A 22 16.04 -14.12 6.49
CA PHE A 22 15.44 -13.64 7.71
C PHE A 22 14.35 -12.60 7.43
N LYS A 23 14.70 -11.62 6.60
CA LYS A 23 13.75 -10.56 6.24
C LYS A 23 13.06 -10.88 4.92
N LYS A 24 12.03 -11.71 4.98
CA LYS A 24 11.29 -12.09 3.78
C LYS A 24 10.74 -10.86 3.07
N GLU A 25 10.17 -11.08 1.89
CA GLU A 25 9.61 -9.98 1.10
C GLU A 25 8.09 -10.08 1.04
N TYR A 26 7.42 -8.97 1.33
CA TYR A 26 5.96 -8.93 1.32
C TYR A 26 5.46 -7.97 0.24
N GLY A 27 4.19 -8.13 -0.14
CA GLY A 27 3.61 -7.27 -1.14
C GLY A 27 2.29 -6.65 -0.70
N CYS A 28 2.04 -5.43 -1.14
CA CYS A 28 0.82 -4.72 -0.78
C CYS A 28 -0.26 -4.93 -1.83
N LYS A 29 -1.50 -4.57 -1.48
CA LYS A 29 -2.63 -4.72 -2.40
C LYS A 29 -3.11 -3.36 -2.89
N ASN A 30 -3.17 -2.39 -1.98
CA ASN A 30 -3.61 -1.04 -2.32
C ASN A 30 -2.61 -0.36 -3.24
N CYS A 31 -1.47 0.05 -2.68
CA CYS A 31 -0.44 0.72 -3.45
C CYS A 31 0.24 -0.26 -4.40
N GLY A 32 0.40 -1.50 -3.96
CA GLY A 32 1.03 -2.50 -4.79
C GLY A 32 2.55 -2.38 -4.80
N ARG A 33 3.13 -2.15 -3.63
CA ARG A 33 4.58 -2.01 -3.51
C ARG A 33 5.16 -3.12 -2.65
N ALA A 34 6.49 -3.25 -2.68
CA ALA A 34 7.17 -4.27 -1.90
C ALA A 34 7.49 -3.77 -0.49
N PHE A 35 7.12 -4.55 0.52
CA PHE A 35 7.37 -4.19 1.90
C PHE A 35 7.87 -5.38 2.70
N CYS A 36 8.48 -5.10 3.85
CA CYS A 36 9.01 -6.15 4.71
C CYS A 36 8.01 -6.51 5.81
N ASN A 37 7.91 -7.80 6.11
CA ASN A 37 7.00 -8.28 7.14
C ASN A 37 6.81 -7.22 8.24
N GLY A 38 7.90 -6.53 8.56
CA GLY A 38 7.84 -5.51 9.59
C GLY A 38 6.93 -4.35 9.21
N CYS A 39 7.13 -3.83 8.01
CA CYS A 39 6.32 -2.72 7.52
C CYS A 39 4.95 -3.20 7.04
N LEU A 40 4.93 -4.37 6.40
CA LEU A 40 3.70 -4.94 5.89
C LEU A 40 3.03 -5.82 6.95
N SER A 41 2.73 -5.24 8.10
CA SER A 41 2.10 -5.97 9.19
C SER A 41 0.74 -5.37 9.52
N PHE A 42 0.06 -4.87 8.50
CA PHE A 42 -1.26 -4.27 8.69
C PHE A 42 -2.25 -4.77 7.64
N SER A 43 -3.53 -4.61 7.91
CA SER A 43 -4.57 -5.05 6.98
C SER A 43 -5.69 -4.02 6.90
N ALA A 44 -6.18 -3.79 5.68
CA ALA A 44 -7.26 -2.82 5.46
C ALA A 44 -7.98 -3.11 4.15
N LEU A 45 -9.27 -2.80 4.12
CA LEU A 45 -10.08 -3.02 2.92
C LEU A 45 -9.46 -2.35 1.70
N VAL A 46 -9.15 -3.15 0.69
CA VAL A 46 -8.55 -2.64 -0.53
C VAL A 46 -9.55 -2.61 -1.68
N PRO A 47 -9.73 -1.43 -2.28
CA PRO A 47 -10.67 -1.25 -3.40
C PRO A 47 -10.19 -1.93 -4.67
N ARG A 48 -9.08 -2.64 -4.58
CA ARG A 48 -8.52 -3.35 -5.72
C ARG A 48 -8.68 -4.86 -5.56
N ALA A 49 -8.71 -5.33 -4.32
CA ALA A 49 -8.86 -6.74 -4.02
C ALA A 49 -10.32 -7.10 -3.78
N GLY A 50 -11.22 -6.29 -4.34
CA GLY A 50 -12.65 -6.54 -4.16
C GLY A 50 -13.14 -6.13 -2.79
N ASN A 51 -12.81 -4.91 -2.38
CA ASN A 51 -13.23 -4.39 -1.08
C ASN A 51 -13.05 -5.45 0.00
N THR A 52 -11.83 -5.98 0.10
CA THR A 52 -11.53 -7.00 1.11
C THR A 52 -10.32 -6.60 1.94
N GLN A 53 -10.35 -6.97 3.23
CA GLN A 53 -9.27 -6.65 4.13
C GLN A 53 -8.04 -7.50 3.82
N GLN A 54 -7.05 -6.88 3.18
CA GLN A 54 -5.82 -7.57 2.81
C GLN A 54 -4.62 -6.96 3.52
N LYS A 55 -3.53 -7.71 3.60
CA LYS A 55 -2.31 -7.24 4.25
C LYS A 55 -1.71 -6.07 3.48
N VAL A 56 -1.84 -4.86 4.03
CA VAL A 56 -1.30 -3.67 3.40
C VAL A 56 -0.19 -3.05 4.26
N CYS A 57 0.61 -2.20 3.63
CA CYS A 57 1.71 -1.54 4.33
C CYS A 57 1.19 -0.45 5.27
N LYS A 58 1.96 -0.15 6.30
CA LYS A 58 1.58 0.88 7.27
C LYS A 58 0.85 2.03 6.58
N GLN A 59 1.56 2.75 5.73
CA GLN A 59 0.98 3.88 5.02
C GLN A 59 -0.44 3.57 4.57
N CYS A 60 -0.57 2.73 3.54
CA CYS A 60 -1.88 2.35 3.02
C CYS A 60 -2.86 2.10 4.16
N HIS A 61 -2.50 1.20 5.06
CA HIS A 61 -3.36 0.87 6.20
C HIS A 61 -3.91 2.13 6.84
N THR A 62 -3.13 3.20 6.83
CA THR A 62 -3.54 4.47 7.41
C THR A 62 -4.29 5.32 6.39
N ILE A 63 -3.84 5.27 5.14
CA ILE A 63 -4.47 6.04 4.07
C ILE A 63 -5.91 5.60 3.84
N LEU A 64 -6.14 4.29 3.93
CA LEU A 64 -7.47 3.73 3.74
C LEU A 64 -8.35 3.99 4.96
N THR A 65 -7.71 4.27 6.09
CA THR A 65 -8.43 4.54 7.33
C THR A 65 -8.55 6.04 7.58
N ARG A 66 -7.66 6.81 6.96
CA ARG A 66 -7.67 8.26 7.12
C ARG A 66 -8.79 8.90 6.32
N GLY A 67 -9.13 8.27 5.19
CA GLY A 67 -10.18 8.79 4.34
C GLY A 67 -11.42 7.89 4.33
N SER A 68 -11.60 7.17 3.23
CA SER A 68 -12.74 6.28 3.09
C SER A 68 -12.56 5.34 1.91
N SER A 69 -13.31 4.25 1.90
CA SER A 69 -13.23 3.26 0.82
C SER A 69 -14.44 3.37 -0.11
N ASP A 70 -14.25 2.99 -1.36
CA ASP A 70 -15.33 3.04 -2.34
C ASP A 70 -16.31 1.89 -2.13
N ASN A 71 -17.36 1.86 -2.96
CA ASN A 71 -18.37 0.81 -2.85
C ASN A 71 -17.77 -0.56 -3.15
N ALA A 72 -18.39 -1.60 -2.60
CA ALA A 72 -17.92 -2.97 -2.81
C ALA A 72 -18.16 -3.41 -4.25
N SER A 73 -17.61 -4.58 -4.59
CA SER A 73 -17.76 -5.12 -5.94
C SER A 73 -19.19 -5.62 -6.16
N LYS A 74 -20.08 -4.71 -6.54
CA LYS A 74 -21.47 -5.07 -6.79
C LYS A 74 -21.72 -5.28 -8.28
N TRP A 75 -22.67 -6.17 -8.59
CA TRP A 75 -23.00 -6.46 -9.98
C TRP A 75 -22.85 -5.22 -10.85
N SER A 76 -21.93 -5.27 -11.80
CA SER A 76 -21.68 -4.14 -12.69
C SER A 76 -22.51 -4.28 -13.97
N PRO A 77 -23.15 -3.17 -14.38
CA PRO A 77 -23.97 -3.14 -15.60
C PRO A 77 -23.15 -3.27 -16.87
N PRO A 78 -23.84 -3.46 -18.01
CA PRO A 78 -23.19 -3.59 -19.31
C PRO A 78 -22.58 -2.28 -19.79
N GLN A 79 -22.23 -2.23 -21.08
CA GLN A 79 -21.63 -1.04 -21.66
C GLN A 79 -22.38 0.21 -21.20
N ASN A 80 -21.80 1.38 -21.51
CA ASN A 80 -22.39 2.65 -21.12
C ASN A 80 -23.92 2.54 -21.09
N TYR A 81 -24.49 1.90 -22.10
CA TYR A 81 -25.93 1.73 -22.18
C TYR A 81 -26.65 2.99 -21.70
N LYS A 82 -26.03 4.14 -21.90
CA LYS A 82 -26.61 5.41 -21.49
C LYS A 82 -26.10 6.55 -22.38
N SER A 83 -26.60 7.75 -22.13
CA SER A 83 -26.20 8.92 -22.90
C SER A 83 -25.01 9.62 -22.26
N GLY A 84 -25.04 9.74 -20.93
CA GLY A 84 -23.95 10.38 -20.22
C GLY A 84 -23.40 9.52 -19.10
N PRO A 85 -22.49 8.60 -19.44
CA PRO A 85 -21.87 7.70 -18.47
C PRO A 85 -20.92 8.43 -17.52
N SER A 86 -20.60 7.79 -16.41
CA SER A 86 -19.71 8.37 -15.42
C SER A 86 -19.16 7.31 -14.47
N SER A 87 -17.90 7.47 -14.07
CA SER A 87 -17.25 6.52 -13.17
C SER A 87 -16.20 7.21 -12.32
N GLY A 88 -15.78 6.54 -11.26
CA GLY A 88 -14.77 7.10 -10.38
C GLY A 88 -14.13 6.06 -9.48
N GLY A 1 29.94 -4.45 2.23
CA GLY A 1 29.24 -5.14 1.17
C GLY A 1 29.90 -4.96 -0.17
N SER A 2 29.46 -3.96 -0.92
CA SER A 2 30.02 -3.68 -2.24
C SER A 2 30.97 -2.49 -2.20
N SER A 3 32.04 -2.58 -2.98
CA SER A 3 33.04 -1.50 -3.03
C SER A 3 32.70 -0.49 -4.12
N GLY A 4 32.81 0.79 -3.78
CA GLY A 4 32.51 1.83 -4.74
C GLY A 4 31.07 1.80 -5.21
N SER A 5 30.88 1.50 -6.49
CA SER A 5 29.54 1.44 -7.06
C SER A 5 28.66 0.47 -6.27
N SER A 6 27.35 0.67 -6.38
CA SER A 6 26.39 -0.18 -5.67
C SER A 6 25.17 -0.47 -6.55
N GLY A 7 24.36 -1.44 -6.12
CA GLY A 7 23.17 -1.79 -6.87
C GLY A 7 21.94 -1.92 -6.00
N MET A 8 20.94 -1.08 -6.27
CA MET A 8 19.70 -1.10 -5.49
C MET A 8 18.92 -2.37 -5.75
N GLU A 9 19.13 -3.38 -4.92
CA GLU A 9 18.44 -4.66 -5.06
C GLU A 9 17.04 -4.59 -4.44
N SER A 10 16.36 -5.74 -4.40
CA SER A 10 15.03 -5.82 -3.84
C SER A 10 15.02 -5.36 -2.38
N ARG A 11 14.43 -4.19 -2.13
CA ARG A 11 14.35 -3.64 -0.79
C ARG A 11 12.90 -3.34 -0.40
N CYS A 12 12.72 -2.78 0.80
CA CYS A 12 11.39 -2.44 1.28
C CYS A 12 11.00 -1.03 0.87
N TYR A 13 9.72 -0.81 0.64
CA TYR A 13 9.21 0.50 0.24
C TYR A 13 8.76 1.30 1.45
N GLY A 14 9.37 1.02 2.61
CA GLY A 14 9.01 1.72 3.82
C GLY A 14 10.22 2.08 4.66
N CYS A 15 11.16 1.14 4.78
CA CYS A 15 12.37 1.36 5.56
C CYS A 15 13.61 1.23 4.68
N ALA A 16 13.42 0.72 3.47
CA ALA A 16 14.52 0.53 2.53
C ALA A 16 15.39 -0.66 2.93
N VAL A 17 14.79 -1.61 3.64
CA VAL A 17 15.50 -2.80 4.08
C VAL A 17 15.54 -3.86 2.99
N LYS A 18 16.68 -4.53 2.87
CA LYS A 18 16.85 -5.58 1.86
C LYS A 18 16.23 -6.90 2.33
N PHE A 19 15.57 -7.60 1.41
CA PHE A 19 14.94 -8.87 1.74
C PHE A 19 15.94 -10.02 1.63
N THR A 20 16.01 -10.83 2.68
CA THR A 20 16.93 -11.96 2.71
C THR A 20 16.30 -13.16 3.40
N LEU A 21 17.00 -14.29 3.37
CA LEU A 21 16.51 -15.51 4.01
C LEU A 21 15.88 -15.21 5.36
N PHE A 22 16.52 -14.33 6.12
CA PHE A 22 16.03 -13.96 7.44
C PHE A 22 14.87 -12.97 7.32
N LYS A 23 15.01 -12.01 6.42
CA LYS A 23 13.97 -11.01 6.20
C LYS A 23 13.18 -11.30 4.93
N LYS A 24 12.00 -11.90 5.10
CA LYS A 24 11.15 -12.24 3.97
C LYS A 24 10.59 -10.98 3.32
N GLU A 25 10.14 -11.12 2.07
CA GLU A 25 9.58 -9.98 1.34
C GLU A 25 8.06 -10.09 1.26
N TYR A 26 7.37 -8.98 1.55
CA TYR A 26 5.92 -8.95 1.51
C TYR A 26 5.42 -8.01 0.42
N GLY A 27 4.17 -8.18 0.02
CA GLY A 27 3.59 -7.34 -1.00
C GLY A 27 2.27 -6.71 -0.58
N CYS A 28 2.03 -5.50 -1.04
CA CYS A 28 0.80 -4.79 -0.71
C CYS A 28 -0.27 -5.02 -1.76
N LYS A 29 -1.51 -4.66 -1.43
CA LYS A 29 -2.63 -4.83 -2.35
C LYS A 29 -3.11 -3.48 -2.87
N ASN A 30 -3.18 -2.50 -1.97
CA ASN A 30 -3.62 -1.16 -2.33
C ASN A 30 -2.63 -0.48 -3.27
N CYS A 31 -1.51 -0.05 -2.71
CA CYS A 31 -0.46 0.61 -3.49
C CYS A 31 0.23 -0.38 -4.43
N GLY A 32 0.38 -1.62 -3.97
CA GLY A 32 1.01 -2.64 -4.78
C GLY A 32 2.52 -2.50 -4.79
N ARG A 33 3.11 -2.28 -3.62
CA ARG A 33 4.55 -2.12 -3.51
C ARG A 33 5.14 -3.22 -2.63
N ALA A 34 6.48 -3.31 -2.61
CA ALA A 34 7.17 -4.31 -1.81
C ALA A 34 7.47 -3.79 -0.42
N PHE A 35 7.09 -4.56 0.60
CA PHE A 35 7.31 -4.18 1.98
C PHE A 35 7.81 -5.36 2.81
N CYS A 36 8.46 -5.06 3.93
CA CYS A 36 8.99 -6.10 4.80
C CYS A 36 8.01 -6.45 5.90
N ASN A 37 7.91 -7.73 6.23
CA ASN A 37 7.00 -8.20 7.27
C ASN A 37 6.82 -7.13 8.35
N GLY A 38 7.90 -6.43 8.66
CA GLY A 38 7.83 -5.39 9.67
C GLY A 38 6.91 -4.24 9.28
N CYS A 39 7.09 -3.73 8.07
CA CYS A 39 6.27 -2.63 7.57
C CYS A 39 4.91 -3.13 7.11
N LEU A 40 4.91 -4.30 6.47
CA LEU A 40 3.67 -4.89 5.97
C LEU A 40 3.01 -5.76 7.04
N SER A 41 2.68 -5.12 8.17
CA SER A 41 2.04 -5.84 9.27
C SER A 41 0.68 -5.24 9.59
N PHE A 42 -0.01 -4.76 8.56
CA PHE A 42 -1.32 -4.16 8.72
C PHE A 42 -2.30 -4.69 7.68
N SER A 43 -3.59 -4.56 7.96
CA SER A 43 -4.62 -5.03 7.06
C SER A 43 -5.75 -4.01 6.93
N ALA A 44 -6.22 -3.80 5.71
CA ALA A 44 -7.31 -2.85 5.46
C ALA A 44 -8.02 -3.17 4.15
N LEU A 45 -9.31 -2.88 4.10
CA LEU A 45 -10.12 -3.13 2.91
C LEU A 45 -9.50 -2.46 1.68
N VAL A 46 -9.17 -3.27 0.68
CA VAL A 46 -8.57 -2.75 -0.55
C VAL A 46 -9.58 -2.76 -1.70
N PRO A 47 -9.83 -1.59 -2.29
CA PRO A 47 -10.76 -1.43 -3.40
C PRO A 47 -10.24 -2.07 -4.68
N ARG A 48 -8.94 -2.33 -4.72
CA ARG A 48 -8.31 -2.94 -5.90
C ARG A 48 -8.63 -4.43 -5.96
N ALA A 49 -8.63 -5.08 -4.80
CA ALA A 49 -8.91 -6.51 -4.72
C ALA A 49 -10.41 -6.77 -4.68
N GLY A 50 -11.16 -5.83 -4.12
CA GLY A 50 -12.60 -5.98 -4.03
C GLY A 50 -13.13 -5.70 -2.64
N ASN A 51 -12.61 -4.65 -2.00
CA ASN A 51 -13.03 -4.28 -0.66
C ASN A 51 -12.80 -5.43 0.32
N THR A 52 -11.59 -5.97 0.31
CA THR A 52 -11.26 -7.09 1.20
C THR A 52 -10.09 -6.71 2.12
N GLN A 53 -10.24 -7.02 3.40
CA GLN A 53 -9.21 -6.72 4.38
C GLN A 53 -7.93 -7.50 4.07
N GLN A 54 -7.13 -6.98 3.14
CA GLN A 54 -5.89 -7.63 2.76
C GLN A 54 -4.70 -6.98 3.47
N LYS A 55 -3.61 -7.73 3.58
CA LYS A 55 -2.40 -7.23 4.23
C LYS A 55 -1.80 -6.06 3.46
N VAL A 56 -1.88 -4.87 4.04
CA VAL A 56 -1.34 -3.67 3.41
C VAL A 56 -0.24 -3.04 4.26
N CYS A 57 0.55 -2.18 3.64
CA CYS A 57 1.65 -1.51 4.34
C CYS A 57 1.11 -0.41 5.25
N LYS A 58 1.88 -0.09 6.29
CA LYS A 58 1.49 0.93 7.25
C LYS A 58 0.75 2.07 6.54
N GLN A 59 1.48 2.80 5.69
CA GLN A 59 0.89 3.90 4.96
C GLN A 59 -0.52 3.57 4.49
N CYS A 60 -0.63 2.73 3.48
CA CYS A 60 -1.93 2.33 2.96
C CYS A 60 -2.93 2.08 4.08
N HIS A 61 -2.57 1.20 5.01
CA HIS A 61 -3.43 0.89 6.14
C HIS A 61 -3.99 2.16 6.78
N THR A 62 -3.20 3.23 6.75
CA THR A 62 -3.61 4.50 7.31
C THR A 62 -4.39 5.33 6.30
N ILE A 63 -3.91 5.35 5.06
CA ILE A 63 -4.57 6.10 4.00
C ILE A 63 -6.00 5.61 3.78
N LEU A 64 -6.19 4.31 3.84
CA LEU A 64 -7.51 3.72 3.65
C LEU A 64 -8.40 3.98 4.86
N THR A 65 -7.78 4.29 6.00
CA THR A 65 -8.51 4.57 7.23
C THR A 65 -8.59 6.06 7.49
N ARG A 66 -7.73 6.83 6.82
CA ARG A 66 -7.70 8.27 6.99
C ARG A 66 -8.77 8.94 6.12
N GLY A 67 -8.94 8.42 4.90
CA GLY A 67 -9.92 8.98 3.99
C GLY A 67 -9.97 10.50 4.05
N SER A 68 -8.88 11.13 3.67
CA SER A 68 -8.80 12.59 3.68
C SER A 68 -8.99 13.17 2.28
N SER A 69 -9.19 14.48 2.21
CA SER A 69 -9.39 15.15 0.93
C SER A 69 -8.36 14.67 -0.09
N ASP A 70 -8.86 14.11 -1.19
CA ASP A 70 -7.98 13.61 -2.26
C ASP A 70 -8.71 13.61 -3.60
N ASN A 71 -7.96 13.42 -4.67
CA ASN A 71 -8.53 13.39 -6.02
C ASN A 71 -9.85 12.63 -6.02
N ALA A 72 -10.86 13.23 -6.65
CA ALA A 72 -12.18 12.60 -6.73
C ALA A 72 -12.49 12.16 -8.16
N SER A 73 -12.95 10.92 -8.30
CA SER A 73 -13.28 10.38 -9.62
C SER A 73 -14.33 9.29 -9.50
N LYS A 74 -15.22 9.22 -10.49
CA LYS A 74 -16.28 8.21 -10.50
C LYS A 74 -15.71 6.83 -10.76
N TRP A 75 -15.98 5.90 -9.86
CA TRP A 75 -15.49 4.53 -9.99
C TRP A 75 -16.58 3.53 -9.60
N SER A 76 -16.95 2.68 -10.55
CA SER A 76 -17.98 1.67 -10.31
C SER A 76 -17.36 0.28 -10.19
N PRO A 77 -18.06 -0.61 -9.46
CA PRO A 77 -17.60 -1.99 -9.25
C PRO A 77 -17.65 -2.82 -10.53
N PRO A 78 -16.59 -3.59 -10.78
CA PRO A 78 -16.50 -4.44 -11.97
C PRO A 78 -17.45 -5.63 -11.90
N GLN A 79 -17.44 -6.46 -12.95
CA GLN A 79 -18.31 -7.62 -13.00
C GLN A 79 -17.76 -8.75 -12.12
N ASN A 80 -16.45 -8.96 -12.18
CA ASN A 80 -15.81 -10.00 -11.39
C ASN A 80 -16.49 -10.16 -10.04
N TYR A 81 -16.56 -9.07 -9.28
CA TYR A 81 -17.18 -9.08 -7.97
C TYR A 81 -18.38 -10.03 -7.95
N LYS A 82 -18.60 -10.66 -6.80
CA LYS A 82 -19.72 -11.59 -6.64
C LYS A 82 -21.05 -10.91 -6.95
N SER A 83 -21.88 -11.56 -7.75
CA SER A 83 -23.18 -11.01 -8.12
C SER A 83 -24.01 -12.04 -8.89
N GLY A 84 -25.27 -11.70 -9.15
CA GLY A 84 -26.14 -12.60 -9.88
C GLY A 84 -27.61 -12.31 -9.63
N PRO A 85 -28.47 -13.31 -9.90
CA PRO A 85 -29.91 -13.18 -9.71
C PRO A 85 -30.31 -13.11 -8.25
N SER A 86 -31.60 -12.99 -7.98
CA SER A 86 -32.12 -12.92 -6.61
C SER A 86 -31.75 -11.59 -5.98
N SER A 87 -31.89 -10.51 -6.74
CA SER A 87 -31.58 -9.17 -6.24
C SER A 87 -32.83 -8.49 -5.71
N GLY A 88 -32.65 -7.66 -4.68
CA GLY A 88 -33.77 -6.96 -4.09
C GLY A 88 -34.49 -6.06 -5.08
N GLY A 1 24.39 -4.44 9.71
CA GLY A 1 24.36 -3.92 8.35
C GLY A 1 25.11 -2.62 8.22
N SER A 2 25.87 -2.48 7.13
CA SER A 2 26.66 -1.27 6.89
C SER A 2 25.91 -0.33 5.95
N SER A 3 25.66 0.89 6.42
CA SER A 3 24.96 1.89 5.64
C SER A 3 25.92 2.61 4.68
N GLY A 4 25.66 2.47 3.38
CA GLY A 4 26.50 3.10 2.39
C GLY A 4 27.05 2.13 1.38
N SER A 5 26.25 1.82 0.37
CA SER A 5 26.65 0.88 -0.68
C SER A 5 26.09 1.30 -2.03
N SER A 6 26.56 0.64 -3.09
CA SER A 6 26.11 0.95 -4.44
C SER A 6 25.09 -0.09 -4.92
N GLY A 7 24.23 0.32 -5.85
CA GLY A 7 23.22 -0.57 -6.38
C GLY A 7 21.96 -0.58 -5.54
N MET A 8 20.81 -0.73 -6.20
CA MET A 8 19.53 -0.75 -5.52
C MET A 8 18.79 -2.06 -5.78
N GLU A 9 19.03 -3.06 -4.94
CA GLU A 9 18.39 -4.36 -5.09
C GLU A 9 16.99 -4.34 -4.48
N SER A 10 16.34 -5.50 -4.49
CA SER A 10 14.99 -5.62 -3.94
C SER A 10 14.97 -5.23 -2.47
N ARG A 11 14.44 -4.04 -2.19
CA ARG A 11 14.37 -3.54 -0.82
C ARG A 11 12.92 -3.26 -0.43
N CYS A 12 12.72 -2.78 0.80
CA CYS A 12 11.39 -2.46 1.29
C CYS A 12 10.99 -1.04 0.92
N TYR A 13 9.73 -0.85 0.58
CA TYR A 13 9.21 0.46 0.20
C TYR A 13 8.78 1.24 1.44
N GLY A 14 9.37 0.92 2.58
CA GLY A 14 9.03 1.60 3.82
C GLY A 14 10.26 1.96 4.63
N CYS A 15 11.21 1.04 4.71
CA CYS A 15 12.44 1.27 5.46
C CYS A 15 13.66 1.07 4.58
N ALA A 16 13.45 0.51 3.39
CA ALA A 16 14.54 0.26 2.46
C ALA A 16 15.40 -0.90 2.90
N VAL A 17 14.81 -1.81 3.68
CA VAL A 17 15.52 -2.98 4.17
C VAL A 17 15.58 -4.07 3.11
N LYS A 18 16.80 -4.56 2.84
CA LYS A 18 17.00 -5.61 1.84
C LYS A 18 16.35 -6.91 2.30
N PHE A 19 15.59 -7.53 1.41
CA PHE A 19 14.92 -8.78 1.71
C PHE A 19 15.90 -9.95 1.67
N THR A 20 16.09 -10.60 2.80
CA THR A 20 17.00 -11.74 2.89
C THR A 20 16.36 -12.90 3.64
N LEU A 21 17.08 -14.02 3.70
CA LEU A 21 16.59 -15.21 4.39
C LEU A 21 15.89 -14.83 5.69
N PHE A 22 16.53 -13.97 6.47
CA PHE A 22 15.97 -13.52 7.74
C PHE A 22 14.81 -12.56 7.52
N LYS A 23 14.97 -11.66 6.56
CA LYS A 23 13.93 -10.68 6.24
C LYS A 23 13.20 -11.06 4.96
N LYS A 24 12.04 -11.68 5.10
CA LYS A 24 11.24 -12.09 3.96
C LYS A 24 10.68 -10.88 3.22
N GLU A 25 10.14 -11.12 2.03
CA GLU A 25 9.57 -10.05 1.22
C GLU A 25 8.05 -10.15 1.16
N TYR A 26 7.38 -9.03 1.40
CA TYR A 26 5.92 -9.00 1.38
C TYR A 26 5.40 -8.05 0.29
N GLY A 27 4.14 -8.21 -0.07
CA GLY A 27 3.55 -7.37 -1.10
C GLY A 27 2.25 -6.75 -0.65
N CYS A 28 1.98 -5.53 -1.11
CA CYS A 28 0.77 -4.81 -0.76
C CYS A 28 -0.31 -5.04 -1.81
N LYS A 29 -1.55 -4.66 -1.47
CA LYS A 29 -2.67 -4.82 -2.38
C LYS A 29 -3.15 -3.46 -2.90
N ASN A 30 -3.22 -2.49 -1.99
CA ASN A 30 -3.66 -1.15 -2.34
C ASN A 30 -2.66 -0.48 -3.28
N CYS A 31 -1.53 -0.04 -2.71
CA CYS A 31 -0.49 0.61 -3.49
C CYS A 31 0.19 -0.37 -4.45
N GLY A 32 0.33 -1.61 -3.99
CA GLY A 32 0.97 -2.64 -4.81
C GLY A 32 2.47 -2.50 -4.83
N ARG A 33 3.07 -2.28 -3.66
CA ARG A 33 4.51 -2.14 -3.55
C ARG A 33 5.09 -3.24 -2.67
N ALA A 34 6.42 -3.36 -2.69
CA ALA A 34 7.11 -4.37 -1.90
C ALA A 34 7.42 -3.85 -0.50
N PHE A 35 7.05 -4.63 0.51
CA PHE A 35 7.30 -4.24 1.90
C PHE A 35 7.80 -5.43 2.71
N CYS A 36 8.42 -5.14 3.86
CA CYS A 36 8.95 -6.18 4.73
C CYS A 36 7.96 -6.52 5.83
N ASN A 37 7.86 -7.81 6.14
CA ASN A 37 6.94 -8.28 7.18
C ASN A 37 6.78 -7.22 8.26
N GLY A 38 7.87 -6.53 8.59
CA GLY A 38 7.82 -5.50 9.61
C GLY A 38 6.90 -4.35 9.22
N CYS A 39 7.08 -3.83 8.02
CA CYS A 39 6.27 -2.73 7.53
C CYS A 39 4.90 -3.21 7.05
N LEU A 40 4.89 -4.39 6.41
CA LEU A 40 3.65 -4.97 5.91
C LEU A 40 2.99 -5.84 6.97
N SER A 41 2.68 -5.22 8.12
CA SER A 41 2.05 -5.95 9.21
C SER A 41 0.69 -5.34 9.55
N PHE A 42 0.00 -4.85 8.52
CA PHE A 42 -1.31 -4.24 8.70
C PHE A 42 -2.31 -4.75 7.65
N SER A 43 -3.59 -4.64 7.95
CA SER A 43 -4.63 -5.10 7.05
C SER A 43 -5.76 -4.07 6.95
N ALA A 44 -6.25 -3.86 5.73
CA ALA A 44 -7.32 -2.91 5.50
C ALA A 44 -8.04 -3.19 4.18
N LEU A 45 -9.33 -2.87 4.13
CA LEU A 45 -10.12 -3.09 2.93
C LEU A 45 -9.47 -2.44 1.72
N VAL A 46 -9.18 -3.25 0.71
CA VAL A 46 -8.56 -2.75 -0.52
C VAL A 46 -9.55 -2.72 -1.68
N PRO A 47 -9.73 -1.54 -2.27
CA PRO A 47 -10.66 -1.35 -3.39
C PRO A 47 -10.16 -2.02 -4.66
N ARG A 48 -8.86 -2.29 -4.72
CA ARG A 48 -8.26 -2.93 -5.88
C ARG A 48 -8.62 -4.41 -5.94
N ALA A 49 -8.66 -5.05 -4.77
CA ALA A 49 -9.00 -6.47 -4.69
C ALA A 49 -10.51 -6.67 -4.60
N GLY A 50 -11.20 -5.67 -4.08
CA GLY A 50 -12.65 -5.75 -3.95
C GLY A 50 -13.11 -5.52 -2.52
N ASN A 51 -12.70 -4.39 -1.95
CA ASN A 51 -13.08 -4.04 -0.58
C ASN A 51 -12.86 -5.23 0.35
N THR A 52 -11.65 -5.77 0.35
CA THR A 52 -11.31 -6.91 1.20
C THR A 52 -10.14 -6.58 2.12
N GLN A 53 -10.27 -6.94 3.38
CA GLN A 53 -9.22 -6.69 4.36
C GLN A 53 -7.96 -7.49 4.04
N GLN A 54 -7.13 -6.94 3.16
CA GLN A 54 -5.90 -7.62 2.77
C GLN A 54 -4.69 -6.99 3.46
N LYS A 55 -3.62 -7.76 3.57
CA LYS A 55 -2.40 -7.28 4.22
C LYS A 55 -1.79 -6.10 3.45
N VAL A 56 -1.90 -4.91 4.02
CA VAL A 56 -1.37 -3.71 3.39
C VAL A 56 -0.27 -3.08 4.23
N CYS A 57 0.56 -2.25 3.61
CA CYS A 57 1.65 -1.59 4.30
C CYS A 57 1.13 -0.50 5.23
N LYS A 58 1.89 -0.20 6.27
CA LYS A 58 1.51 0.82 7.24
C LYS A 58 0.79 1.97 6.55
N GLN A 59 1.50 2.70 5.69
CA GLN A 59 0.93 3.81 4.96
C GLN A 59 -0.49 3.51 4.51
N CYS A 60 -0.62 2.67 3.49
CA CYS A 60 -1.92 2.29 2.96
C CYS A 60 -2.92 2.05 4.09
N HIS A 61 -2.57 1.14 5.00
CA HIS A 61 -3.43 0.82 6.12
C HIS A 61 -3.99 2.09 6.77
N THR A 62 -3.19 3.15 6.74
CA THR A 62 -3.60 4.43 7.32
C THR A 62 -4.35 5.27 6.30
N ILE A 63 -3.89 5.24 5.06
CA ILE A 63 -4.51 6.00 3.99
C ILE A 63 -5.95 5.55 3.75
N LEU A 64 -6.18 4.25 3.87
CA LEU A 64 -7.50 3.69 3.67
C LEU A 64 -8.39 3.92 4.90
N THR A 65 -7.75 4.28 6.01
CA THR A 65 -8.48 4.54 7.24
C THR A 65 -8.56 6.04 7.53
N ARG A 66 -7.68 6.80 6.90
CA ARG A 66 -7.65 8.24 7.09
C ARG A 66 -8.78 8.92 6.30
N GLY A 67 -9.13 8.32 5.16
CA GLY A 67 -10.20 8.88 4.34
C GLY A 67 -11.42 7.99 4.31
N SER A 68 -11.56 7.22 3.23
CA SER A 68 -12.70 6.33 3.06
C SER A 68 -12.54 5.46 1.83
N SER A 69 -13.13 4.27 1.87
CA SER A 69 -13.04 3.34 0.75
C SER A 69 -13.58 3.97 -0.53
N ASP A 70 -12.97 3.65 -1.66
CA ASP A 70 -13.38 4.18 -2.95
C ASP A 70 -14.89 4.36 -2.99
N ASN A 71 -15.34 5.61 -2.87
CA ASN A 71 -16.77 5.91 -2.90
C ASN A 71 -17.45 5.18 -4.05
N ALA A 72 -18.19 4.12 -3.71
CA ALA A 72 -18.89 3.33 -4.72
C ALA A 72 -19.66 4.24 -5.68
N SER A 73 -20.30 5.26 -5.14
CA SER A 73 -21.07 6.20 -5.96
C SER A 73 -20.23 6.74 -7.11
N LYS A 74 -20.85 6.86 -8.28
CA LYS A 74 -20.15 7.36 -9.46
C LYS A 74 -20.56 8.80 -9.76
N TRP A 75 -19.58 9.70 -9.70
CA TRP A 75 -19.83 11.12 -9.96
C TRP A 75 -18.86 11.66 -11.00
N SER A 76 -19.38 12.45 -11.94
CA SER A 76 -18.56 13.03 -12.99
C SER A 76 -18.87 14.52 -13.16
N PRO A 77 -17.86 15.28 -13.62
CA PRO A 77 -18.00 16.71 -13.85
C PRO A 77 -18.92 17.04 -15.02
N PRO A 78 -19.33 18.30 -15.12
CA PRO A 78 -20.21 18.77 -16.20
C PRO A 78 -19.50 18.79 -17.55
N GLN A 79 -20.25 18.47 -18.61
CA GLN A 79 -19.69 18.45 -19.96
C GLN A 79 -18.87 19.71 -20.22
N ASN A 80 -19.15 20.77 -19.48
CA ASN A 80 -18.43 22.03 -19.63
C ASN A 80 -17.89 22.51 -18.28
N TYR A 81 -16.69 22.04 -17.95
CA TYR A 81 -16.04 22.42 -16.69
C TYR A 81 -14.99 23.50 -16.92
N LYS A 82 -15.31 24.46 -17.78
CA LYS A 82 -14.39 25.55 -18.10
C LYS A 82 -15.16 26.81 -18.50
N SER A 83 -14.87 27.91 -17.82
CA SER A 83 -15.54 29.18 -18.11
C SER A 83 -14.86 30.32 -17.36
N GLY A 84 -14.60 31.42 -18.08
CA GLY A 84 -13.97 32.57 -17.47
C GLY A 84 -12.80 33.08 -18.29
N PRO A 85 -11.71 33.46 -17.60
CA PRO A 85 -10.50 33.98 -18.25
C PRO A 85 -9.75 32.90 -19.03
N SER A 86 -10.11 32.75 -20.31
CA SER A 86 -9.47 31.75 -21.16
C SER A 86 -8.01 32.11 -21.42
N SER A 87 -7.79 33.33 -21.89
CA SER A 87 -6.43 33.80 -22.19
C SER A 87 -5.78 34.39 -20.94
N GLY A 88 -5.16 33.53 -20.14
CA GLY A 88 -4.51 33.99 -18.93
C GLY A 88 -3.01 33.79 -18.96
N GLY A 1 35.56 -14.80 -1.23
CA GLY A 1 35.59 -13.36 -1.12
C GLY A 1 34.19 -12.74 -1.16
N SER A 2 33.71 -12.32 0.00
CA SER A 2 32.39 -11.72 0.10
C SER A 2 32.48 -10.19 0.14
N SER A 3 32.11 -9.55 -0.96
CA SER A 3 32.16 -8.10 -1.06
C SER A 3 31.05 -7.58 -1.96
N GLY A 4 30.09 -6.87 -1.37
CA GLY A 4 28.99 -6.33 -2.14
C GLY A 4 28.56 -7.25 -3.27
N SER A 5 28.40 -8.53 -2.95
CA SER A 5 27.99 -9.52 -3.94
C SER A 5 26.78 -9.02 -4.72
N SER A 6 25.80 -8.49 -4.01
CA SER A 6 24.58 -7.98 -4.65
C SER A 6 24.26 -6.57 -4.16
N GLY A 7 23.73 -5.75 -5.05
CA GLY A 7 23.38 -4.39 -4.69
C GLY A 7 21.96 -4.27 -4.19
N MET A 8 21.37 -3.08 -4.35
CA MET A 8 20.00 -2.85 -3.90
C MET A 8 19.01 -3.20 -5.00
N GLU A 9 18.66 -4.47 -5.10
CA GLU A 9 17.72 -4.94 -6.11
C GLU A 9 16.30 -5.01 -5.54
N SER A 10 16.12 -5.84 -4.52
CA SER A 10 14.81 -5.99 -3.89
C SER A 10 14.85 -5.52 -2.44
N ARG A 11 14.33 -4.31 -2.21
CA ARG A 11 14.30 -3.74 -0.87
C ARG A 11 12.87 -3.42 -0.45
N CYS A 12 12.73 -2.87 0.75
CA CYS A 12 11.41 -2.51 1.28
C CYS A 12 11.03 -1.08 0.89
N TYR A 13 9.75 -0.87 0.61
CA TYR A 13 9.27 0.44 0.23
C TYR A 13 8.82 1.24 1.45
N GLY A 14 9.40 0.91 2.60
CA GLY A 14 9.06 1.61 3.83
C GLY A 14 10.28 1.96 4.67
N CYS A 15 11.23 1.03 4.72
CA CYS A 15 12.44 1.24 5.49
C CYS A 15 13.68 1.04 4.61
N ALA A 16 13.48 0.47 3.44
CA ALA A 16 14.58 0.23 2.50
C ALA A 16 15.45 -0.93 2.96
N VAL A 17 14.85 -1.84 3.73
CA VAL A 17 15.57 -3.01 4.24
C VAL A 17 15.65 -4.11 3.19
N LYS A 18 16.87 -4.52 2.85
CA LYS A 18 17.08 -5.56 1.87
C LYS A 18 16.45 -6.88 2.32
N PHE A 19 15.64 -7.47 1.44
CA PHE A 19 14.97 -8.74 1.76
C PHE A 19 15.97 -9.89 1.75
N THR A 20 16.05 -10.59 2.88
CA THR A 20 16.96 -11.72 3.02
C THR A 20 16.31 -12.87 3.77
N LEU A 21 17.03 -13.98 3.88
CA LEU A 21 16.51 -15.16 4.58
C LEU A 21 15.80 -14.76 5.85
N PHE A 22 16.40 -13.84 6.60
CA PHE A 22 15.80 -13.36 7.85
C PHE A 22 14.69 -12.36 7.58
N LYS A 23 14.86 -11.56 6.54
CA LYS A 23 13.87 -10.55 6.18
C LYS A 23 13.14 -10.94 4.90
N LYS A 24 11.99 -11.59 5.06
CA LYS A 24 11.19 -12.03 3.92
C LYS A 24 10.63 -10.83 3.15
N GLU A 25 10.15 -11.08 1.95
CA GLU A 25 9.58 -10.02 1.12
C GLU A 25 8.06 -10.12 1.06
N TYR A 26 7.39 -9.01 1.32
CA TYR A 26 5.93 -8.98 1.29
C TYR A 26 5.42 -8.02 0.23
N GLY A 27 4.16 -8.18 -0.16
CA GLY A 27 3.56 -7.33 -1.16
C GLY A 27 2.26 -6.69 -0.71
N CYS A 28 2.00 -5.48 -1.16
CA CYS A 28 0.79 -4.76 -0.79
C CYS A 28 -0.30 -4.97 -1.84
N LYS A 29 -1.53 -4.62 -1.49
CA LYS A 29 -2.66 -4.77 -2.41
C LYS A 29 -3.15 -3.40 -2.88
N ASN A 30 -3.19 -2.44 -1.96
CA ASN A 30 -3.64 -1.10 -2.30
C ASN A 30 -2.65 -0.40 -3.23
N CYS A 31 -1.50 -0.02 -2.69
CA CYS A 31 -0.47 0.64 -3.47
C CYS A 31 0.21 -0.34 -4.43
N GLY A 32 0.38 -1.57 -3.97
CA GLY A 32 1.02 -2.58 -4.80
C GLY A 32 2.53 -2.45 -4.81
N ARG A 33 3.12 -2.24 -3.65
CA ARG A 33 4.57 -2.09 -3.53
C ARG A 33 5.15 -3.20 -2.66
N ALA A 34 6.48 -3.34 -2.71
CA ALA A 34 7.16 -4.36 -1.93
C ALA A 34 7.49 -3.86 -0.52
N PHE A 35 7.08 -4.61 0.49
CA PHE A 35 7.32 -4.24 1.87
C PHE A 35 7.83 -5.43 2.67
N CYS A 36 8.47 -5.15 3.81
CA CYS A 36 9.00 -6.20 4.66
C CYS A 36 8.01 -6.56 5.77
N ASN A 37 7.91 -7.85 6.07
CA ASN A 37 7.00 -8.34 7.09
C ASN A 37 6.82 -7.29 8.20
N GLY A 38 7.91 -6.59 8.52
CA GLY A 38 7.85 -5.57 9.55
C GLY A 38 6.93 -4.42 9.18
N CYS A 39 7.11 -3.89 7.97
CA CYS A 39 6.30 -2.78 7.49
C CYS A 39 4.92 -3.27 7.03
N LEU A 40 4.91 -4.43 6.37
CA LEU A 40 3.67 -5.00 5.86
C LEU A 40 3.01 -5.88 6.92
N SER A 41 2.67 -5.28 8.05
CA SER A 41 2.03 -6.00 9.14
C SER A 41 0.69 -5.39 9.48
N PHE A 42 0.01 -4.86 8.46
CA PHE A 42 -1.30 -4.25 8.65
C PHE A 42 -2.29 -4.75 7.61
N SER A 43 -3.58 -4.59 7.90
CA SER A 43 -4.64 -5.03 7.00
C SER A 43 -5.74 -3.98 6.88
N ALA A 44 -6.25 -3.81 5.67
CA ALA A 44 -7.32 -2.84 5.43
C ALA A 44 -8.02 -3.12 4.10
N LEU A 45 -9.33 -2.86 4.07
CA LEU A 45 -10.13 -3.08 2.87
C LEU A 45 -9.48 -2.41 1.66
N VAL A 46 -9.17 -3.21 0.65
CA VAL A 46 -8.56 -2.69 -0.58
C VAL A 46 -9.58 -2.60 -1.71
N PRO A 47 -9.74 -1.40 -2.27
CA PRO A 47 -10.68 -1.16 -3.37
C PRO A 47 -10.23 -1.81 -4.67
N ARG A 48 -9.12 -2.54 -4.61
CA ARG A 48 -8.58 -3.21 -5.78
C ARG A 48 -8.90 -4.71 -5.75
N ALA A 49 -8.99 -5.25 -4.54
CA ALA A 49 -9.29 -6.66 -4.36
C ALA A 49 -10.73 -6.87 -3.92
N GLY A 50 -11.61 -5.95 -4.32
CA GLY A 50 -13.01 -6.04 -3.95
C GLY A 50 -13.27 -5.63 -2.53
N ASN A 51 -12.72 -4.49 -2.13
CA ASN A 51 -12.89 -3.98 -0.77
C ASN A 51 -12.72 -5.09 0.25
N THR A 52 -11.62 -5.84 0.14
CA THR A 52 -11.35 -6.93 1.06
C THR A 52 -10.18 -6.60 1.98
N GLN A 53 -10.31 -6.98 3.25
CA GLN A 53 -9.26 -6.71 4.24
C GLN A 53 -8.00 -7.52 3.92
N GLN A 54 -7.12 -6.92 3.12
CA GLN A 54 -5.87 -7.59 2.74
C GLN A 54 -4.69 -6.96 3.47
N LYS A 55 -3.60 -7.72 3.56
CA LYS A 55 -2.40 -7.23 4.23
C LYS A 55 -1.77 -6.07 3.46
N VAL A 56 -1.88 -4.87 4.02
CA VAL A 56 -1.33 -3.68 3.40
C VAL A 56 -0.21 -3.07 4.24
N CYS A 57 0.62 -2.24 3.62
CA CYS A 57 1.72 -1.59 4.31
C CYS A 57 1.21 -0.51 5.25
N LYS A 58 1.99 -0.21 6.29
CA LYS A 58 1.62 0.81 7.26
C LYS A 58 0.89 1.97 6.58
N GLN A 59 1.61 2.69 5.73
CA GLN A 59 1.03 3.82 5.02
C GLN A 59 -0.40 3.52 4.58
N CYS A 60 -0.53 2.70 3.54
CA CYS A 60 -1.85 2.34 3.02
C CYS A 60 -2.84 2.12 4.16
N HIS A 61 -2.49 1.22 5.08
CA HIS A 61 -3.35 0.92 6.22
C HIS A 61 -3.89 2.19 6.85
N THR A 62 -3.06 3.25 6.86
CA THR A 62 -3.46 4.53 7.42
C THR A 62 -4.21 5.37 6.40
N ILE A 63 -3.79 5.30 5.15
CA ILE A 63 -4.42 6.06 4.08
C ILE A 63 -5.88 5.66 3.92
N LEU A 64 -6.13 4.36 3.80
CA LEU A 64 -7.48 3.85 3.64
C LEU A 64 -8.35 4.23 4.82
N THR A 65 -7.85 3.98 6.03
CA THR A 65 -8.58 4.31 7.25
C THR A 65 -8.76 5.81 7.41
N ARG A 66 -7.74 6.57 6.99
CA ARG A 66 -7.78 8.02 7.09
C ARG A 66 -8.94 8.59 6.26
N GLY A 67 -8.88 8.36 4.96
CA GLY A 67 -9.93 8.86 4.07
C GLY A 67 -10.02 10.36 4.08
N SER A 68 -9.76 10.98 2.93
CA SER A 68 -9.80 12.43 2.81
C SER A 68 -10.20 12.84 1.38
N SER A 69 -10.86 13.99 1.27
CA SER A 69 -11.28 14.48 -0.03
C SER A 69 -10.15 14.44 -1.03
N ASP A 70 -10.39 13.82 -2.18
CA ASP A 70 -9.38 13.70 -3.22
C ASP A 70 -9.85 14.37 -4.51
N ASN A 71 -8.90 14.85 -5.31
CA ASN A 71 -9.22 15.52 -6.57
C ASN A 71 -10.03 14.60 -7.48
N ALA A 72 -10.81 15.20 -8.36
CA ALA A 72 -11.64 14.44 -9.29
C ALA A 72 -10.79 13.43 -10.08
N SER A 73 -11.46 12.54 -10.79
CA SER A 73 -10.77 11.52 -11.57
C SER A 73 -11.22 11.56 -13.04
N LYS A 74 -10.50 10.83 -13.89
CA LYS A 74 -10.82 10.78 -15.31
C LYS A 74 -11.88 9.73 -15.59
N TRP A 75 -12.81 10.04 -16.49
CA TRP A 75 -13.87 9.11 -16.85
C TRP A 75 -13.42 8.16 -17.96
N SER A 76 -13.74 6.88 -17.79
CA SER A 76 -13.36 5.87 -18.77
C SER A 76 -14.48 4.86 -18.96
N PRO A 77 -14.57 4.29 -20.17
CA PRO A 77 -15.58 3.30 -20.52
C PRO A 77 -15.36 1.97 -19.80
N PRO A 78 -16.45 1.21 -19.59
CA PRO A 78 -16.40 -0.09 -18.92
C PRO A 78 -15.71 -1.15 -19.77
N GLN A 79 -15.17 -2.17 -19.11
CA GLN A 79 -14.48 -3.25 -19.80
C GLN A 79 -15.44 -4.04 -20.67
N ASN A 80 -14.91 -4.77 -21.64
CA ASN A 80 -15.73 -5.57 -22.55
C ASN A 80 -16.77 -4.70 -23.24
N TYR A 81 -16.32 -3.59 -23.81
CA TYR A 81 -17.21 -2.69 -24.51
C TYR A 81 -17.33 -3.05 -25.99
N LYS A 82 -18.23 -2.38 -26.70
CA LYS A 82 -18.43 -2.63 -28.12
C LYS A 82 -17.39 -1.90 -28.96
N SER A 83 -17.33 -0.58 -28.79
CA SER A 83 -16.38 0.25 -29.53
C SER A 83 -15.17 0.60 -28.66
N GLY A 84 -14.03 0.01 -28.99
CA GLY A 84 -12.81 0.26 -28.23
C GLY A 84 -11.63 -0.50 -28.77
N PRO A 85 -10.49 -0.42 -28.06
CA PRO A 85 -9.26 -1.10 -28.46
C PRO A 85 -9.35 -2.61 -28.31
N SER A 86 -8.52 -3.33 -29.06
CA SER A 86 -8.52 -4.78 -29.01
C SER A 86 -7.40 -5.31 -28.10
N SER A 87 -7.80 -6.02 -27.06
CA SER A 87 -6.84 -6.57 -26.11
C SER A 87 -6.89 -8.10 -26.11
N GLY A 88 -5.95 -8.71 -25.38
CA GLY A 88 -5.90 -10.15 -25.32
C GLY A 88 -4.56 -10.67 -24.83
N GLY A 1 30.84 -0.11 8.37
CA GLY A 1 29.87 -0.96 9.04
C GLY A 1 29.77 -2.33 8.41
N SER A 2 28.99 -3.21 9.05
CA SER A 2 28.82 -4.57 8.56
C SER A 2 28.62 -4.58 7.04
N SER A 3 27.73 -3.72 6.56
CA SER A 3 27.44 -3.64 5.14
C SER A 3 27.54 -2.20 4.65
N GLY A 4 27.49 -2.01 3.34
CA GLY A 4 27.58 -0.69 2.76
C GLY A 4 28.13 -0.70 1.34
N SER A 5 27.53 -1.54 0.50
CA SER A 5 27.97 -1.64 -0.89
C SER A 5 26.77 -1.59 -1.84
N SER A 6 27.05 -1.24 -3.10
CA SER A 6 25.99 -1.15 -4.10
C SER A 6 25.17 -2.43 -4.16
N GLY A 7 24.04 -2.37 -4.86
CA GLY A 7 23.18 -3.52 -4.98
C GLY A 7 21.84 -3.19 -5.61
N MET A 8 21.21 -2.12 -5.14
CA MET A 8 19.92 -1.69 -5.66
C MET A 8 19.02 -2.90 -5.92
N GLU A 9 19.09 -3.88 -5.04
CA GLU A 9 18.28 -5.10 -5.18
C GLU A 9 16.90 -4.89 -4.57
N SER A 10 16.10 -5.95 -4.57
CA SER A 10 14.75 -5.89 -4.02
C SER A 10 14.78 -5.46 -2.56
N ARG A 11 14.32 -4.25 -2.30
CA ARG A 11 14.29 -3.71 -0.95
C ARG A 11 12.86 -3.41 -0.51
N CYS A 12 12.72 -2.83 0.67
CA CYS A 12 11.41 -2.49 1.22
C CYS A 12 11.02 -1.06 0.84
N TYR A 13 9.75 -0.86 0.54
CA TYR A 13 9.25 0.46 0.16
C TYR A 13 8.81 1.24 1.40
N GLY A 14 9.42 0.92 2.54
CA GLY A 14 9.08 1.61 3.78
C GLY A 14 10.30 1.98 4.59
N CYS A 15 11.26 1.05 4.67
CA CYS A 15 12.49 1.28 5.42
C CYS A 15 13.71 1.08 4.54
N ALA A 16 13.50 0.50 3.36
CA ALA A 16 14.59 0.25 2.43
C ALA A 16 15.45 -0.92 2.89
N VAL A 17 14.86 -1.82 3.67
CA VAL A 17 15.57 -2.98 4.18
C VAL A 17 15.64 -4.09 3.14
N LYS A 18 16.86 -4.54 2.85
CA LYS A 18 17.07 -5.60 1.86
C LYS A 18 16.38 -6.89 2.30
N PHE A 19 15.65 -7.51 1.38
CA PHE A 19 14.95 -8.76 1.67
C PHE A 19 15.92 -9.93 1.70
N THR A 20 15.88 -10.69 2.79
CA THR A 20 16.76 -11.85 2.94
C THR A 20 16.07 -12.96 3.73
N LEU A 21 16.70 -14.13 3.77
CA LEU A 21 16.15 -15.27 4.50
C LEU A 21 15.40 -14.81 5.75
N PHE A 22 16.09 -14.03 6.57
CA PHE A 22 15.49 -13.52 7.81
C PHE A 22 14.42 -12.48 7.51
N LYS A 23 14.75 -11.54 6.62
CA LYS A 23 13.82 -10.48 6.24
C LYS A 23 13.10 -10.83 4.95
N LYS A 24 12.07 -11.64 5.04
CA LYS A 24 11.30 -12.05 3.87
C LYS A 24 10.73 -10.83 3.14
N GLU A 25 10.17 -11.07 1.96
CA GLU A 25 9.59 -9.99 1.17
C GLU A 25 8.07 -10.10 1.11
N TYR A 26 7.39 -8.98 1.37
CA TYR A 26 5.94 -8.95 1.36
C TYR A 26 5.43 -8.00 0.28
N GLY A 27 4.15 -8.16 -0.08
CA GLY A 27 3.56 -7.32 -1.10
C GLY A 27 2.26 -6.69 -0.65
N CYS A 28 1.99 -5.47 -1.11
CA CYS A 28 0.78 -4.76 -0.74
C CYS A 28 -0.30 -4.98 -1.80
N LYS A 29 -1.55 -4.65 -1.43
CA LYS A 29 -2.67 -4.81 -2.34
C LYS A 29 -3.17 -3.45 -2.83
N ASN A 30 -3.19 -2.48 -1.94
CA ASN A 30 -3.64 -1.14 -2.28
C ASN A 30 -2.66 -0.46 -3.23
N CYS A 31 -1.52 -0.03 -2.68
CA CYS A 31 -0.49 0.63 -3.48
C CYS A 31 0.18 -0.36 -4.43
N GLY A 32 0.33 -1.60 -3.97
CA GLY A 32 0.97 -2.63 -4.79
C GLY A 32 2.48 -2.49 -4.81
N ARG A 33 3.07 -2.27 -3.65
CA ARG A 33 4.52 -2.12 -3.54
C ARG A 33 5.11 -3.21 -2.66
N ALA A 34 6.44 -3.33 -2.69
CA ALA A 34 7.13 -4.34 -1.89
C ALA A 34 7.46 -3.82 -0.51
N PHE A 35 7.09 -4.58 0.51
CA PHE A 35 7.35 -4.20 1.90
C PHE A 35 7.86 -5.39 2.71
N CYS A 36 8.49 -5.09 3.84
CA CYS A 36 9.03 -6.13 4.71
C CYS A 36 8.04 -6.48 5.82
N ASN A 37 7.96 -7.77 6.14
CA ASN A 37 7.05 -8.24 7.18
C ASN A 37 6.88 -7.18 8.27
N GLY A 38 7.97 -6.47 8.58
CA GLY A 38 7.91 -5.44 9.59
C GLY A 38 6.99 -4.30 9.22
N CYS A 39 7.16 -3.79 8.01
CA CYS A 39 6.34 -2.69 7.52
C CYS A 39 4.97 -3.18 7.06
N LEU A 40 4.95 -4.34 6.42
CA LEU A 40 3.70 -4.93 5.93
C LEU A 40 3.06 -5.80 7.00
N SER A 41 2.72 -5.19 8.13
CA SER A 41 2.09 -5.91 9.23
C SER A 41 0.72 -5.33 9.56
N PHE A 42 0.03 -4.86 8.53
CA PHE A 42 -1.29 -4.27 8.70
C PHE A 42 -2.27 -4.81 7.65
N SER A 43 -3.56 -4.62 7.90
CA SER A 43 -4.60 -5.09 6.99
C SER A 43 -5.74 -4.08 6.90
N ALA A 44 -6.26 -3.90 5.69
CA ALA A 44 -7.36 -2.97 5.47
C ALA A 44 -8.08 -3.27 4.16
N LEU A 45 -9.35 -2.91 4.10
CA LEU A 45 -10.15 -3.14 2.90
C LEU A 45 -9.53 -2.47 1.68
N VAL A 46 -9.23 -3.26 0.66
CA VAL A 46 -8.63 -2.75 -0.56
C VAL A 46 -9.62 -2.76 -1.72
N PRO A 47 -9.87 -1.58 -2.30
CA PRO A 47 -10.81 -1.43 -3.42
C PRO A 47 -10.27 -2.06 -4.70
N ARG A 48 -8.96 -2.30 -4.74
CA ARG A 48 -8.33 -2.89 -5.91
C ARG A 48 -8.61 -4.38 -5.98
N ALA A 49 -8.65 -5.03 -4.83
CA ALA A 49 -8.91 -6.46 -4.76
C ALA A 49 -10.41 -6.74 -4.69
N GLY A 50 -11.16 -5.81 -4.10
CA GLY A 50 -12.59 -5.98 -3.98
C GLY A 50 -13.09 -5.70 -2.58
N ASN A 51 -12.67 -4.57 -2.01
CA ASN A 51 -13.09 -4.19 -0.67
C ASN A 51 -12.85 -5.34 0.31
N THR A 52 -11.67 -5.92 0.26
CA THR A 52 -11.31 -7.03 1.14
C THR A 52 -10.14 -6.67 2.05
N GLN A 53 -10.28 -6.94 3.33
CA GLN A 53 -9.23 -6.64 4.30
C GLN A 53 -7.97 -7.46 4.01
N GLN A 54 -7.09 -6.91 3.18
CA GLN A 54 -5.85 -7.59 2.83
C GLN A 54 -4.66 -6.96 3.53
N LYS A 55 -3.56 -7.71 3.61
CA LYS A 55 -2.35 -7.23 4.26
C LYS A 55 -1.74 -6.06 3.49
N VAL A 56 -1.84 -4.86 4.05
CA VAL A 56 -1.31 -3.66 3.42
C VAL A 56 -0.19 -3.05 4.27
N CYS A 57 0.61 -2.20 3.64
CA CYS A 57 1.72 -1.54 4.32
C CYS A 57 1.21 -0.45 5.25
N LYS A 58 1.98 -0.15 6.29
CA LYS A 58 1.61 0.88 7.27
C LYS A 58 0.87 2.03 6.58
N GLN A 59 1.58 2.74 5.72
CA GLN A 59 0.98 3.87 5.00
C GLN A 59 -0.44 3.55 4.57
N CYS A 60 -0.57 2.72 3.53
CA CYS A 60 -1.87 2.33 3.03
C CYS A 60 -2.86 2.10 4.17
N HIS A 61 -2.48 1.23 5.10
CA HIS A 61 -3.33 0.92 6.24
C HIS A 61 -3.88 2.19 6.87
N THR A 62 -3.07 3.24 6.87
CA THR A 62 -3.47 4.52 7.45
C THR A 62 -4.24 5.36 6.44
N ILE A 63 -3.82 5.30 5.19
CA ILE A 63 -4.47 6.06 4.12
C ILE A 63 -5.92 5.62 3.95
N LEU A 64 -6.13 4.31 3.82
CA LEU A 64 -7.46 3.76 3.65
C LEU A 64 -8.35 4.08 4.86
N THR A 65 -7.78 3.97 6.05
CA THR A 65 -8.51 4.24 7.27
C THR A 65 -8.70 5.75 7.47
N ARG A 66 -7.75 6.53 6.98
CA ARG A 66 -7.81 7.98 7.10
C ARG A 66 -8.92 8.55 6.22
N GLY A 67 -8.76 8.40 4.90
CA GLY A 67 -9.76 8.90 3.97
C GLY A 67 -9.27 10.11 3.21
N SER A 68 -8.20 9.93 2.44
CA SER A 68 -7.63 11.02 1.66
C SER A 68 -7.44 10.60 0.21
N SER A 69 -8.42 9.88 -0.33
CA SER A 69 -8.36 9.41 -1.70
C SER A 69 -8.78 10.52 -2.67
N ASP A 70 -9.99 11.05 -2.46
CA ASP A 70 -10.50 12.11 -3.31
C ASP A 70 -10.10 13.48 -2.79
N ASN A 71 -9.30 14.20 -3.56
CA ASN A 71 -8.84 15.52 -3.17
C ASN A 71 -9.93 16.57 -3.39
N ALA A 72 -10.65 16.91 -2.33
CA ALA A 72 -11.71 17.89 -2.40
C ALA A 72 -11.93 18.57 -1.05
N SER A 73 -11.96 19.90 -1.06
CA SER A 73 -12.16 20.68 0.16
C SER A 73 -13.61 20.59 0.63
N LYS A 74 -13.79 20.35 1.92
CA LYS A 74 -15.12 20.25 2.50
C LYS A 74 -15.96 21.48 2.16
N TRP A 75 -17.27 21.29 2.10
CA TRP A 75 -18.18 22.38 1.79
C TRP A 75 -19.39 22.38 2.72
N SER A 76 -19.90 23.56 3.03
CA SER A 76 -21.06 23.69 3.92
C SER A 76 -22.30 24.09 3.14
N PRO A 77 -23.26 23.17 3.04
CA PRO A 77 -24.51 23.42 2.32
C PRO A 77 -25.42 24.41 3.04
N PRO A 78 -26.49 24.85 2.35
CA PRO A 78 -27.44 25.81 2.92
C PRO A 78 -28.28 25.21 4.04
N GLN A 79 -29.33 25.92 4.43
CA GLN A 79 -30.21 25.46 5.50
C GLN A 79 -30.58 23.98 5.31
N ASN A 80 -31.28 23.42 6.29
CA ASN A 80 -31.69 22.02 6.22
C ASN A 80 -32.18 21.66 4.82
N TYR A 81 -31.79 20.47 4.36
CA TYR A 81 -32.18 20.01 3.04
C TYR A 81 -31.88 18.51 2.88
N LYS A 82 -32.13 18.00 1.68
CA LYS A 82 -31.88 16.59 1.39
C LYS A 82 -30.84 16.42 0.29
N SER A 83 -29.62 16.09 0.69
CA SER A 83 -28.53 15.91 -0.26
C SER A 83 -28.97 15.04 -1.43
N GLY A 84 -28.63 15.46 -2.64
CA GLY A 84 -29.00 14.70 -3.82
C GLY A 84 -28.03 13.57 -4.12
N PRO A 85 -27.74 13.36 -5.40
CA PRO A 85 -26.82 12.30 -5.85
C PRO A 85 -25.37 12.59 -5.47
N SER A 86 -24.86 11.84 -4.50
CA SER A 86 -23.49 12.03 -4.04
C SER A 86 -22.66 10.77 -4.27
N SER A 87 -21.38 10.83 -3.91
CA SER A 87 -20.49 9.69 -4.08
C SER A 87 -20.49 9.21 -5.53
N GLY A 88 -20.48 10.16 -6.46
CA GLY A 88 -20.48 9.81 -7.87
C GLY A 88 -19.48 8.72 -8.21
N GLY A 1 30.59 7.25 -21.10
CA GLY A 1 30.56 6.87 -19.70
C GLY A 1 29.43 5.91 -19.39
N SER A 2 29.62 4.64 -19.76
CA SER A 2 28.61 3.61 -19.51
C SER A 2 28.94 2.80 -18.26
N SER A 3 28.23 3.09 -17.18
CA SER A 3 28.45 2.39 -15.92
C SER A 3 27.13 1.93 -15.31
N GLY A 4 27.21 0.99 -14.37
CA GLY A 4 26.01 0.49 -13.73
C GLY A 4 26.26 -0.78 -12.94
N SER A 5 26.50 -0.63 -11.64
CA SER A 5 26.76 -1.78 -10.78
C SER A 5 25.53 -2.14 -9.95
N SER A 6 25.46 -3.38 -9.51
CA SER A 6 24.34 -3.85 -8.71
C SER A 6 24.38 -3.24 -7.31
N GLY A 7 23.63 -2.15 -7.14
CA GLY A 7 23.59 -1.48 -5.84
C GLY A 7 23.01 -2.36 -4.75
N MET A 8 21.71 -2.23 -4.52
CA MET A 8 21.04 -3.01 -3.50
C MET A 8 19.88 -3.82 -4.10
N GLU A 9 19.82 -5.10 -3.77
CA GLU A 9 18.77 -5.98 -4.27
C GLU A 9 17.41 -5.52 -3.78
N SER A 10 16.35 -6.20 -4.25
CA SER A 10 14.99 -5.86 -3.87
C SER A 10 14.93 -5.43 -2.40
N ARG A 11 14.64 -4.16 -2.18
CA ARG A 11 14.55 -3.61 -0.83
C ARG A 11 13.09 -3.31 -0.46
N CYS A 12 12.89 -2.83 0.77
CA CYS A 12 11.55 -2.50 1.24
C CYS A 12 11.17 -1.09 0.85
N TYR A 13 9.88 -0.88 0.57
CA TYR A 13 9.38 0.43 0.18
C TYR A 13 8.91 1.22 1.40
N GLY A 14 9.49 0.90 2.55
CA GLY A 14 9.12 1.59 3.78
C GLY A 14 10.32 1.94 4.63
N CYS A 15 11.26 1.00 4.75
CA CYS A 15 12.46 1.22 5.54
C CYS A 15 13.72 1.01 4.70
N ALA A 16 13.53 0.49 3.49
CA ALA A 16 14.64 0.25 2.58
C ALA A 16 15.50 -0.91 3.07
N VAL A 17 14.90 -1.82 3.82
CA VAL A 17 15.61 -2.98 4.34
C VAL A 17 15.71 -4.08 3.30
N LYS A 18 16.93 -4.54 3.03
CA LYS A 18 17.16 -5.60 2.05
C LYS A 18 16.45 -6.87 2.46
N PHE A 19 15.74 -7.48 1.51
CA PHE A 19 15.00 -8.71 1.78
C PHE A 19 15.95 -9.91 1.80
N THR A 20 15.94 -10.64 2.92
CA THR A 20 16.80 -11.81 3.07
C THR A 20 16.09 -12.92 3.83
N LEU A 21 16.70 -14.10 3.83
CA LEU A 21 16.12 -15.25 4.53
C LEU A 21 15.36 -14.80 5.77
N PHE A 22 16.02 -14.02 6.62
CA PHE A 22 15.40 -13.52 7.85
C PHE A 22 14.30 -12.50 7.53
N LYS A 23 14.63 -11.54 6.66
CA LYS A 23 13.68 -10.51 6.28
C LYS A 23 13.04 -10.84 4.93
N LYS A 24 12.02 -11.68 4.96
CA LYS A 24 11.31 -12.08 3.75
C LYS A 24 10.77 -10.85 3.01
N GLU A 25 10.17 -11.09 1.85
CA GLU A 25 9.61 -10.00 1.05
C GLU A 25 8.09 -10.10 0.97
N TYR A 26 7.42 -9.01 1.29
CA TYR A 26 5.96 -8.98 1.27
C TYR A 26 5.45 -8.00 0.21
N GLY A 27 4.19 -8.16 -0.18
CA GLY A 27 3.61 -7.29 -1.17
C GLY A 27 2.30 -6.68 -0.73
N CYS A 28 2.03 -5.46 -1.17
CA CYS A 28 0.81 -4.76 -0.80
C CYS A 28 -0.29 -4.98 -1.85
N LYS A 29 -1.51 -4.60 -1.52
CA LYS A 29 -2.63 -4.75 -2.42
C LYS A 29 -3.09 -3.40 -2.95
N ASN A 30 -3.21 -2.42 -2.05
CA ASN A 30 -3.65 -1.09 -2.42
C ASN A 30 -2.63 -0.42 -3.34
N CYS A 31 -1.50 -0.01 -2.77
CA CYS A 31 -0.44 0.63 -3.54
C CYS A 31 0.26 -0.37 -4.45
N GLY A 32 0.41 -1.60 -3.97
CA GLY A 32 1.06 -2.63 -4.75
C GLY A 32 2.57 -2.48 -4.77
N ARG A 33 3.15 -2.21 -3.60
CA ARG A 33 4.60 -2.04 -3.49
C ARG A 33 5.21 -3.15 -2.63
N ALA A 34 6.52 -3.29 -2.72
CA ALA A 34 7.24 -4.30 -1.95
C ALA A 34 7.55 -3.81 -0.54
N PHE A 35 7.12 -4.57 0.46
CA PHE A 35 7.35 -4.22 1.85
C PHE A 35 7.85 -5.42 2.65
N CYS A 36 8.50 -5.15 3.78
CA CYS A 36 9.02 -6.20 4.63
C CYS A 36 8.04 -6.55 5.74
N ASN A 37 7.92 -7.84 6.03
CA ASN A 37 7.00 -8.31 7.08
C ASN A 37 6.83 -7.24 8.16
N GLY A 38 7.92 -6.57 8.50
CA GLY A 38 7.86 -5.53 9.51
C GLY A 38 6.96 -4.38 9.12
N CYS A 39 7.17 -3.85 7.92
CA CYS A 39 6.38 -2.73 7.42
C CYS A 39 5.01 -3.21 6.94
N LEU A 40 4.98 -4.39 6.34
CA LEU A 40 3.74 -4.96 5.83
C LEU A 40 3.07 -5.82 6.89
N SER A 41 2.81 -5.24 8.06
CA SER A 41 2.17 -5.95 9.15
C SER A 41 0.81 -5.34 9.49
N PHE A 42 0.15 -4.80 8.46
CA PHE A 42 -1.16 -4.18 8.64
C PHE A 42 -2.15 -4.70 7.61
N SER A 43 -3.44 -4.51 7.88
CA SER A 43 -4.49 -4.97 6.98
C SER A 43 -5.61 -3.93 6.89
N ALA A 44 -6.22 -3.84 5.71
CA ALA A 44 -7.31 -2.89 5.49
C ALA A 44 -8.04 -3.20 4.18
N LEU A 45 -9.34 -2.95 4.18
CA LEU A 45 -10.17 -3.20 3.00
C LEU A 45 -9.60 -2.50 1.78
N VAL A 46 -9.22 -3.27 0.77
CA VAL A 46 -8.66 -2.72 -0.46
C VAL A 46 -9.70 -2.69 -1.58
N PRO A 47 -9.98 -1.50 -2.11
CA PRO A 47 -10.95 -1.31 -3.19
C PRO A 47 -10.47 -1.89 -4.52
N ARG A 48 -9.17 -2.22 -4.57
CA ARG A 48 -8.59 -2.79 -5.78
C ARG A 48 -8.87 -4.28 -5.86
N ALA A 49 -8.80 -4.96 -4.73
CA ALA A 49 -9.04 -6.40 -4.68
C ALA A 49 -10.54 -6.70 -4.60
N GLY A 50 -11.28 -5.80 -3.98
CA GLY A 50 -12.72 -5.98 -3.86
C GLY A 50 -13.22 -5.69 -2.45
N ASN A 51 -12.72 -4.62 -1.86
CA ASN A 51 -13.12 -4.25 -0.51
C ASN A 51 -12.85 -5.38 0.47
N THR A 52 -11.66 -5.95 0.41
CA THR A 52 -11.28 -7.05 1.30
C THR A 52 -10.13 -6.65 2.21
N GLN A 53 -10.19 -7.07 3.46
CA GLN A 53 -9.14 -6.76 4.42
C GLN A 53 -7.87 -7.53 4.12
N GLN A 54 -7.11 -7.05 3.15
CA GLN A 54 -5.86 -7.70 2.76
C GLN A 54 -4.67 -7.06 3.46
N LYS A 55 -3.56 -7.79 3.53
CA LYS A 55 -2.35 -7.30 4.18
C LYS A 55 -1.77 -6.12 3.41
N VAL A 56 -1.84 -4.93 3.99
CA VAL A 56 -1.32 -3.73 3.36
C VAL A 56 -0.22 -3.10 4.21
N CYS A 57 0.57 -2.22 3.59
CA CYS A 57 1.66 -1.55 4.28
C CYS A 57 1.13 -0.47 5.22
N LYS A 58 1.94 -0.10 6.21
CA LYS A 58 1.55 0.93 7.17
C LYS A 58 0.79 2.05 6.48
N GLN A 59 1.48 2.79 5.62
CA GLN A 59 0.86 3.90 4.89
C GLN A 59 -0.56 3.54 4.46
N CYS A 60 -0.67 2.71 3.43
CA CYS A 60 -1.98 2.30 2.93
C CYS A 60 -2.94 2.03 4.07
N HIS A 61 -2.54 1.16 4.98
CA HIS A 61 -3.38 0.80 6.12
C HIS A 61 -3.99 2.06 6.76
N THR A 62 -3.21 3.14 6.77
CA THR A 62 -3.67 4.39 7.34
C THR A 62 -4.46 5.21 6.33
N ILE A 63 -3.98 5.22 5.08
CA ILE A 63 -4.65 5.96 4.02
C ILE A 63 -6.09 5.49 3.84
N LEU A 64 -6.28 4.17 3.83
CA LEU A 64 -7.59 3.59 3.65
C LEU A 64 -8.44 3.78 4.91
N THR A 65 -7.80 4.23 5.98
CA THR A 65 -8.49 4.46 7.24
C THR A 65 -8.49 5.94 7.60
N ARG A 66 -7.84 6.75 6.78
CA ARG A 66 -7.77 8.19 7.02
C ARG A 66 -8.82 8.92 6.18
N GLY A 67 -9.01 8.48 4.95
CA GLY A 67 -9.98 9.11 4.07
C GLY A 67 -10.56 8.15 3.06
N SER A 68 -10.81 6.92 3.50
CA SER A 68 -11.36 5.89 2.63
C SER A 68 -12.26 6.51 1.57
N SER A 69 -11.76 6.55 0.33
CA SER A 69 -12.52 7.12 -0.79
C SER A 69 -12.72 6.10 -1.89
N ASP A 70 -13.97 5.94 -2.32
CA ASP A 70 -14.30 4.99 -3.37
C ASP A 70 -15.23 5.62 -4.40
N ASN A 71 -14.91 6.84 -4.82
CA ASN A 71 -15.72 7.56 -5.80
C ASN A 71 -15.13 7.42 -7.20
N ALA A 72 -14.74 6.20 -7.56
CA ALA A 72 -14.15 5.95 -8.87
C ALA A 72 -15.23 5.98 -9.96
N SER A 73 -15.10 6.94 -10.86
CA SER A 73 -16.06 7.08 -11.96
C SER A 73 -16.27 5.75 -12.67
N LYS A 74 -15.17 5.08 -12.98
CA LYS A 74 -15.21 3.79 -13.65
C LYS A 74 -13.93 3.00 -13.43
N TRP A 75 -14.06 1.83 -12.83
CA TRP A 75 -12.90 0.98 -12.57
C TRP A 75 -13.19 -0.47 -12.94
N SER A 76 -12.22 -1.12 -13.56
CA SER A 76 -12.37 -2.52 -13.97
C SER A 76 -11.24 -3.38 -13.42
N PRO A 77 -11.52 -4.68 -13.23
CA PRO A 77 -10.55 -5.63 -12.70
C PRO A 77 -9.42 -5.91 -13.69
N PRO A 78 -8.25 -6.28 -13.15
CA PRO A 78 -7.07 -6.59 -13.97
C PRO A 78 -7.22 -7.89 -14.76
N GLN A 79 -6.20 -8.23 -15.54
CA GLN A 79 -6.23 -9.44 -16.35
C GLN A 79 -6.80 -10.61 -15.54
N ASN A 80 -6.34 -10.76 -14.32
CA ASN A 80 -6.80 -11.84 -13.45
C ASN A 80 -8.30 -11.72 -13.20
N TYR A 81 -8.84 -12.65 -12.40
CA TYR A 81 -10.26 -12.65 -12.09
C TYR A 81 -11.10 -12.87 -13.35
N LYS A 82 -10.67 -13.80 -14.18
CA LYS A 82 -11.38 -14.11 -15.42
C LYS A 82 -11.79 -15.58 -15.46
N SER A 83 -10.84 -16.47 -15.19
CA SER A 83 -11.12 -17.90 -15.19
C SER A 83 -12.49 -18.19 -14.60
N GLY A 84 -12.80 -17.54 -13.49
CA GLY A 84 -14.09 -17.74 -12.85
C GLY A 84 -15.25 -17.68 -13.82
N PRO A 85 -16.32 -18.43 -13.53
CA PRO A 85 -17.52 -18.47 -14.38
C PRO A 85 -18.29 -17.16 -14.35
N SER A 86 -19.01 -16.88 -15.43
CA SER A 86 -19.80 -15.66 -15.55
C SER A 86 -21.18 -15.94 -16.12
N SER A 87 -22.03 -14.93 -16.12
CA SER A 87 -23.40 -15.08 -16.64
C SER A 87 -23.43 -16.04 -17.83
N GLY A 88 -22.49 -15.85 -18.75
CA GLY A 88 -22.43 -16.71 -19.93
C GLY A 88 -22.12 -15.94 -21.20
N GLY A 1 22.75 8.43 3.37
CA GLY A 1 23.44 8.06 2.15
C GLY A 1 23.30 6.57 1.85
N SER A 2 23.05 6.25 0.58
CA SER A 2 22.90 4.86 0.17
C SER A 2 24.27 4.21 -0.06
N SER A 3 25.19 4.46 0.87
CA SER A 3 26.53 3.90 0.77
C SER A 3 26.68 2.66 1.65
N GLY A 4 27.00 1.53 1.03
CA GLY A 4 27.17 0.30 1.78
C GLY A 4 27.57 -0.87 0.89
N SER A 5 26.84 -1.96 0.98
CA SER A 5 27.13 -3.15 0.18
C SER A 5 26.48 -3.06 -1.19
N SER A 6 27.26 -2.68 -2.19
CA SER A 6 26.75 -2.55 -3.56
C SER A 6 25.73 -3.65 -3.86
N GLY A 7 24.78 -3.32 -4.72
CA GLY A 7 23.75 -4.29 -5.09
C GLY A 7 22.36 -3.82 -4.74
N MET A 8 21.65 -3.29 -5.72
CA MET A 8 20.29 -2.79 -5.51
C MET A 8 19.26 -3.87 -5.81
N GLU A 9 19.01 -4.73 -4.83
CA GLU A 9 18.05 -5.82 -4.99
C GLU A 9 16.69 -5.43 -4.42
N SER A 10 15.71 -6.32 -4.59
CA SER A 10 14.37 -6.07 -4.09
C SER A 10 14.39 -5.67 -2.62
N ARG A 11 14.18 -4.38 -2.36
CA ARG A 11 14.18 -3.87 -0.99
C ARG A 11 12.77 -3.49 -0.55
N CYS A 12 12.66 -2.95 0.66
CA CYS A 12 11.37 -2.55 1.20
C CYS A 12 11.04 -1.10 0.82
N TYR A 13 9.76 -0.84 0.57
CA TYR A 13 9.32 0.49 0.20
C TYR A 13 8.92 1.30 1.44
N GLY A 14 9.52 0.97 2.57
CA GLY A 14 9.21 1.67 3.81
C GLY A 14 10.45 1.98 4.62
N CYS A 15 11.37 1.01 4.68
CA CYS A 15 12.61 1.18 5.43
C CYS A 15 13.83 0.95 4.54
N ALA A 16 13.58 0.44 3.34
CA ALA A 16 14.65 0.18 2.39
C ALA A 16 15.50 -1.01 2.83
N VAL A 17 14.88 -1.93 3.58
CA VAL A 17 15.58 -3.11 4.06
C VAL A 17 15.60 -4.21 3.01
N LYS A 18 16.79 -4.76 2.75
CA LYS A 18 16.95 -5.82 1.77
C LYS A 18 16.28 -7.10 2.24
N PHE A 19 15.42 -7.66 1.39
CA PHE A 19 14.71 -8.89 1.72
C PHE A 19 15.67 -10.08 1.74
N THR A 20 15.97 -10.57 2.94
CA THR A 20 16.86 -11.71 3.09
C THR A 20 16.21 -12.84 3.87
N LEU A 21 16.85 -13.99 3.90
CA LEU A 21 16.32 -15.16 4.61
C LEU A 21 15.60 -14.73 5.88
N PHE A 22 16.28 -13.96 6.71
CA PHE A 22 15.71 -13.47 7.96
C PHE A 22 14.54 -12.52 7.70
N LYS A 23 14.72 -11.64 6.72
CA LYS A 23 13.69 -10.68 6.36
C LYS A 23 12.99 -11.08 5.07
N LYS A 24 11.79 -11.63 5.20
CA LYS A 24 11.02 -12.06 4.04
C LYS A 24 10.46 -10.86 3.28
N GLU A 25 10.10 -11.08 2.02
CA GLU A 25 9.55 -10.01 1.18
C GLU A 25 8.03 -10.10 1.11
N TYR A 26 7.37 -8.97 1.37
CA TYR A 26 5.92 -8.91 1.35
C TYR A 26 5.42 -7.96 0.27
N GLY A 27 4.15 -8.09 -0.11
CA GLY A 27 3.59 -7.23 -1.13
C GLY A 27 2.28 -6.61 -0.70
N CYS A 28 2.03 -5.39 -1.14
CA CYS A 28 0.81 -4.67 -0.79
C CYS A 28 -0.27 -4.88 -1.87
N LYS A 29 -1.50 -4.50 -1.54
CA LYS A 29 -2.61 -4.64 -2.47
C LYS A 29 -3.08 -3.28 -2.96
N ASN A 30 -3.16 -2.32 -2.04
CA ASN A 30 -3.59 -0.96 -2.37
C ASN A 30 -2.58 -0.27 -3.28
N CYS A 31 -1.46 0.14 -2.70
CA CYS A 31 -0.41 0.82 -3.46
C CYS A 31 0.27 -0.15 -4.43
N GLY A 32 0.42 -1.40 -4.00
CA GLY A 32 1.04 -2.40 -4.85
C GLY A 32 2.56 -2.29 -4.86
N ARG A 33 3.14 -2.10 -3.67
CA ARG A 33 4.58 -1.97 -3.56
C ARG A 33 5.16 -3.09 -2.70
N ALA A 34 6.48 -3.21 -2.69
CA ALA A 34 7.16 -4.24 -1.91
C ALA A 34 7.48 -3.74 -0.50
N PHE A 35 7.11 -4.53 0.50
CA PHE A 35 7.35 -4.17 1.89
C PHE A 35 7.85 -5.37 2.69
N CYS A 36 8.48 -5.10 3.82
CA CYS A 36 9.00 -6.16 4.68
C CYS A 36 8.00 -6.51 5.79
N ASN A 37 7.90 -7.80 6.09
CA ASN A 37 6.98 -8.26 7.13
C ASN A 37 6.82 -7.20 8.23
N GLY A 38 7.92 -6.52 8.54
CA GLY A 38 7.88 -5.50 9.56
C GLY A 38 6.98 -4.33 9.20
N CYS A 39 7.16 -3.81 7.99
CA CYS A 39 6.36 -2.68 7.51
C CYS A 39 4.99 -3.16 7.03
N LEU A 40 4.96 -4.33 6.41
CA LEU A 40 3.72 -4.89 5.90
C LEU A 40 3.05 -5.77 6.96
N SER A 41 2.79 -5.20 8.13
CA SER A 41 2.16 -5.92 9.22
C SER A 41 0.79 -5.34 9.54
N PHE A 42 0.12 -4.82 8.52
CA PHE A 42 -1.20 -4.23 8.69
C PHE A 42 -2.18 -4.76 7.64
N SER A 43 -3.47 -4.60 7.90
CA SER A 43 -4.50 -5.07 6.99
C SER A 43 -5.64 -4.05 6.89
N ALA A 44 -6.14 -3.84 5.66
CA ALA A 44 -7.23 -2.91 5.43
C ALA A 44 -7.97 -3.24 4.14
N LEU A 45 -9.26 -2.94 4.12
CA LEU A 45 -10.08 -3.20 2.95
C LEU A 45 -9.52 -2.51 1.71
N VAL A 46 -9.16 -3.31 0.71
CA VAL A 46 -8.61 -2.79 -0.54
C VAL A 46 -9.65 -2.81 -1.65
N PRO A 47 -9.92 -1.62 -2.23
CA PRO A 47 -10.89 -1.48 -3.31
C PRO A 47 -10.40 -2.11 -4.62
N ARG A 48 -9.10 -2.33 -4.71
CA ARG A 48 -8.50 -2.93 -5.90
C ARG A 48 -8.81 -4.43 -5.97
N ALA A 49 -8.70 -5.10 -4.82
CA ALA A 49 -8.97 -6.52 -4.75
C ALA A 49 -10.47 -6.81 -4.70
N GLY A 50 -11.22 -5.88 -4.10
CA GLY A 50 -12.66 -6.05 -4.00
C GLY A 50 -13.18 -5.79 -2.60
N ASN A 51 -12.65 -4.76 -1.96
CA ASN A 51 -13.06 -4.41 -0.60
C ASN A 51 -12.80 -5.57 0.36
N THR A 52 -11.58 -6.08 0.33
CA THR A 52 -11.20 -7.19 1.20
C THR A 52 -10.03 -6.82 2.11
N GLN A 53 -10.16 -7.14 3.39
CA GLN A 53 -9.11 -6.82 4.36
C GLN A 53 -7.82 -7.56 4.02
N GLN A 54 -7.08 -7.03 3.04
CA GLN A 54 -5.82 -7.63 2.63
C GLN A 54 -4.65 -6.99 3.34
N LYS A 55 -3.53 -7.71 3.41
CA LYS A 55 -2.33 -7.22 4.07
C LYS A 55 -1.75 -6.01 3.32
N VAL A 56 -1.82 -4.84 3.96
CA VAL A 56 -1.31 -3.62 3.36
C VAL A 56 -0.21 -3.01 4.22
N CYS A 57 0.59 -2.14 3.61
CA CYS A 57 1.68 -1.48 4.33
C CYS A 57 1.15 -0.40 5.25
N LYS A 58 1.93 -0.08 6.28
CA LYS A 58 1.54 0.94 7.25
C LYS A 58 0.79 2.08 6.57
N GLN A 59 1.49 2.82 5.72
CA GLN A 59 0.89 3.93 5.00
C GLN A 59 -0.53 3.59 4.55
N CYS A 60 -0.64 2.77 3.52
CA CYS A 60 -1.94 2.36 2.99
C CYS A 60 -2.92 2.08 4.12
N HIS A 61 -2.52 1.21 5.04
CA HIS A 61 -3.37 0.85 6.17
C HIS A 61 -3.97 2.10 6.81
N THR A 62 -3.19 3.18 6.83
CA THR A 62 -3.64 4.43 7.42
C THR A 62 -4.42 5.27 6.40
N ILE A 63 -3.96 5.27 5.16
CA ILE A 63 -4.62 6.02 4.10
C ILE A 63 -6.04 5.52 3.88
N LEU A 64 -6.23 4.21 3.99
CA LEU A 64 -7.55 3.61 3.81
C LEU A 64 -8.42 3.83 5.03
N THR A 65 -7.80 4.24 6.14
CA THR A 65 -8.52 4.48 7.37
C THR A 65 -8.60 5.97 7.68
N ARG A 66 -7.74 6.75 7.02
CA ARG A 66 -7.73 8.20 7.22
C ARG A 66 -8.83 8.87 6.41
N GLY A 67 -9.06 8.38 5.19
CA GLY A 67 -10.09 8.96 4.35
C GLY A 67 -10.22 10.45 4.53
N SER A 68 -9.13 11.18 4.28
CA SER A 68 -9.14 12.62 4.42
C SER A 68 -8.47 13.29 3.22
N SER A 69 -7.47 12.61 2.66
CA SER A 69 -6.75 13.14 1.50
C SER A 69 -7.57 12.99 0.23
N ASP A 70 -8.18 11.82 0.06
CA ASP A 70 -9.01 11.55 -1.11
C ASP A 70 -10.47 11.40 -0.72
N ASN A 71 -11.33 12.16 -1.40
CA ASN A 71 -12.77 12.11 -1.13
C ASN A 71 -13.45 11.02 -1.96
N ALA A 72 -14.37 10.31 -1.33
CA ALA A 72 -15.10 9.24 -2.02
C ALA A 72 -15.99 9.80 -3.11
N SER A 73 -15.79 9.32 -4.33
CA SER A 73 -16.58 9.78 -5.47
C SER A 73 -17.60 8.72 -5.90
N LYS A 74 -18.87 9.02 -5.70
CA LYS A 74 -19.94 8.09 -6.05
C LYS A 74 -20.15 8.07 -7.56
N TRP A 75 -21.15 7.30 -8.00
CA TRP A 75 -21.45 7.20 -9.43
C TRP A 75 -22.88 6.71 -9.64
N SER A 76 -23.39 6.89 -10.85
CA SER A 76 -24.75 6.47 -11.18
C SER A 76 -24.76 5.03 -11.69
N PRO A 77 -25.67 4.21 -11.13
CA PRO A 77 -25.80 2.80 -11.51
C PRO A 77 -26.35 2.62 -12.92
N PRO A 78 -26.12 1.45 -13.51
CA PRO A 78 -26.59 1.13 -14.86
C PRO A 78 -28.10 0.97 -14.92
N GLN A 79 -28.66 1.11 -16.13
CA GLN A 79 -30.09 0.99 -16.33
C GLN A 79 -30.65 -0.21 -15.55
N ASN A 80 -30.09 -1.38 -15.81
CA ASN A 80 -30.53 -2.60 -15.14
C ASN A 80 -29.66 -2.89 -13.93
N TYR A 81 -30.26 -2.84 -12.74
CA TYR A 81 -29.55 -3.09 -11.50
C TYR A 81 -30.27 -4.15 -10.66
N LYS A 82 -29.50 -4.98 -9.98
CA LYS A 82 -30.05 -6.04 -9.15
C LYS A 82 -29.56 -5.91 -7.71
N SER A 83 -30.47 -6.08 -6.76
CA SER A 83 -30.13 -5.97 -5.34
C SER A 83 -30.71 -7.14 -4.55
N GLY A 84 -30.03 -7.53 -3.48
CA GLY A 84 -30.49 -8.63 -2.66
C GLY A 84 -29.63 -8.85 -1.43
N PRO A 85 -30.24 -9.39 -0.36
CA PRO A 85 -29.53 -9.64 0.89
C PRO A 85 -28.53 -10.79 0.76
N SER A 86 -27.28 -10.52 1.14
CA SER A 86 -26.23 -11.51 1.07
C SER A 86 -25.14 -11.24 2.11
N SER A 87 -24.38 -12.27 2.45
CA SER A 87 -23.32 -12.15 3.43
C SER A 87 -22.27 -11.14 2.97
N GLY A 88 -21.78 -10.33 3.91
CA GLY A 88 -20.79 -9.33 3.58
C GLY A 88 -21.41 -8.06 3.02
N GLY A 1 28.70 10.20 0.73
CA GLY A 1 27.73 9.36 1.40
C GLY A 1 28.34 8.10 1.97
N SER A 2 28.10 7.87 3.26
CA SER A 2 28.65 6.69 3.93
C SER A 2 28.50 5.45 3.06
N SER A 3 27.29 5.24 2.55
CA SER A 3 27.01 4.08 1.70
C SER A 3 27.25 4.42 0.23
N GLY A 4 27.39 3.39 -0.60
CA GLY A 4 27.61 3.59 -2.01
C GLY A 4 28.25 2.39 -2.68
N SER A 5 27.91 2.19 -3.95
CA SER A 5 28.45 1.06 -4.70
C SER A 5 27.89 -0.26 -4.19
N SER A 6 26.57 -0.29 -3.96
CA SER A 6 25.92 -1.49 -3.46
C SER A 6 24.95 -2.05 -4.50
N GLY A 7 24.76 -3.36 -4.47
CA GLY A 7 23.87 -4.01 -5.42
C GLY A 7 22.47 -3.44 -5.36
N MET A 8 22.05 -3.02 -4.17
CA MET A 8 20.72 -2.45 -3.99
C MET A 8 19.64 -3.41 -4.49
N GLU A 9 19.71 -4.66 -4.02
CA GLU A 9 18.75 -5.68 -4.43
C GLU A 9 17.36 -5.34 -3.89
N SER A 10 16.38 -6.19 -4.22
CA SER A 10 15.01 -5.98 -3.78
C SER A 10 14.97 -5.50 -2.33
N ARG A 11 14.54 -4.25 -2.14
CA ARG A 11 14.45 -3.68 -0.80
C ARG A 11 13.01 -3.39 -0.43
N CYS A 12 12.81 -2.80 0.75
CA CYS A 12 11.48 -2.47 1.23
C CYS A 12 11.09 -1.04 0.84
N TYR A 13 9.82 -0.84 0.54
CA TYR A 13 9.33 0.47 0.14
C TYR A 13 8.86 1.27 1.36
N GLY A 14 9.45 0.97 2.52
CA GLY A 14 9.08 1.66 3.73
C GLY A 14 10.29 2.02 4.59
N CYS A 15 11.23 1.09 4.68
CA CYS A 15 12.44 1.31 5.47
C CYS A 15 13.69 1.08 4.63
N ALA A 16 13.50 0.49 3.45
CA ALA A 16 14.62 0.22 2.55
C ALA A 16 15.45 -0.95 3.05
N VAL A 17 14.83 -1.83 3.82
CA VAL A 17 15.51 -3.00 4.37
C VAL A 17 15.61 -4.11 3.32
N LYS A 18 16.84 -4.51 3.01
CA LYS A 18 17.09 -5.57 2.04
C LYS A 18 16.43 -6.87 2.47
N PHE A 19 15.62 -7.45 1.60
CA PHE A 19 14.93 -8.70 1.89
C PHE A 19 15.92 -9.86 1.95
N THR A 20 15.80 -10.68 2.99
CA THR A 20 16.68 -11.83 3.16
C THR A 20 15.94 -13.00 3.80
N LEU A 21 16.64 -14.12 3.95
CA LEU A 21 16.05 -15.31 4.55
C LEU A 21 15.27 -14.96 5.80
N PHE A 22 15.79 -14.02 6.58
CA PHE A 22 15.15 -13.57 7.81
C PHE A 22 14.13 -12.47 7.53
N LYS A 23 14.48 -11.58 6.60
CA LYS A 23 13.61 -10.47 6.24
C LYS A 23 12.92 -10.74 4.90
N LYS A 24 12.05 -11.73 4.87
CA LYS A 24 11.33 -12.09 3.65
C LYS A 24 10.77 -10.84 2.97
N GLU A 25 10.23 -11.02 1.77
CA GLU A 25 9.65 -9.92 1.02
C GLU A 25 8.13 -10.03 0.95
N TYR A 26 7.45 -8.94 1.27
CA TYR A 26 6.00 -8.92 1.25
C TYR A 26 5.48 -7.95 0.18
N GLY A 27 4.22 -8.13 -0.21
CA GLY A 27 3.63 -7.26 -1.21
C GLY A 27 2.32 -6.65 -0.75
N CYS A 28 2.06 -5.42 -1.19
CA CYS A 28 0.83 -4.73 -0.82
C CYS A 28 -0.25 -4.94 -1.87
N LYS A 29 -1.49 -4.58 -1.52
CA LYS A 29 -2.61 -4.73 -2.43
C LYS A 29 -3.10 -3.38 -2.92
N ASN A 30 -3.17 -2.41 -2.01
CA ASN A 30 -3.62 -1.07 -2.35
C ASN A 30 -2.63 -0.38 -3.28
N CYS A 31 -1.49 0.01 -2.73
CA CYS A 31 -0.45 0.67 -3.52
C CYS A 31 0.23 -0.32 -4.46
N GLY A 32 0.42 -1.54 -3.98
CA GLY A 32 1.07 -2.56 -4.79
C GLY A 32 2.57 -2.41 -4.81
N ARG A 33 3.16 -2.17 -3.65
CA ARG A 33 4.60 -2.00 -3.53
C ARG A 33 5.21 -3.10 -2.66
N ALA A 34 6.54 -3.24 -2.73
CA ALA A 34 7.24 -4.24 -1.95
C ALA A 34 7.54 -3.74 -0.55
N PHE A 35 7.15 -4.53 0.46
CA PHE A 35 7.36 -4.16 1.85
C PHE A 35 7.87 -5.35 2.65
N CYS A 36 8.49 -5.07 3.79
CA CYS A 36 9.03 -6.12 4.65
C CYS A 36 8.03 -6.47 5.75
N ASN A 37 7.94 -7.77 6.06
CA ASN A 37 7.02 -8.24 7.09
C ASN A 37 6.84 -7.18 8.17
N GLY A 38 7.91 -6.49 8.51
CA GLY A 38 7.84 -5.45 9.53
C GLY A 38 6.92 -4.31 9.14
N CYS A 39 7.12 -3.79 7.93
CA CYS A 39 6.30 -2.68 7.44
C CYS A 39 4.94 -3.18 6.96
N LEU A 40 4.94 -4.35 6.34
CA LEU A 40 3.71 -4.95 5.82
C LEU A 40 3.05 -5.83 6.88
N SER A 41 2.78 -5.26 8.04
CA SER A 41 2.15 -6.00 9.13
C SER A 41 0.79 -5.41 9.47
N PHE A 42 0.11 -4.88 8.45
CA PHE A 42 -1.21 -4.29 8.64
C PHE A 42 -2.20 -4.81 7.59
N SER A 43 -3.49 -4.61 7.86
CA SER A 43 -4.53 -5.06 6.94
C SER A 43 -5.66 -4.04 6.86
N ALA A 44 -6.19 -3.85 5.65
CA ALA A 44 -7.28 -2.89 5.44
C ALA A 44 -8.00 -3.18 4.13
N LEU A 45 -9.30 -2.90 4.11
CA LEU A 45 -10.12 -3.13 2.91
C LEU A 45 -9.50 -2.43 1.71
N VAL A 46 -9.18 -3.21 0.68
CA VAL A 46 -8.60 -2.67 -0.54
C VAL A 46 -9.62 -2.61 -1.66
N PRO A 47 -9.80 -1.41 -2.23
CA PRO A 47 -10.75 -1.18 -3.33
C PRO A 47 -10.31 -1.85 -4.62
N ARG A 48 -9.20 -2.58 -4.57
CA ARG A 48 -8.67 -3.27 -5.74
C ARG A 48 -8.95 -4.76 -5.66
N ALA A 49 -8.98 -5.29 -4.44
CA ALA A 49 -9.24 -6.71 -4.24
C ALA A 49 -10.67 -6.95 -3.77
N GLY A 50 -11.60 -6.14 -4.28
CA GLY A 50 -12.99 -6.27 -3.90
C GLY A 50 -13.26 -5.86 -2.47
N ASN A 51 -12.75 -4.69 -2.09
CA ASN A 51 -12.93 -4.18 -0.74
C ASN A 51 -12.73 -5.29 0.29
N THR A 52 -11.57 -5.97 0.20
CA THR A 52 -11.26 -7.06 1.12
C THR A 52 -10.10 -6.66 2.04
N GLN A 53 -10.19 -7.08 3.29
CA GLN A 53 -9.15 -6.79 4.27
C GLN A 53 -7.87 -7.57 3.97
N GLN A 54 -7.05 -7.03 3.09
CA GLN A 54 -5.79 -7.67 2.71
C GLN A 54 -4.62 -7.03 3.43
N LYS A 55 -3.50 -7.76 3.50
CA LYS A 55 -2.30 -7.26 4.15
C LYS A 55 -1.72 -6.08 3.39
N VAL A 56 -1.79 -4.89 3.98
CA VAL A 56 -1.27 -3.69 3.35
C VAL A 56 -0.17 -3.06 4.20
N CYS A 57 0.64 -2.21 3.57
CA CYS A 57 1.73 -1.54 4.28
C CYS A 57 1.20 -0.47 5.21
N LYS A 58 1.99 -0.14 6.24
CA LYS A 58 1.60 0.88 7.20
C LYS A 58 0.85 2.02 6.53
N GLN A 59 1.56 2.76 5.68
CA GLN A 59 0.96 3.89 4.97
C GLN A 59 -0.46 3.56 4.53
N CYS A 60 -0.58 2.72 3.50
CA CYS A 60 -1.88 2.33 2.98
C CYS A 60 -2.87 2.07 4.12
N HIS A 61 -2.48 1.18 5.04
CA HIS A 61 -3.33 0.85 6.18
C HIS A 61 -3.89 2.10 6.83
N THR A 62 -3.10 3.18 6.82
CA THR A 62 -3.51 4.44 7.41
C THR A 62 -4.32 5.27 6.42
N ILE A 63 -3.87 5.30 5.17
CA ILE A 63 -4.55 6.06 4.12
C ILE A 63 -5.97 5.56 3.92
N LEU A 64 -6.13 4.24 3.93
CA LEU A 64 -7.44 3.64 3.74
C LEU A 64 -8.33 3.88 4.97
N THR A 65 -7.70 4.18 6.09
CA THR A 65 -8.42 4.44 7.33
C THR A 65 -8.53 5.94 7.61
N ARG A 66 -7.67 6.71 6.97
CA ARG A 66 -7.67 8.16 7.16
C ARG A 66 -8.75 8.82 6.31
N GLY A 67 -8.84 8.40 5.05
CA GLY A 67 -9.84 8.97 4.17
C GLY A 67 -9.39 10.26 3.52
N SER A 68 -8.84 11.16 4.34
CA SER A 68 -8.36 12.45 3.85
C SER A 68 -7.55 12.28 2.57
N SER A 69 -8.16 12.62 1.44
CA SER A 69 -7.49 12.51 0.15
C SER A 69 -8.26 13.27 -0.94
N ASP A 70 -7.55 13.75 -1.94
CA ASP A 70 -8.15 14.50 -3.03
C ASP A 70 -8.11 13.69 -4.32
N ASN A 71 -9.17 12.93 -4.58
CA ASN A 71 -9.27 12.11 -5.78
C ASN A 71 -7.93 11.42 -6.07
N ALA A 72 -7.29 10.92 -5.02
CA ALA A 72 -6.01 10.25 -5.16
C ALA A 72 -6.20 8.78 -5.56
N SER A 73 -7.02 8.07 -4.80
CA SER A 73 -7.30 6.66 -5.08
C SER A 73 -7.90 6.49 -6.48
N LYS A 74 -8.09 5.24 -6.88
CA LYS A 74 -8.65 4.94 -8.18
C LYS A 74 -10.00 5.61 -8.36
N TRP A 75 -10.26 6.12 -9.56
CA TRP A 75 -11.51 6.78 -9.87
C TRP A 75 -11.79 6.79 -11.36
N SER A 76 -12.98 6.36 -11.75
CA SER A 76 -13.36 6.32 -13.16
C SER A 76 -14.70 7.01 -13.39
N PRO A 77 -14.89 7.56 -14.59
CA PRO A 77 -16.13 8.26 -14.95
C PRO A 77 -17.31 7.32 -15.10
N PRO A 78 -18.48 7.75 -14.60
CA PRO A 78 -19.71 6.96 -14.66
C PRO A 78 -20.25 6.83 -16.08
N GLN A 79 -21.51 6.43 -16.20
CA GLN A 79 -22.14 6.26 -17.50
C GLN A 79 -22.27 7.60 -18.22
N ASN A 80 -21.77 7.66 -19.45
CA ASN A 80 -21.82 8.88 -20.23
C ASN A 80 -21.68 10.11 -19.35
N TYR A 81 -20.67 10.10 -18.48
CA TYR A 81 -20.43 11.21 -17.57
C TYR A 81 -20.62 12.54 -18.28
N LYS A 82 -19.77 12.83 -19.26
CA LYS A 82 -19.84 14.07 -20.02
C LYS A 82 -20.31 15.22 -19.13
N SER A 83 -19.72 15.32 -17.95
CA SER A 83 -20.08 16.38 -17.01
C SER A 83 -18.95 17.39 -16.86
N GLY A 84 -17.73 16.88 -16.74
CA GLY A 84 -16.57 17.75 -16.59
C GLY A 84 -15.81 17.49 -15.31
N PRO A 85 -14.47 17.46 -15.40
CA PRO A 85 -13.60 17.22 -14.26
C PRO A 85 -13.60 18.38 -13.27
N SER A 86 -14.39 19.40 -13.57
CA SER A 86 -14.47 20.58 -12.72
C SER A 86 -15.75 20.55 -11.88
N SER A 87 -15.76 21.32 -10.80
CA SER A 87 -16.92 21.38 -9.92
C SER A 87 -17.16 22.81 -9.43
N GLY A 88 -18.41 23.11 -9.11
CA GLY A 88 -18.75 24.44 -8.64
C GLY A 88 -19.47 25.27 -9.69
N GLY A 1 38.14 9.27 9.32
CA GLY A 1 38.25 8.13 8.43
C GLY A 1 36.94 7.40 8.25
N SER A 2 36.24 7.71 7.17
CA SER A 2 34.95 7.08 6.88
C SER A 2 35.01 6.30 5.58
N SER A 3 34.50 5.07 5.61
CA SER A 3 34.50 4.22 4.42
C SER A 3 33.45 3.11 4.55
N GLY A 4 32.97 2.62 3.42
CA GLY A 4 31.97 1.57 3.43
C GLY A 4 31.11 1.58 2.18
N SER A 5 31.17 0.50 1.41
CA SER A 5 30.41 0.38 0.18
C SER A 5 29.48 -0.84 0.22
N SER A 6 28.52 -0.89 -0.69
CA SER A 6 27.58 -2.00 -0.76
C SER A 6 26.92 -2.07 -2.12
N GLY A 7 26.10 -3.10 -2.33
CA GLY A 7 25.42 -3.26 -3.60
C GLY A 7 23.98 -2.79 -3.54
N MET A 8 23.15 -3.32 -4.43
CA MET A 8 21.73 -2.96 -4.48
C MET A 8 20.86 -4.17 -4.83
N GLU A 9 19.75 -4.31 -4.12
CA GLU A 9 18.84 -5.42 -4.36
C GLU A 9 17.43 -5.07 -3.93
N SER A 10 16.52 -6.04 -4.01
CA SER A 10 15.13 -5.83 -3.63
C SER A 10 15.03 -5.35 -2.19
N ARG A 11 14.66 -4.08 -2.02
CA ARG A 11 14.52 -3.49 -0.69
C ARG A 11 13.05 -3.21 -0.37
N CYS A 12 12.81 -2.72 0.84
CA CYS A 12 11.45 -2.41 1.28
C CYS A 12 11.05 -0.99 0.86
N TYR A 13 9.76 -0.80 0.60
CA TYR A 13 9.25 0.50 0.19
C TYR A 13 8.78 1.30 1.40
N GLY A 14 9.36 1.01 2.55
CA GLY A 14 8.98 1.72 3.76
C GLY A 14 10.20 2.08 4.61
N CYS A 15 11.12 1.15 4.76
CA CYS A 15 12.33 1.37 5.55
C CYS A 15 13.58 1.21 4.69
N ALA A 16 13.40 0.65 3.50
CA ALA A 16 14.52 0.44 2.58
C ALA A 16 15.38 -0.73 3.03
N VAL A 17 14.78 -1.65 3.75
CA VAL A 17 15.50 -2.82 4.24
C VAL A 17 15.66 -3.89 3.15
N LYS A 18 16.81 -4.54 3.13
CA LYS A 18 17.08 -5.57 2.14
C LYS A 18 16.39 -6.89 2.52
N PHE A 19 15.69 -7.47 1.57
CA PHE A 19 14.98 -8.74 1.80
C PHE A 19 15.95 -9.91 1.75
N THR A 20 16.01 -10.67 2.84
CA THR A 20 16.89 -11.82 2.92
C THR A 20 16.22 -12.99 3.65
N LEU A 21 16.95 -14.07 3.82
CA LEU A 21 16.42 -15.25 4.51
C LEU A 21 15.52 -14.85 5.67
N PHE A 22 16.11 -14.18 6.65
CA PHE A 22 15.36 -13.73 7.82
C PHE A 22 14.30 -12.72 7.44
N LYS A 23 14.69 -11.73 6.63
CA LYS A 23 13.77 -10.69 6.18
C LYS A 23 13.12 -11.07 4.85
N LYS A 24 11.93 -11.67 4.95
CA LYS A 24 11.20 -12.08 3.76
C LYS A 24 10.63 -10.88 3.02
N GLU A 25 10.15 -11.11 1.80
CA GLU A 25 9.58 -10.04 0.99
C GLU A 25 8.06 -10.12 0.96
N TYR A 26 7.40 -9.01 1.26
CA TYR A 26 5.94 -8.96 1.28
C TYR A 26 5.42 -8.02 0.21
N GLY A 27 4.15 -8.19 -0.16
CA GLY A 27 3.54 -7.35 -1.17
C GLY A 27 2.24 -6.73 -0.70
N CYS A 28 1.97 -5.51 -1.17
CA CYS A 28 0.76 -4.80 -0.79
C CYS A 28 -0.34 -5.02 -1.83
N LYS A 29 -1.57 -4.68 -1.47
CA LYS A 29 -2.72 -4.84 -2.36
C LYS A 29 -3.19 -3.48 -2.88
N ASN A 30 -3.21 -2.49 -1.98
CA ASN A 30 -3.66 -1.16 -2.35
C ASN A 30 -2.67 -0.50 -3.31
N CYS A 31 -1.52 -0.10 -2.77
CA CYS A 31 -0.48 0.54 -3.57
C CYS A 31 0.21 -0.47 -4.48
N GLY A 32 0.34 -1.70 -4.00
CA GLY A 32 0.98 -2.74 -4.79
C GLY A 32 2.49 -2.59 -4.83
N ARG A 33 3.09 -2.35 -3.67
CA ARG A 33 4.53 -2.19 -3.58
C ARG A 33 5.15 -3.27 -2.71
N ALA A 34 6.47 -3.37 -2.74
CA ALA A 34 7.19 -4.37 -1.94
C ALA A 34 7.50 -3.84 -0.56
N PHE A 35 7.12 -4.60 0.46
CA PHE A 35 7.36 -4.21 1.85
C PHE A 35 7.88 -5.39 2.66
N CYS A 36 8.49 -5.08 3.81
CA CYS A 36 9.03 -6.11 4.69
C CYS A 36 8.04 -6.48 5.78
N ASN A 37 7.97 -7.78 6.08
CA ASN A 37 7.05 -8.26 7.11
C ASN A 37 6.85 -7.21 8.20
N GLY A 38 7.91 -6.49 8.52
CA GLY A 38 7.83 -5.46 9.55
C GLY A 38 6.92 -4.32 9.16
N CYS A 39 7.09 -3.81 7.94
CA CYS A 39 6.27 -2.71 7.45
C CYS A 39 4.92 -3.21 6.96
N LEU A 40 4.91 -4.38 6.35
CA LEU A 40 3.68 -4.97 5.84
C LEU A 40 3.02 -5.86 6.90
N SER A 41 2.73 -5.26 8.06
CA SER A 41 2.11 -5.99 9.15
C SER A 41 0.74 -5.39 9.50
N PHE A 42 0.06 -4.88 8.48
CA PHE A 42 -1.25 -4.27 8.68
C PHE A 42 -2.25 -4.79 7.66
N SER A 43 -3.54 -4.64 7.96
CA SER A 43 -4.59 -5.09 7.06
C SER A 43 -5.71 -4.05 6.95
N ALA A 44 -6.23 -3.88 5.75
CA ALA A 44 -7.30 -2.92 5.51
C ALA A 44 -8.03 -3.22 4.20
N LEU A 45 -9.29 -2.83 4.12
CA LEU A 45 -10.10 -3.06 2.93
C LEU A 45 -9.45 -2.41 1.70
N VAL A 46 -9.21 -3.20 0.67
CA VAL A 46 -8.60 -2.69 -0.55
C VAL A 46 -9.60 -2.70 -1.71
N PRO A 47 -9.83 -1.51 -2.29
CA PRO A 47 -10.77 -1.35 -3.40
C PRO A 47 -10.26 -2.00 -4.68
N ARG A 48 -8.99 -2.38 -4.69
CA ARG A 48 -8.38 -3.01 -5.85
C ARG A 48 -8.72 -4.50 -5.90
N ALA A 49 -8.73 -5.14 -4.75
CA ALA A 49 -9.04 -6.56 -4.66
C ALA A 49 -10.55 -6.78 -4.63
N GLY A 50 -11.27 -5.83 -4.03
CA GLY A 50 -12.71 -5.95 -3.94
C GLY A 50 -13.24 -5.63 -2.56
N ASN A 51 -12.69 -4.59 -1.95
CA ASN A 51 -13.10 -4.17 -0.60
C ASN A 51 -12.88 -5.29 0.40
N THR A 52 -11.69 -5.88 0.37
CA THR A 52 -11.35 -6.97 1.28
C THR A 52 -10.18 -6.59 2.18
N GLN A 53 -10.27 -6.95 3.45
CA GLN A 53 -9.21 -6.65 4.42
C GLN A 53 -7.96 -7.46 4.12
N GLN A 54 -7.13 -6.96 3.22
CA GLN A 54 -5.88 -7.65 2.86
C GLN A 54 -4.68 -7.01 3.55
N LYS A 55 -3.59 -7.76 3.63
CA LYS A 55 -2.37 -7.27 4.25
C LYS A 55 -1.78 -6.10 3.46
N VAL A 56 -1.85 -4.90 4.05
CA VAL A 56 -1.31 -3.71 3.39
C VAL A 56 -0.19 -3.09 4.23
N CYS A 57 0.59 -2.23 3.59
CA CYS A 57 1.70 -1.56 4.27
C CYS A 57 1.18 -0.46 5.20
N LYS A 58 1.96 -0.16 6.23
CA LYS A 58 1.58 0.88 7.19
C LYS A 58 0.84 2.03 6.49
N GLN A 59 1.56 2.73 5.63
CA GLN A 59 0.97 3.86 4.90
C GLN A 59 -0.45 3.54 4.47
N CYS A 60 -0.58 2.69 3.45
CA CYS A 60 -1.89 2.31 2.94
C CYS A 60 -2.88 2.06 4.09
N HIS A 61 -2.50 1.17 5.00
CA HIS A 61 -3.34 0.85 6.14
C HIS A 61 -3.87 2.12 6.80
N THR A 62 -3.07 3.18 6.78
CA THR A 62 -3.46 4.45 7.37
C THR A 62 -4.23 5.31 6.38
N ILE A 63 -3.82 5.24 5.12
CA ILE A 63 -4.48 6.02 4.07
C ILE A 63 -5.92 5.56 3.86
N LEU A 64 -6.12 4.24 3.88
CA LEU A 64 -7.46 3.68 3.70
C LEU A 64 -8.32 3.91 4.93
N THR A 65 -7.67 4.23 6.05
CA THR A 65 -8.37 4.47 7.31
C THR A 65 -8.52 5.96 7.57
N ARG A 66 -7.63 6.75 6.99
CA ARG A 66 -7.67 8.20 7.17
C ARG A 66 -8.79 8.83 6.35
N GLY A 67 -9.09 8.21 5.21
CA GLY A 67 -10.15 8.71 4.35
C GLY A 67 -11.23 7.68 4.09
N SER A 68 -11.51 7.44 2.82
CA SER A 68 -12.54 6.46 2.43
C SER A 68 -12.56 6.28 0.92
N SER A 69 -13.11 5.15 0.48
CA SER A 69 -13.20 4.85 -0.95
C SER A 69 -13.89 5.99 -1.71
N ASP A 70 -14.97 6.50 -1.12
CA ASP A 70 -15.71 7.59 -1.73
C ASP A 70 -15.23 8.94 -1.23
N ASN A 71 -14.63 9.72 -2.11
CA ASN A 71 -14.11 11.03 -1.76
C ASN A 71 -14.71 12.12 -2.65
N ALA A 72 -15.11 13.23 -2.04
CA ALA A 72 -15.70 14.34 -2.77
C ALA A 72 -15.54 15.65 -2.02
N SER A 73 -15.09 16.68 -2.72
CA SER A 73 -14.89 18.00 -2.11
C SER A 73 -14.04 17.88 -0.85
N LYS A 74 -12.99 17.06 -0.92
CA LYS A 74 -12.09 16.87 0.21
C LYS A 74 -11.63 18.20 0.78
N TRP A 75 -11.51 18.27 2.10
CA TRP A 75 -11.07 19.49 2.77
C TRP A 75 -9.55 19.54 2.87
N SER A 76 -8.97 20.66 2.42
CA SER A 76 -7.52 20.83 2.47
C SER A 76 -7.16 22.16 3.11
N PRO A 77 -6.06 22.17 3.87
CA PRO A 77 -5.56 23.37 4.55
C PRO A 77 -5.02 24.41 3.58
N PRO A 78 -5.34 25.69 3.82
CA PRO A 78 -4.88 26.79 2.97
C PRO A 78 -3.39 27.05 3.11
N GLN A 79 -2.84 27.86 2.21
CA GLN A 79 -1.43 28.19 2.23
C GLN A 79 -0.93 28.38 3.65
N ASN A 80 -1.73 29.07 4.46
CA ASN A 80 -1.37 29.32 5.85
C ASN A 80 -1.84 28.18 6.76
N TYR A 81 -0.93 27.71 7.60
CA TYR A 81 -1.25 26.61 8.52
C TYR A 81 -0.30 26.61 9.71
N LYS A 82 -0.87 26.69 10.91
CA LYS A 82 -0.07 26.69 12.13
C LYS A 82 0.99 27.78 12.08
N SER A 83 0.61 28.95 11.59
CA SER A 83 1.53 30.08 11.50
C SER A 83 0.80 31.40 11.74
N GLY A 84 1.46 32.30 12.46
CA GLY A 84 0.87 33.60 12.75
C GLY A 84 0.23 33.65 14.12
N PRO A 85 -0.39 34.79 14.46
CA PRO A 85 -1.04 34.99 15.75
C PRO A 85 -2.29 34.15 15.91
N SER A 86 -2.89 33.77 14.78
CA SER A 86 -4.10 32.96 14.79
C SER A 86 -3.93 31.73 15.67
N SER A 87 -4.84 31.56 16.62
CA SER A 87 -4.79 30.42 17.54
C SER A 87 -5.90 29.42 17.22
N GLY A 88 -5.54 28.34 16.53
CA GLY A 88 -6.50 27.33 16.17
C GLY A 88 -7.75 27.92 15.52
N GLY A 1 31.39 14.12 -12.69
CA GLY A 1 31.73 12.82 -12.12
C GLY A 1 30.88 11.70 -12.68
N SER A 2 31.49 10.53 -12.85
CA SER A 2 30.78 9.38 -13.39
C SER A 2 29.70 8.89 -12.42
N SER A 3 28.72 8.17 -12.94
CA SER A 3 27.64 7.64 -12.13
C SER A 3 27.54 6.13 -12.25
N GLY A 4 27.43 5.46 -11.12
CA GLY A 4 27.33 4.01 -11.12
C GLY A 4 26.67 3.47 -9.87
N SER A 5 25.62 2.65 -10.06
CA SER A 5 24.90 2.06 -8.94
C SER A 5 24.78 0.55 -9.09
N SER A 6 25.40 -0.17 -8.16
CA SER A 6 25.38 -1.63 -8.20
C SER A 6 25.27 -2.20 -6.78
N GLY A 7 24.17 -2.90 -6.52
CA GLY A 7 23.97 -3.49 -5.21
C GLY A 7 22.51 -3.55 -4.82
N MET A 8 22.10 -2.67 -3.91
CA MET A 8 20.72 -2.62 -3.45
C MET A 8 19.76 -2.62 -4.64
N GLU A 9 18.97 -3.68 -4.76
CA GLU A 9 18.01 -3.80 -5.85
C GLU A 9 16.61 -4.08 -5.31
N SER A 10 16.49 -5.10 -4.47
CA SER A 10 15.20 -5.47 -3.88
C SER A 10 15.16 -5.12 -2.40
N ARG A 11 14.54 -3.98 -2.08
CA ARG A 11 14.43 -3.54 -0.69
C ARG A 11 12.98 -3.26 -0.32
N CYS A 12 12.76 -2.77 0.89
CA CYS A 12 11.41 -2.45 1.37
C CYS A 12 11.01 -1.05 0.97
N TYR A 13 9.73 -0.85 0.69
CA TYR A 13 9.21 0.45 0.29
C TYR A 13 8.74 1.24 1.51
N GLY A 14 9.33 0.95 2.66
CA GLY A 14 8.97 1.63 3.88
C GLY A 14 10.17 2.02 4.72
N CYS A 15 11.13 1.12 4.81
CA CYS A 15 12.35 1.36 5.58
C CYS A 15 13.59 1.24 4.71
N ALA A 16 13.40 0.74 3.49
CA ALA A 16 14.50 0.56 2.56
C ALA A 16 15.39 -0.63 2.94
N VAL A 17 14.80 -1.57 3.67
CA VAL A 17 15.53 -2.76 4.11
C VAL A 17 15.66 -3.77 2.98
N LYS A 18 16.76 -4.51 2.98
CA LYS A 18 17.01 -5.52 1.95
C LYS A 18 16.43 -6.87 2.37
N PHE A 19 15.64 -7.46 1.49
CA PHE A 19 15.02 -8.75 1.76
C PHE A 19 16.05 -9.87 1.69
N THR A 20 16.04 -10.74 2.69
CA THR A 20 16.98 -11.86 2.75
C THR A 20 16.31 -13.11 3.31
N LEU A 21 17.09 -14.17 3.48
CA LEU A 21 16.58 -15.42 4.02
C LEU A 21 15.82 -15.20 5.32
N PHE A 22 16.38 -14.37 6.18
CA PHE A 22 15.76 -14.06 7.47
C PHE A 22 14.63 -13.03 7.30
N LYS A 23 14.84 -12.09 6.39
CA LYS A 23 13.85 -11.06 6.12
C LYS A 23 13.11 -11.33 4.82
N LYS A 24 11.93 -11.94 4.92
CA LYS A 24 11.13 -12.25 3.75
C LYS A 24 10.56 -10.97 3.13
N GLU A 25 10.11 -11.08 1.88
CA GLU A 25 9.55 -9.94 1.17
C GLU A 25 8.03 -10.07 1.07
N TYR A 26 7.33 -8.98 1.40
CA TYR A 26 5.87 -8.97 1.36
C TYR A 26 5.38 -8.00 0.29
N GLY A 27 4.11 -8.17 -0.12
CA GLY A 27 3.54 -7.32 -1.13
C GLY A 27 2.24 -6.69 -0.68
N CYS A 28 1.97 -5.47 -1.14
CA CYS A 28 0.76 -4.75 -0.78
C CYS A 28 -0.31 -4.94 -1.86
N LYS A 29 -1.56 -4.70 -1.48
CA LYS A 29 -2.69 -4.82 -2.41
C LYS A 29 -3.13 -3.46 -2.92
N ASN A 30 -3.23 -2.49 -2.01
CA ASN A 30 -3.64 -1.15 -2.38
C ASN A 30 -2.64 -0.50 -3.32
N CYS A 31 -1.51 -0.08 -2.76
CA CYS A 31 -0.45 0.55 -3.54
C CYS A 31 0.25 -0.47 -4.43
N GLY A 32 0.38 -1.69 -3.94
CA GLY A 32 1.03 -2.74 -4.71
C GLY A 32 2.53 -2.59 -4.73
N ARG A 33 3.11 -2.32 -3.56
CA ARG A 33 4.56 -2.15 -3.45
C ARG A 33 5.17 -3.25 -2.57
N ALA A 34 6.49 -3.36 -2.61
CA ALA A 34 7.20 -4.37 -1.82
C ALA A 34 7.50 -3.85 -0.42
N PHE A 35 7.07 -4.59 0.59
CA PHE A 35 7.28 -4.21 1.98
C PHE A 35 7.80 -5.39 2.79
N CYS A 36 8.45 -5.09 3.91
CA CYS A 36 8.99 -6.13 4.79
C CYS A 36 8.00 -6.48 5.89
N ASN A 37 8.01 -7.74 6.31
CA ASN A 37 7.11 -8.20 7.36
C ASN A 37 6.95 -7.14 8.44
N GLY A 38 8.04 -6.44 8.76
CA GLY A 38 7.99 -5.40 9.77
C GLY A 38 7.08 -4.25 9.38
N CYS A 39 7.10 -3.89 8.09
CA CYS A 39 6.27 -2.80 7.60
C CYS A 39 4.91 -3.30 7.16
N LEU A 40 4.90 -4.39 6.39
CA LEU A 40 3.65 -4.98 5.91
C LEU A 40 2.99 -5.82 7.00
N SER A 41 2.68 -5.18 8.12
CA SER A 41 2.05 -5.88 9.24
C SER A 41 0.69 -5.26 9.57
N PHE A 42 0.01 -4.78 8.52
CA PHE A 42 -1.31 -4.16 8.69
C PHE A 42 -2.30 -4.69 7.66
N SER A 43 -3.58 -4.56 7.95
CA SER A 43 -4.63 -5.02 7.05
C SER A 43 -5.75 -3.99 6.93
N ALA A 44 -6.21 -3.77 5.71
CA ALA A 44 -7.28 -2.81 5.46
C ALA A 44 -7.99 -3.11 4.15
N LEU A 45 -9.28 -2.79 4.09
CA LEU A 45 -10.09 -3.03 2.89
C LEU A 45 -9.44 -2.38 1.67
N VAL A 46 -9.12 -3.19 0.68
CA VAL A 46 -8.50 -2.69 -0.54
C VAL A 46 -9.51 -2.64 -1.69
N PRO A 47 -9.70 -1.45 -2.27
CA PRO A 47 -10.63 -1.24 -3.37
C PRO A 47 -10.15 -1.89 -4.66
N ARG A 48 -9.02 -2.57 -4.59
CA ARG A 48 -8.46 -3.25 -5.75
C ARG A 48 -8.75 -4.75 -5.71
N ALA A 49 -8.74 -5.31 -4.51
CA ALA A 49 -9.01 -6.73 -4.33
C ALA A 49 -10.47 -6.98 -3.97
N GLY A 50 -11.33 -6.02 -4.31
CA GLY A 50 -12.74 -6.16 -4.01
C GLY A 50 -13.08 -5.75 -2.60
N ASN A 51 -12.61 -4.57 -2.19
CA ASN A 51 -12.87 -4.07 -0.84
C ASN A 51 -12.70 -5.19 0.19
N THR A 52 -11.56 -5.86 0.15
CA THR A 52 -11.29 -6.96 1.08
C THR A 52 -10.13 -6.61 2.01
N GLN A 53 -10.29 -6.95 3.28
CA GLN A 53 -9.25 -6.66 4.27
C GLN A 53 -8.00 -7.49 4.00
N GLN A 54 -7.09 -6.93 3.20
CA GLN A 54 -5.86 -7.61 2.85
C GLN A 54 -4.67 -6.99 3.57
N LYS A 55 -3.57 -7.73 3.67
CA LYS A 55 -2.37 -7.25 4.33
C LYS A 55 -1.74 -6.10 3.55
N VAL A 56 -1.90 -4.89 4.06
CA VAL A 56 -1.34 -3.70 3.41
C VAL A 56 -0.23 -3.09 4.24
N CYS A 57 0.51 -2.16 3.64
CA CYS A 57 1.61 -1.50 4.33
C CYS A 57 1.10 -0.39 5.24
N LYS A 58 1.87 -0.08 6.27
CA LYS A 58 1.50 0.97 7.21
C LYS A 58 0.77 2.11 6.51
N GLN A 59 1.48 2.82 5.64
CA GLN A 59 0.90 3.92 4.89
C GLN A 59 -0.52 3.60 4.45
N CYS A 60 -0.65 2.74 3.46
CA CYS A 60 -1.96 2.34 2.94
C CYS A 60 -2.94 2.10 4.09
N HIS A 61 -2.55 1.25 5.02
CA HIS A 61 -3.40 0.93 6.17
C HIS A 61 -3.96 2.21 6.79
N THR A 62 -3.19 3.29 6.73
CA THR A 62 -3.62 4.57 7.29
C THR A 62 -4.37 5.39 6.25
N ILE A 63 -3.91 5.33 5.01
CA ILE A 63 -4.55 6.07 3.93
C ILE A 63 -5.98 5.60 3.71
N LEU A 64 -6.20 4.30 3.85
CA LEU A 64 -7.52 3.71 3.66
C LEU A 64 -8.41 3.98 4.87
N THR A 65 -7.77 4.28 6.01
CA THR A 65 -8.50 4.56 7.24
C THR A 65 -8.65 6.06 7.46
N ARG A 66 -7.77 6.84 6.84
CA ARG A 66 -7.80 8.29 6.98
C ARG A 66 -8.92 8.89 6.15
N GLY A 67 -9.15 8.32 4.97
CA GLY A 67 -10.20 8.82 4.10
C GLY A 67 -10.32 10.32 4.14
N SER A 68 -9.39 11.02 3.50
CA SER A 68 -9.40 12.48 3.47
C SER A 68 -9.81 12.99 2.10
N SER A 69 -9.03 12.63 1.08
CA SER A 69 -9.31 13.06 -0.28
C SER A 69 -10.38 12.17 -0.93
N ASP A 70 -11.53 12.76 -1.21
CA ASP A 70 -12.64 12.04 -1.82
C ASP A 70 -13.78 12.99 -2.19
N ASN A 71 -14.46 12.67 -3.28
CA ASN A 71 -15.57 13.50 -3.75
C ASN A 71 -16.52 13.83 -2.59
N ALA A 72 -17.15 14.99 -2.67
CA ALA A 72 -18.08 15.43 -1.63
C ALA A 72 -19.18 14.39 -1.41
N SER A 73 -19.07 13.64 -0.32
CA SER A 73 -20.05 12.61 0.00
C SER A 73 -20.41 12.64 1.49
N LYS A 74 -21.70 12.68 1.78
CA LYS A 74 -22.18 12.71 3.16
C LYS A 74 -23.21 11.60 3.40
N TRP A 75 -23.20 11.05 4.61
CA TRP A 75 -24.13 9.99 4.97
C TRP A 75 -25.15 10.49 5.99
N SER A 76 -26.40 10.04 5.84
CA SER A 76 -27.48 10.44 6.74
C SER A 76 -27.71 9.38 7.81
N PRO A 77 -27.86 9.83 9.07
CA PRO A 77 -28.09 8.93 10.20
C PRO A 77 -29.48 8.30 10.16
N PRO A 78 -29.60 7.10 10.76
CA PRO A 78 -30.87 6.37 10.81
C PRO A 78 -31.89 7.04 11.73
N GLN A 79 -33.07 6.45 11.82
CA GLN A 79 -34.14 6.99 12.65
C GLN A 79 -33.79 6.86 14.13
N ASN A 80 -33.46 5.64 14.55
CA ASN A 80 -33.10 5.38 15.94
C ASN A 80 -31.62 5.63 16.18
N TYR A 81 -31.25 6.88 16.37
CA TYR A 81 -29.86 7.25 16.61
C TYR A 81 -29.75 8.72 17.00
N LYS A 82 -29.34 8.97 18.25
CA LYS A 82 -29.19 10.34 18.74
C LYS A 82 -27.91 10.46 19.57
N SER A 83 -27.30 11.64 19.51
CA SER A 83 -26.07 11.90 20.27
C SER A 83 -25.99 13.36 20.70
N GLY A 84 -25.19 13.63 21.72
CA GLY A 84 -25.04 14.98 22.21
C GLY A 84 -24.27 15.87 21.25
N PRO A 85 -24.00 17.11 21.68
CA PRO A 85 -23.26 18.07 20.86
C PRO A 85 -21.80 17.70 20.69
N SER A 86 -21.39 16.62 21.33
CA SER A 86 -20.01 16.15 21.26
C SER A 86 -19.58 15.95 19.81
N SER A 87 -18.72 16.83 19.32
CA SER A 87 -18.23 16.75 17.95
C SER A 87 -16.72 16.94 17.89
N GLY A 88 -16.07 16.21 17.00
CA GLY A 88 -14.63 16.31 16.86
C GLY A 88 -14.08 15.33 15.83
N GLY A 1 22.18 13.28 -6.76
CA GLY A 1 22.04 12.16 -7.66
C GLY A 1 22.66 10.88 -7.12
N SER A 2 22.73 9.86 -7.95
CA SER A 2 23.29 8.57 -7.54
C SER A 2 24.78 8.51 -7.86
N SER A 3 25.60 8.40 -6.81
CA SER A 3 27.05 8.34 -6.98
C SER A 3 27.53 6.88 -7.01
N GLY A 4 27.44 6.27 -8.19
CA GLY A 4 27.86 4.89 -8.33
C GLY A 4 27.44 4.02 -7.15
N SER A 5 26.15 3.77 -7.04
CA SER A 5 25.62 2.96 -5.95
C SER A 5 25.68 1.48 -6.30
N SER A 6 26.42 0.72 -5.51
CA SER A 6 26.56 -0.72 -5.73
C SER A 6 25.74 -1.51 -4.72
N GLY A 7 25.15 -2.61 -5.18
CA GLY A 7 24.34 -3.44 -4.30
C GLY A 7 22.93 -2.93 -4.16
N MET A 8 22.15 -3.01 -5.23
CA MET A 8 20.77 -2.55 -5.22
C MET A 8 19.82 -3.68 -5.59
N GLU A 9 19.35 -4.42 -4.59
CA GLU A 9 18.43 -5.53 -4.82
C GLU A 9 17.03 -5.19 -4.28
N SER A 10 16.14 -6.18 -4.35
CA SER A 10 14.77 -5.98 -3.89
C SER A 10 14.75 -5.55 -2.43
N ARG A 11 14.38 -4.30 -2.20
CA ARG A 11 14.32 -3.76 -0.84
C ARG A 11 12.87 -3.47 -0.44
N CYS A 12 12.69 -2.90 0.74
CA CYS A 12 11.37 -2.56 1.25
C CYS A 12 10.98 -1.14 0.85
N TYR A 13 9.69 -0.93 0.59
CA TYR A 13 9.19 0.39 0.22
C TYR A 13 8.73 1.17 1.44
N GLY A 14 9.33 0.87 2.59
CA GLY A 14 8.96 1.55 3.81
C GLY A 14 10.18 1.91 4.66
N CYS A 15 11.14 1.00 4.72
CA CYS A 15 12.35 1.22 5.49
C CYS A 15 13.60 1.09 4.61
N ALA A 16 13.40 0.59 3.39
CA ALA A 16 14.50 0.41 2.46
C ALA A 16 15.39 -0.77 2.87
N VAL A 17 14.80 -1.72 3.58
CA VAL A 17 15.53 -2.90 4.02
C VAL A 17 15.65 -3.93 2.91
N LYS A 18 16.76 -4.67 2.92
CA LYS A 18 17.00 -5.70 1.91
C LYS A 18 16.38 -7.03 2.32
N PHE A 19 15.46 -7.52 1.49
CA PHE A 19 14.79 -8.79 1.76
C PHE A 19 15.79 -9.95 1.74
N THR A 20 15.99 -10.56 2.91
CA THR A 20 16.92 -11.67 3.03
C THR A 20 16.30 -12.81 3.85
N LEU A 21 17.00 -13.94 3.90
CA LEU A 21 16.53 -15.09 4.65
C LEU A 21 15.84 -14.66 5.94
N PHE A 22 16.46 -13.72 6.65
CA PHE A 22 15.90 -13.22 7.90
C PHE A 22 14.75 -12.26 7.64
N LYS A 23 14.89 -11.44 6.60
CA LYS A 23 13.86 -10.48 6.25
C LYS A 23 13.13 -10.90 4.97
N LYS A 24 11.98 -11.54 5.14
CA LYS A 24 11.18 -12.00 4.01
C LYS A 24 10.61 -10.81 3.23
N GLU A 25 10.14 -11.08 2.02
CA GLU A 25 9.56 -10.04 1.17
C GLU A 25 8.05 -10.16 1.11
N TYR A 26 7.36 -9.04 1.28
CA TYR A 26 5.90 -9.02 1.25
C TYR A 26 5.39 -8.05 0.18
N GLY A 27 4.13 -8.21 -0.19
CA GLY A 27 3.54 -7.36 -1.20
C GLY A 27 2.24 -6.74 -0.73
N CYS A 28 1.97 -5.51 -1.18
CA CYS A 28 0.76 -4.80 -0.81
C CYS A 28 -0.34 -5.01 -1.86
N LYS A 29 -1.57 -4.66 -1.50
CA LYS A 29 -2.70 -4.80 -2.41
C LYS A 29 -3.18 -3.44 -2.90
N ASN A 30 -3.24 -2.47 -1.99
CA ASN A 30 -3.68 -1.12 -2.33
C ASN A 30 -2.68 -0.45 -3.26
N CYS A 31 -1.55 -0.03 -2.71
CA CYS A 31 -0.52 0.64 -3.49
C CYS A 31 0.16 -0.33 -4.44
N GLY A 32 0.31 -1.58 -4.01
CA GLY A 32 0.94 -2.59 -4.83
C GLY A 32 2.45 -2.46 -4.86
N ARG A 33 3.04 -2.25 -3.68
CA ARG A 33 4.49 -2.11 -3.57
C ARG A 33 5.08 -3.20 -2.69
N ALA A 34 6.39 -3.36 -2.74
CA ALA A 34 7.08 -4.37 -1.95
C ALA A 34 7.38 -3.85 -0.55
N PHE A 35 7.05 -4.67 0.46
CA PHE A 35 7.30 -4.28 1.85
C PHE A 35 7.82 -5.47 2.66
N CYS A 36 8.46 -5.17 3.79
CA CYS A 36 9.00 -6.21 4.65
C CYS A 36 8.01 -6.57 5.76
N ASN A 37 8.03 -7.84 6.16
CA ASN A 37 7.13 -8.32 7.21
C ASN A 37 6.98 -7.26 8.30
N GLY A 38 8.06 -6.56 8.60
CA GLY A 38 8.03 -5.54 9.63
C GLY A 38 7.12 -4.38 9.27
N CYS A 39 7.12 -4.01 7.99
CA CYS A 39 6.30 -2.91 7.51
C CYS A 39 4.92 -3.40 7.07
N LEU A 40 4.90 -4.49 6.30
CA LEU A 40 3.65 -5.07 5.81
C LEU A 40 3.00 -5.93 6.89
N SER A 41 2.69 -5.30 8.03
CA SER A 41 2.06 -6.01 9.13
C SER A 41 0.72 -5.40 9.48
N PHE A 42 0.00 -4.92 8.46
CA PHE A 42 -1.30 -4.30 8.65
C PHE A 42 -2.31 -4.81 7.62
N SER A 43 -3.59 -4.67 7.94
CA SER A 43 -4.64 -5.12 7.04
C SER A 43 -5.75 -4.06 6.93
N ALA A 44 -6.24 -3.85 5.72
CA ALA A 44 -7.30 -2.88 5.47
C ALA A 44 -8.03 -3.17 4.17
N LEU A 45 -9.31 -2.84 4.13
CA LEU A 45 -10.12 -3.07 2.93
C LEU A 45 -9.48 -2.40 1.71
N VAL A 46 -9.18 -3.20 0.70
CA VAL A 46 -8.57 -2.69 -0.53
C VAL A 46 -9.58 -2.68 -1.67
N PRO A 47 -9.80 -1.50 -2.25
CA PRO A 47 -10.74 -1.33 -3.37
C PRO A 47 -10.24 -1.97 -4.66
N ARG A 48 -8.93 -2.25 -4.70
CA ARG A 48 -8.32 -2.87 -5.87
C ARG A 48 -8.66 -4.35 -5.94
N ALA A 49 -8.64 -5.02 -4.80
CA ALA A 49 -8.94 -6.44 -4.73
C ALA A 49 -10.45 -6.69 -4.71
N GLY A 50 -11.19 -5.74 -4.13
CA GLY A 50 -12.63 -5.86 -4.05
C GLY A 50 -13.16 -5.58 -2.65
N ASN A 51 -12.61 -4.54 -2.01
CA ASN A 51 -13.04 -4.18 -0.67
C ASN A 51 -12.84 -5.33 0.31
N THR A 52 -11.64 -5.89 0.30
CA THR A 52 -11.31 -7.01 1.19
C THR A 52 -10.14 -6.66 2.11
N GLN A 53 -10.29 -6.98 3.39
CA GLN A 53 -9.23 -6.70 4.36
C GLN A 53 -7.97 -7.48 4.04
N GLN A 54 -7.18 -6.97 3.11
CA GLN A 54 -5.94 -7.62 2.72
C GLN A 54 -4.74 -7.01 3.43
N LYS A 55 -3.66 -7.77 3.54
CA LYS A 55 -2.45 -7.30 4.20
C LYS A 55 -1.83 -6.14 3.42
N VAL A 56 -1.91 -4.94 3.99
CA VAL A 56 -1.36 -3.75 3.35
C VAL A 56 -0.24 -3.15 4.20
N CYS A 57 0.53 -2.26 3.60
CA CYS A 57 1.64 -1.61 4.29
C CYS A 57 1.13 -0.52 5.22
N LYS A 58 1.92 -0.21 6.24
CA LYS A 58 1.56 0.82 7.22
C LYS A 58 0.83 1.96 6.54
N GLN A 59 1.54 2.69 5.67
CA GLN A 59 0.96 3.82 4.95
C GLN A 59 -0.47 3.50 4.51
N CYS A 60 -0.60 2.66 3.50
CA CYS A 60 -1.91 2.29 2.98
C CYS A 60 -2.90 2.04 4.13
N HIS A 61 -2.51 1.17 5.06
CA HIS A 61 -3.35 0.85 6.20
C HIS A 61 -3.90 2.11 6.84
N THR A 62 -3.11 3.17 6.82
CA THR A 62 -3.51 4.45 7.41
C THR A 62 -4.30 5.29 6.39
N ILE A 63 -3.83 5.31 5.16
CA ILE A 63 -4.48 6.08 4.10
C ILE A 63 -5.92 5.62 3.91
N LEU A 64 -6.12 4.30 3.95
CA LEU A 64 -7.45 3.73 3.77
C LEU A 64 -8.31 3.97 5.01
N THR A 65 -7.67 4.31 6.12
CA THR A 65 -8.37 4.56 7.37
C THR A 65 -8.43 6.05 7.67
N ARG A 66 -7.59 6.83 6.98
CA ARG A 66 -7.55 8.27 7.18
C ARG A 66 -8.55 8.97 6.28
N GLY A 67 -8.63 8.53 5.02
CA GLY A 67 -9.56 9.13 4.08
C GLY A 67 -9.34 8.63 2.67
N SER A 68 -10.21 7.74 2.21
CA SER A 68 -10.10 7.18 0.87
C SER A 68 -10.23 8.28 -0.18
N SER A 69 -9.08 8.82 -0.59
CA SER A 69 -9.06 9.88 -1.60
C SER A 69 -9.36 9.33 -2.98
N ASP A 70 -9.60 10.23 -3.93
CA ASP A 70 -9.90 9.83 -5.30
C ASP A 70 -8.63 9.40 -6.04
N ASN A 71 -8.79 8.99 -7.29
CA ASN A 71 -7.66 8.55 -8.10
C ASN A 71 -7.96 8.72 -9.58
N ALA A 72 -6.98 8.38 -10.42
CA ALA A 72 -7.14 8.48 -11.87
C ALA A 72 -8.50 7.95 -12.31
N SER A 73 -8.84 8.20 -13.57
CA SER A 73 -10.12 7.74 -14.12
C SER A 73 -10.52 6.40 -13.52
N LYS A 74 -11.69 6.37 -12.88
CA LYS A 74 -12.19 5.15 -12.26
C LYS A 74 -12.32 4.03 -13.30
N TRP A 75 -11.66 2.91 -13.02
CA TRP A 75 -11.71 1.76 -13.92
C TRP A 75 -13.14 1.38 -14.26
N SER A 76 -13.41 1.22 -15.55
CA SER A 76 -14.75 0.85 -16.00
C SER A 76 -14.89 -0.66 -16.16
N PRO A 77 -16.12 -1.16 -16.03
CA PRO A 77 -16.41 -2.59 -16.15
C PRO A 77 -16.25 -3.10 -17.59
N PRO A 78 -16.20 -4.43 -17.74
CA PRO A 78 -16.05 -5.06 -19.05
C PRO A 78 -17.29 -4.90 -19.92
N GLN A 79 -17.26 -5.51 -21.11
CA GLN A 79 -18.38 -5.44 -22.03
C GLN A 79 -19.42 -6.53 -21.72
N ASN A 80 -19.67 -6.72 -20.42
CA ASN A 80 -20.64 -7.74 -19.99
C ASN A 80 -21.64 -7.14 -19.01
N TYR A 81 -22.07 -5.91 -19.29
CA TYR A 81 -23.04 -5.23 -18.43
C TYR A 81 -24.10 -4.52 -19.25
N LYS A 82 -25.21 -4.17 -18.60
CA LYS A 82 -26.30 -3.48 -19.29
C LYS A 82 -25.78 -2.48 -20.31
N SER A 83 -26.03 -2.76 -21.58
CA SER A 83 -25.59 -1.89 -22.66
C SER A 83 -26.48 -2.02 -23.88
N GLY A 84 -26.58 -0.96 -24.67
CA GLY A 84 -27.40 -0.98 -25.86
C GLY A 84 -26.98 -2.06 -26.84
N PRO A 85 -27.85 -2.35 -27.82
CA PRO A 85 -27.57 -3.37 -28.84
C PRO A 85 -26.46 -2.96 -29.79
N SER A 86 -25.23 -3.25 -29.41
CA SER A 86 -24.07 -2.92 -30.23
C SER A 86 -23.79 -4.01 -31.25
N SER A 87 -22.83 -3.75 -32.15
CA SER A 87 -22.48 -4.71 -33.18
C SER A 87 -21.62 -5.84 -32.60
N GLY A 88 -21.92 -7.07 -33.00
CA GLY A 88 -21.17 -8.21 -32.51
C GLY A 88 -21.76 -9.53 -32.97
N GLY A 1 30.21 15.07 -10.96
CA GLY A 1 29.73 15.39 -9.64
C GLY A 1 30.11 14.34 -8.60
N SER A 2 29.48 13.18 -8.68
CA SER A 2 29.75 12.09 -7.76
C SER A 2 28.98 10.83 -8.15
N SER A 3 29.55 9.67 -7.83
CA SER A 3 28.93 8.39 -8.15
C SER A 3 29.36 7.32 -7.16
N GLY A 4 28.46 6.36 -6.92
CA GLY A 4 28.76 5.28 -6.00
C GLY A 4 27.65 5.03 -5.01
N SER A 5 27.06 3.83 -5.07
CA SER A 5 25.96 3.47 -4.18
C SER A 5 25.95 1.97 -3.93
N SER A 6 25.07 1.53 -3.02
CA SER A 6 24.95 0.12 -2.69
C SER A 6 23.96 -0.58 -3.61
N GLY A 7 24.16 -1.88 -3.81
CA GLY A 7 23.27 -2.63 -4.68
C GLY A 7 21.81 -2.30 -4.45
N MET A 8 21.15 -1.82 -5.49
CA MET A 8 19.73 -1.46 -5.40
C MET A 8 18.85 -2.69 -5.58
N GLU A 9 19.26 -3.80 -4.98
CA GLU A 9 18.50 -5.04 -5.07
C GLU A 9 17.09 -4.87 -4.51
N SER A 10 16.34 -5.97 -4.46
CA SER A 10 14.98 -5.93 -3.95
C SER A 10 14.96 -5.49 -2.49
N ARG A 11 14.47 -4.28 -2.25
CA ARG A 11 14.40 -3.73 -0.90
C ARG A 11 12.96 -3.46 -0.50
N CYS A 12 12.77 -2.86 0.67
CA CYS A 12 11.44 -2.54 1.17
C CYS A 12 11.05 -1.12 0.80
N TYR A 13 9.77 -0.92 0.51
CA TYR A 13 9.26 0.39 0.14
C TYR A 13 8.77 1.17 1.37
N GLY A 14 9.38 0.87 2.52
CA GLY A 14 9.01 1.55 3.74
C GLY A 14 10.20 1.90 4.60
N CYS A 15 11.17 0.99 4.67
CA CYS A 15 12.38 1.21 5.46
C CYS A 15 13.63 1.04 4.61
N ALA A 16 13.45 0.50 3.40
CA ALA A 16 14.57 0.29 2.48
C ALA A 16 15.42 -0.89 2.94
N VAL A 17 14.82 -1.81 3.68
CA VAL A 17 15.53 -2.98 4.18
C VAL A 17 15.62 -4.07 3.11
N LYS A 18 16.82 -4.61 2.91
CA LYS A 18 17.02 -5.65 1.92
C LYS A 18 16.34 -6.95 2.34
N PHE A 19 15.51 -7.48 1.45
CA PHE A 19 14.77 -8.72 1.73
C PHE A 19 15.73 -9.91 1.77
N THR A 20 15.84 -10.53 2.95
CA THR A 20 16.71 -11.67 3.12
C THR A 20 16.04 -12.76 3.95
N LEU A 21 16.68 -13.91 4.05
CA LEU A 21 16.14 -15.04 4.81
C LEU A 21 15.37 -14.54 6.03
N PHE A 22 16.02 -13.71 6.84
CA PHE A 22 15.40 -13.16 8.03
C PHE A 22 14.29 -12.18 7.67
N LYS A 23 14.60 -11.23 6.80
CA LYS A 23 13.63 -10.24 6.37
C LYS A 23 12.99 -10.64 5.04
N LYS A 24 11.96 -11.47 5.12
CA LYS A 24 11.25 -11.93 3.93
C LYS A 24 10.70 -10.75 3.14
N GLU A 25 10.13 -11.05 1.97
CA GLU A 25 9.57 -10.01 1.12
C GLU A 25 8.05 -10.13 1.04
N TYR A 26 7.35 -9.03 1.26
CA TYR A 26 5.89 -9.01 1.23
C TYR A 26 5.39 -8.04 0.16
N GLY A 27 4.13 -8.20 -0.21
CA GLY A 27 3.53 -7.34 -1.22
C GLY A 27 2.23 -6.72 -0.76
N CYS A 28 1.97 -5.49 -1.20
CA CYS A 28 0.75 -4.78 -0.83
C CYS A 28 -0.33 -5.00 -1.88
N LYS A 29 -1.57 -4.66 -1.52
CA LYS A 29 -2.70 -4.81 -2.43
C LYS A 29 -3.20 -3.44 -2.91
N ASN A 30 -3.22 -2.47 -1.99
CA ASN A 30 -3.68 -1.13 -2.33
C ASN A 30 -2.70 -0.44 -3.26
N CYS A 31 -1.55 -0.02 -2.72
CA CYS A 31 -0.53 0.66 -3.51
C CYS A 31 0.14 -0.31 -4.48
N GLY A 32 0.31 -1.55 -4.04
CA GLY A 32 0.93 -2.56 -4.88
C GLY A 32 2.44 -2.44 -4.90
N ARG A 33 3.03 -2.24 -3.73
CA ARG A 33 4.48 -2.10 -3.62
C ARG A 33 5.06 -3.21 -2.76
N ALA A 34 6.39 -3.34 -2.78
CA ALA A 34 7.07 -4.36 -2.00
C ALA A 34 7.41 -3.85 -0.61
N PHE A 35 7.03 -4.62 0.41
CA PHE A 35 7.28 -4.24 1.80
C PHE A 35 7.80 -5.43 2.60
N CYS A 36 8.49 -5.14 3.70
CA CYS A 36 9.04 -6.19 4.55
C CYS A 36 8.06 -6.56 5.66
N ASN A 37 8.09 -7.83 6.07
CA ASN A 37 7.20 -8.30 7.12
C ASN A 37 7.05 -7.27 8.23
N GLY A 38 8.14 -6.56 8.52
CA GLY A 38 8.11 -5.54 9.56
C GLY A 38 7.20 -4.39 9.20
N CYS A 39 7.19 -4.02 7.92
CA CYS A 39 6.36 -2.90 7.46
C CYS A 39 4.98 -3.40 7.05
N LEU A 40 4.95 -4.47 6.26
CA LEU A 40 3.70 -5.04 5.79
C LEU A 40 3.06 -5.90 6.88
N SER A 41 2.77 -5.29 8.01
CA SER A 41 2.14 -6.00 9.13
C SER A 41 0.79 -5.39 9.48
N PHE A 42 0.08 -4.91 8.46
CA PHE A 42 -1.23 -4.30 8.66
C PHE A 42 -2.23 -4.83 7.63
N SER A 43 -3.52 -4.68 7.94
CA SER A 43 -4.58 -5.13 7.05
C SER A 43 -5.69 -4.11 6.96
N ALA A 44 -6.19 -3.88 5.75
CA ALA A 44 -7.26 -2.92 5.53
C ALA A 44 -7.98 -3.20 4.21
N LEU A 45 -9.27 -2.87 4.17
CA LEU A 45 -10.08 -3.09 2.98
C LEU A 45 -9.44 -2.43 1.76
N VAL A 46 -9.16 -3.23 0.74
CA VAL A 46 -8.55 -2.72 -0.49
C VAL A 46 -9.55 -2.72 -1.65
N PRO A 47 -9.78 -1.53 -2.24
CA PRO A 47 -10.71 -1.38 -3.36
C PRO A 47 -10.19 -2.03 -4.64
N ARG A 48 -8.88 -2.24 -4.69
CA ARG A 48 -8.26 -2.85 -5.86
C ARG A 48 -8.57 -4.35 -5.92
N ALA A 49 -8.61 -4.99 -4.76
CA ALA A 49 -8.90 -6.42 -4.70
C ALA A 49 -10.41 -6.67 -4.66
N GLY A 50 -11.14 -5.73 -4.07
CA GLY A 50 -12.58 -5.88 -3.97
C GLY A 50 -13.11 -5.59 -2.58
N ASN A 51 -12.62 -4.51 -1.97
CA ASN A 51 -13.04 -4.14 -0.63
C ASN A 51 -12.84 -5.30 0.35
N THR A 52 -11.66 -5.90 0.31
CA THR A 52 -11.33 -7.02 1.19
C THR A 52 -10.15 -6.69 2.09
N GLN A 53 -10.28 -7.02 3.36
CA GLN A 53 -9.22 -6.75 4.33
C GLN A 53 -7.96 -7.54 3.99
N GLN A 54 -7.11 -6.97 3.14
CA GLN A 54 -5.87 -7.63 2.73
C GLN A 54 -4.67 -7.01 3.44
N LYS A 55 -3.59 -7.77 3.51
CA LYS A 55 -2.37 -7.30 4.16
C LYS A 55 -1.76 -6.12 3.40
N VAL A 56 -1.87 -4.92 3.97
CA VAL A 56 -1.33 -3.72 3.35
C VAL A 56 -0.21 -3.12 4.18
N CYS A 57 0.57 -2.24 3.57
CA CYS A 57 1.67 -1.59 4.26
C CYS A 57 1.17 -0.50 5.19
N LYS A 58 1.95 -0.21 6.23
CA LYS A 58 1.59 0.81 7.20
C LYS A 58 0.85 1.97 6.53
N GLN A 59 1.56 2.69 5.67
CA GLN A 59 0.97 3.82 4.96
C GLN A 59 -0.46 3.51 4.52
N CYS A 60 -0.59 2.67 3.50
CA CYS A 60 -1.90 2.29 2.98
C CYS A 60 -2.88 2.04 4.13
N HIS A 61 -2.50 1.15 5.04
CA HIS A 61 -3.34 0.81 6.19
C HIS A 61 -3.88 2.08 6.85
N THR A 62 -3.08 3.14 6.83
CA THR A 62 -3.48 4.40 7.43
C THR A 62 -4.23 5.27 6.43
N ILE A 63 -3.84 5.19 5.17
CA ILE A 63 -4.49 5.97 4.12
C ILE A 63 -5.93 5.52 3.90
N LEU A 64 -6.14 4.21 3.97
CA LEU A 64 -7.47 3.65 3.79
C LEU A 64 -8.33 3.84 5.03
N THR A 65 -7.69 4.24 6.13
CA THR A 65 -8.38 4.46 7.38
C THR A 65 -8.51 5.96 7.68
N ARG A 66 -7.63 6.74 7.09
CA ARG A 66 -7.64 8.19 7.28
C ARG A 66 -8.79 8.84 6.52
N GLY A 67 -9.07 8.32 5.33
CA GLY A 67 -10.14 8.85 4.52
C GLY A 67 -11.40 8.01 4.60
N SER A 68 -11.63 7.20 3.58
CA SER A 68 -12.81 6.33 3.53
C SER A 68 -12.75 5.42 2.32
N SER A 69 -13.76 4.55 2.19
CA SER A 69 -13.83 3.61 1.08
C SER A 69 -13.57 4.31 -0.24
N ASP A 70 -13.38 3.53 -1.30
CA ASP A 70 -13.12 4.08 -2.63
C ASP A 70 -14.05 5.26 -2.91
N ASN A 71 -13.72 6.03 -3.94
CA ASN A 71 -14.53 7.18 -4.33
C ASN A 71 -16.02 6.86 -4.23
N ALA A 72 -16.83 7.90 -4.04
CA ALA A 72 -18.27 7.72 -3.94
C ALA A 72 -18.76 6.58 -4.83
N SER A 73 -19.48 5.64 -4.23
CA SER A 73 -20.00 4.50 -4.96
C SER A 73 -20.86 4.95 -6.14
N LYS A 74 -21.39 3.98 -6.88
CA LYS A 74 -22.23 4.27 -8.04
C LYS A 74 -23.30 5.30 -7.69
N TRP A 75 -24.08 5.70 -8.67
CA TRP A 75 -25.14 6.68 -8.46
C TRP A 75 -25.75 6.53 -7.07
N SER A 76 -25.88 7.65 -6.38
CA SER A 76 -26.45 7.65 -5.03
C SER A 76 -27.85 8.24 -5.02
N PRO A 77 -28.64 7.88 -3.99
CA PRO A 77 -30.01 8.37 -3.85
C PRO A 77 -30.07 9.86 -3.50
N PRO A 78 -31.28 10.44 -3.53
CA PRO A 78 -31.50 11.84 -3.23
C PRO A 78 -31.29 12.15 -1.74
N GLN A 79 -31.71 13.34 -1.32
CA GLN A 79 -31.58 13.75 0.07
C GLN A 79 -31.79 12.57 1.00
N ASN A 80 -31.19 12.66 2.19
CA ASN A 80 -31.30 11.59 3.18
C ASN A 80 -30.59 10.32 2.70
N TYR A 81 -29.44 10.50 2.07
CA TYR A 81 -28.67 9.37 1.55
C TYR A 81 -27.46 9.10 2.44
N LYS A 82 -26.72 8.04 2.11
CA LYS A 82 -25.54 7.66 2.88
C LYS A 82 -24.28 7.79 2.04
N SER A 83 -23.68 8.97 2.05
CA SER A 83 -22.46 9.23 1.28
C SER A 83 -21.61 10.30 1.95
N GLY A 84 -20.39 9.93 2.33
CA GLY A 84 -19.50 10.87 2.97
C GLY A 84 -19.32 12.14 2.16
N PRO A 85 -19.39 13.29 2.85
CA PRO A 85 -19.24 14.60 2.20
C PRO A 85 -17.81 14.86 1.73
N SER A 86 -17.63 14.94 0.42
CA SER A 86 -16.31 15.18 -0.16
C SER A 86 -16.36 16.32 -1.16
N SER A 87 -15.19 16.87 -1.49
CA SER A 87 -15.10 17.97 -2.44
C SER A 87 -15.30 17.48 -3.86
N GLY A 88 -14.67 16.37 -4.21
CA GLY A 88 -14.78 15.82 -5.54
C GLY A 88 -14.34 16.79 -6.62
N GLY A 1 37.16 -13.88 -5.16
CA GLY A 1 38.28 -13.66 -4.26
C GLY A 1 37.83 -13.48 -2.83
N SER A 2 37.72 -12.22 -2.40
CA SER A 2 37.30 -11.92 -1.02
C SER A 2 35.84 -12.29 -0.81
N SER A 3 35.49 -12.57 0.45
CA SER A 3 34.13 -12.96 0.79
C SER A 3 33.28 -11.72 1.10
N GLY A 4 32.12 -11.62 0.45
CA GLY A 4 31.25 -10.49 0.66
C GLY A 4 30.35 -10.21 -0.52
N SER A 5 29.08 -9.94 -0.25
CA SER A 5 28.12 -9.66 -1.32
C SER A 5 27.01 -8.76 -0.81
N SER A 6 26.44 -7.96 -1.72
CA SER A 6 25.37 -7.04 -1.37
C SER A 6 24.65 -6.54 -2.62
N GLY A 7 23.35 -6.81 -2.69
CA GLY A 7 22.57 -6.36 -3.85
C GLY A 7 21.33 -5.60 -3.44
N MET A 8 21.21 -4.37 -3.92
CA MET A 8 20.06 -3.53 -3.61
C MET A 8 18.99 -3.64 -4.70
N GLU A 9 18.73 -4.87 -5.14
CA GLU A 9 17.74 -5.11 -6.18
C GLU A 9 16.33 -5.20 -5.58
N SER A 10 16.21 -5.96 -4.51
CA SER A 10 14.92 -6.12 -3.84
C SER A 10 14.96 -5.56 -2.42
N ARG A 11 14.35 -4.40 -2.24
CA ARG A 11 14.31 -3.74 -0.94
C ARG A 11 12.88 -3.42 -0.52
N CYS A 12 12.72 -2.83 0.65
CA CYS A 12 11.41 -2.47 1.16
C CYS A 12 11.05 -1.04 0.79
N TYR A 13 9.78 -0.81 0.47
CA TYR A 13 9.31 0.51 0.08
C TYR A 13 8.91 1.32 1.32
N GLY A 14 9.51 0.99 2.45
CA GLY A 14 9.19 1.69 3.69
C GLY A 14 10.44 2.00 4.52
N CYS A 15 11.37 1.05 4.54
CA CYS A 15 12.61 1.23 5.29
C CYS A 15 13.83 0.96 4.41
N ALA A 16 13.57 0.49 3.19
CA ALA A 16 14.65 0.19 2.25
C ALA A 16 15.49 -0.98 2.73
N VAL A 17 14.89 -1.87 3.52
CA VAL A 17 15.58 -3.03 4.05
C VAL A 17 15.61 -4.16 3.02
N LYS A 18 16.80 -4.73 2.81
CA LYS A 18 16.96 -5.83 1.87
C LYS A 18 16.19 -7.06 2.33
N PHE A 19 15.47 -7.68 1.39
CA PHE A 19 14.71 -8.88 1.71
C PHE A 19 15.60 -10.11 1.77
N THR A 20 15.59 -10.78 2.92
CA THR A 20 16.41 -11.98 3.11
C THR A 20 15.70 -12.99 4.01
N LEU A 21 16.27 -14.19 4.09
CA LEU A 21 15.69 -15.24 4.93
C LEU A 21 15.08 -14.66 6.19
N PHE A 22 15.81 -13.75 6.84
CA PHE A 22 15.33 -13.12 8.06
C PHE A 22 14.23 -12.11 7.75
N LYS A 23 14.50 -11.22 6.81
CA LYS A 23 13.55 -10.20 6.42
C LYS A 23 12.83 -10.58 5.12
N LYS A 24 11.84 -11.45 5.24
CA LYS A 24 11.08 -11.91 4.07
C LYS A 24 10.54 -10.72 3.29
N GLU A 25 10.10 -10.98 2.06
CA GLU A 25 9.56 -9.93 1.20
C GLU A 25 8.05 -10.04 1.08
N TYR A 26 7.36 -8.96 1.39
CA TYR A 26 5.90 -8.93 1.33
C TYR A 26 5.41 -7.94 0.27
N GLY A 27 4.16 -8.09 -0.14
CA GLY A 27 3.59 -7.20 -1.14
C GLY A 27 2.28 -6.59 -0.69
N CYS A 28 2.03 -5.37 -1.13
CA CYS A 28 0.81 -4.66 -0.77
C CYS A 28 -0.28 -4.88 -1.83
N LYS A 29 -1.51 -4.52 -1.50
CA LYS A 29 -2.62 -4.67 -2.42
C LYS A 29 -3.15 -3.31 -2.87
N ASN A 30 -3.17 -2.36 -1.94
CA ASN A 30 -3.65 -1.01 -2.26
C ASN A 30 -2.68 -0.29 -3.18
N CYS A 31 -1.52 0.10 -2.65
CA CYS A 31 -0.51 0.80 -3.43
C CYS A 31 0.15 -0.15 -4.42
N GLY A 32 0.36 -1.39 -4.00
CA GLY A 32 0.99 -2.37 -4.87
C GLY A 32 2.50 -2.26 -4.88
N ARG A 33 3.09 -2.07 -3.70
CA ARG A 33 4.54 -1.95 -3.59
C ARG A 33 5.11 -3.07 -2.74
N ALA A 34 6.44 -3.20 -2.75
CA ALA A 34 7.11 -4.23 -1.98
C ALA A 34 7.46 -3.74 -0.58
N PHE A 35 7.06 -4.51 0.43
CA PHE A 35 7.31 -4.15 1.82
C PHE A 35 7.80 -5.36 2.61
N CYS A 36 8.53 -5.11 3.69
CA CYS A 36 9.05 -6.18 4.53
C CYS A 36 8.05 -6.54 5.63
N ASN A 37 7.93 -7.84 5.90
CA ASN A 37 7.01 -8.31 6.93
C ASN A 37 6.84 -7.29 8.04
N GLY A 38 7.93 -6.59 8.36
CA GLY A 38 7.89 -5.60 9.41
C GLY A 38 7.00 -4.42 9.06
N CYS A 39 7.21 -3.87 7.85
CA CYS A 39 6.41 -2.74 7.39
C CYS A 39 5.05 -3.19 6.91
N LEU A 40 4.99 -4.39 6.35
CA LEU A 40 3.73 -4.94 5.83
C LEU A 40 3.06 -5.82 6.88
N SER A 41 2.78 -5.25 8.05
CA SER A 41 2.15 -5.99 9.13
C SER A 41 0.78 -5.40 9.46
N PHE A 42 0.10 -4.88 8.44
CA PHE A 42 -1.21 -4.28 8.63
C PHE A 42 -2.21 -4.82 7.60
N SER A 43 -3.50 -4.68 7.90
CA SER A 43 -4.54 -5.15 7.00
C SER A 43 -5.66 -4.13 6.90
N ALA A 44 -6.24 -4.00 5.71
CA ALA A 44 -7.32 -3.06 5.47
C ALA A 44 -8.03 -3.35 4.15
N LEU A 45 -9.30 -2.99 4.08
CA LEU A 45 -10.09 -3.21 2.87
C LEU A 45 -9.46 -2.52 1.66
N VAL A 46 -9.19 -3.29 0.62
CA VAL A 46 -8.57 -2.75 -0.60
C VAL A 46 -9.57 -2.76 -1.75
N PRO A 47 -9.82 -1.58 -2.33
CA PRO A 47 -10.74 -1.41 -3.45
C PRO A 47 -10.20 -2.03 -4.74
N ARG A 48 -8.93 -2.41 -4.72
CA ARG A 48 -8.28 -3.02 -5.87
C ARG A 48 -8.58 -4.51 -5.95
N ALA A 49 -8.60 -5.16 -4.78
CA ALA A 49 -8.87 -6.59 -4.72
C ALA A 49 -10.37 -6.86 -4.70
N GLY A 50 -11.12 -5.96 -4.09
CA GLY A 50 -12.57 -6.11 -4.01
C GLY A 50 -13.11 -5.83 -2.63
N ASN A 51 -12.57 -4.79 -1.99
CA ASN A 51 -13.02 -4.41 -0.65
C ASN A 51 -12.74 -5.52 0.35
N THR A 52 -11.52 -6.05 0.32
CA THR A 52 -11.13 -7.12 1.22
C THR A 52 -9.98 -6.70 2.12
N GLN A 53 -10.08 -7.01 3.41
CA GLN A 53 -9.05 -6.66 4.37
C GLN A 53 -7.76 -7.43 4.10
N GLN A 54 -7.01 -6.98 3.10
CA GLN A 54 -5.76 -7.64 2.74
C GLN A 54 -4.58 -7.01 3.46
N LYS A 55 -3.46 -7.72 3.51
CA LYS A 55 -2.25 -7.22 4.17
C LYS A 55 -1.68 -6.02 3.42
N VAL A 56 -1.80 -4.84 4.00
CA VAL A 56 -1.29 -3.63 3.40
C VAL A 56 -0.16 -3.03 4.23
N CYS A 57 0.63 -2.16 3.60
CA CYS A 57 1.75 -1.51 4.29
C CYS A 57 1.25 -0.43 5.25
N LYS A 58 2.06 -0.11 6.25
CA LYS A 58 1.71 0.90 7.23
C LYS A 58 0.95 2.05 6.59
N GLN A 59 1.63 2.79 5.72
CA GLN A 59 1.02 3.91 5.03
C GLN A 59 -0.41 3.59 4.61
N CYS A 60 -0.55 2.78 3.57
CA CYS A 60 -1.87 2.39 3.07
C CYS A 60 -2.83 2.14 4.22
N HIS A 61 -2.44 1.24 5.12
CA HIS A 61 -3.27 0.91 6.28
C HIS A 61 -3.83 2.17 6.93
N THR A 62 -3.03 3.23 6.94
CA THR A 62 -3.45 4.50 7.53
C THR A 62 -4.25 5.33 6.55
N ILE A 63 -3.82 5.33 5.29
CA ILE A 63 -4.51 6.07 4.24
C ILE A 63 -5.94 5.61 4.09
N LEU A 64 -6.14 4.31 3.95
CA LEU A 64 -7.47 3.75 3.80
C LEU A 64 -8.34 4.04 5.02
N THR A 65 -7.78 3.82 6.20
CA THR A 65 -8.50 4.07 7.45
C THR A 65 -8.71 5.55 7.67
N ARG A 66 -7.78 6.36 7.17
CA ARG A 66 -7.87 7.81 7.31
C ARG A 66 -9.00 8.38 6.46
N GLY A 67 -8.87 8.24 5.14
CA GLY A 67 -9.89 8.75 4.25
C GLY A 67 -9.52 10.08 3.64
N SER A 68 -8.92 10.95 4.44
CA SER A 68 -8.51 12.27 3.97
C SER A 68 -7.00 12.45 4.09
N SER A 69 -6.25 11.40 3.76
CA SER A 69 -4.80 11.44 3.84
C SER A 69 -4.21 12.04 2.56
N ASP A 70 -4.84 13.11 2.08
CA ASP A 70 -4.38 13.79 0.87
C ASP A 70 -4.67 15.28 0.95
N ASN A 71 -3.88 16.07 0.22
CA ASN A 71 -4.06 17.52 0.20
C ASN A 71 -4.78 17.97 -1.05
N ALA A 72 -5.59 19.01 -0.93
CA ALA A 72 -6.35 19.55 -2.06
C ALA A 72 -5.41 20.10 -3.12
N SER A 73 -5.28 19.38 -4.23
CA SER A 73 -4.41 19.81 -5.33
C SER A 73 -4.95 19.33 -6.67
N LYS A 74 -4.98 20.23 -7.65
CA LYS A 74 -5.47 19.90 -8.98
C LYS A 74 -4.35 19.42 -9.88
N TRP A 75 -4.38 18.14 -10.23
CA TRP A 75 -3.35 17.56 -11.08
C TRP A 75 -3.20 18.36 -12.37
N SER A 76 -1.96 18.74 -12.69
CA SER A 76 -1.69 19.51 -13.89
C SER A 76 -0.48 18.95 -14.63
N PRO A 77 -0.54 18.97 -15.97
CA PRO A 77 0.53 18.47 -16.83
C PRO A 77 1.78 19.34 -16.77
N PRO A 78 2.95 18.71 -16.73
CA PRO A 78 4.23 19.42 -16.68
C PRO A 78 4.56 20.13 -17.98
N GLN A 79 5.66 20.87 -17.99
CA GLN A 79 6.08 21.59 -19.18
C GLN A 79 6.69 20.65 -20.21
N ASN A 80 6.70 21.07 -21.47
CA ASN A 80 7.25 20.26 -22.55
C ASN A 80 6.59 18.89 -22.59
N TYR A 81 5.31 18.84 -22.25
CA TYR A 81 4.56 17.58 -22.25
C TYR A 81 4.08 17.23 -23.65
N LYS A 82 4.91 17.52 -24.65
CA LYS A 82 4.56 17.24 -26.04
C LYS A 82 4.70 15.75 -26.34
N SER A 83 3.58 15.11 -26.66
CA SER A 83 3.57 13.68 -26.97
C SER A 83 2.36 13.32 -27.82
N GLY A 84 2.62 12.82 -29.03
CA GLY A 84 1.53 12.45 -29.91
C GLY A 84 0.32 13.35 -29.78
N PRO A 85 -0.88 12.76 -29.84
CA PRO A 85 -2.13 13.50 -29.72
C PRO A 85 -2.35 14.06 -28.32
N SER A 86 -3.32 14.96 -28.19
CA SER A 86 -3.62 15.57 -26.91
C SER A 86 -4.99 15.13 -26.41
N SER A 87 -5.06 14.74 -25.14
CA SER A 87 -6.31 14.29 -24.55
C SER A 87 -6.57 15.00 -23.22
N GLY A 88 -7.67 15.76 -23.17
CA GLY A 88 -8.01 16.48 -21.95
C GLY A 88 -7.21 17.76 -21.81
N GLY A 1 30.26 10.34 -2.92
CA GLY A 1 29.20 10.80 -3.79
C GLY A 1 28.29 9.68 -4.27
N SER A 2 27.72 9.84 -5.45
CA SER A 2 26.82 8.84 -6.01
C SER A 2 27.62 7.74 -6.72
N SER A 3 28.66 7.24 -6.06
CA SER A 3 29.51 6.21 -6.63
C SER A 3 29.93 5.20 -5.56
N GLY A 4 29.52 3.95 -5.72
CA GLY A 4 29.86 2.92 -4.77
C GLY A 4 29.00 1.69 -4.90
N SER A 5 28.43 1.23 -3.79
CA SER A 5 27.58 0.05 -3.79
C SER A 5 26.60 0.08 -4.98
N SER A 6 25.80 1.13 -5.03
CA SER A 6 24.82 1.27 -6.11
C SER A 6 23.96 0.01 -6.24
N GLY A 7 23.57 -0.55 -5.10
CA GLY A 7 22.76 -1.74 -5.10
C GLY A 7 21.32 -1.47 -4.74
N MET A 8 20.43 -1.53 -5.73
CA MET A 8 19.01 -1.27 -5.50
C MET A 8 18.20 -2.57 -5.62
N GLU A 9 18.78 -3.65 -5.11
CA GLU A 9 18.10 -4.96 -5.16
C GLU A 9 16.73 -4.88 -4.51
N SER A 10 16.05 -6.03 -4.44
CA SER A 10 14.72 -6.09 -3.85
C SER A 10 14.74 -5.60 -2.40
N ARG A 11 14.24 -4.39 -2.18
CA ARG A 11 14.22 -3.82 -0.85
C ARG A 11 12.78 -3.49 -0.43
N CYS A 12 12.63 -2.88 0.75
CA CYS A 12 11.32 -2.51 1.25
C CYS A 12 10.95 -1.08 0.84
N TYR A 13 9.67 -0.87 0.57
CA TYR A 13 9.20 0.46 0.15
C TYR A 13 8.75 1.27 1.37
N GLY A 14 9.33 0.97 2.53
CA GLY A 14 8.99 1.69 3.73
C GLY A 14 10.21 2.04 4.57
N CYS A 15 11.16 1.12 4.65
CA CYS A 15 12.37 1.34 5.42
C CYS A 15 13.61 1.13 4.55
N ALA A 16 13.41 0.55 3.37
CA ALA A 16 14.51 0.28 2.45
C ALA A 16 15.36 -0.89 2.93
N VAL A 17 14.75 -1.78 3.71
CA VAL A 17 15.45 -2.94 4.23
C VAL A 17 15.56 -4.04 3.18
N LYS A 18 16.79 -4.43 2.86
CA LYS A 18 17.03 -5.46 1.87
C LYS A 18 16.46 -6.80 2.33
N PHE A 19 15.66 -7.43 1.47
CA PHE A 19 15.05 -8.72 1.79
C PHE A 19 16.10 -9.83 1.79
N THR A 20 16.01 -10.72 2.78
CA THR A 20 16.95 -11.83 2.89
C THR A 20 16.27 -13.05 3.49
N LEU A 21 17.05 -14.11 3.72
CA LEU A 21 16.53 -15.34 4.29
C LEU A 21 15.72 -15.06 5.55
N PHE A 22 16.25 -14.17 6.40
CA PHE A 22 15.58 -13.81 7.64
C PHE A 22 14.53 -12.72 7.40
N LYS A 23 14.80 -11.86 6.43
CA LYS A 23 13.88 -10.78 6.09
C LYS A 23 13.10 -11.10 4.82
N LYS A 24 11.98 -11.80 4.97
CA LYS A 24 11.14 -12.16 3.84
C LYS A 24 10.56 -10.92 3.17
N GLU A 25 10.12 -11.08 1.92
CA GLU A 25 9.54 -9.97 1.18
C GLU A 25 8.02 -10.08 1.13
N TYR A 26 7.35 -8.96 1.34
CA TYR A 26 5.89 -8.93 1.31
C TYR A 26 5.37 -7.98 0.24
N GLY A 27 4.11 -8.14 -0.14
CA GLY A 27 3.51 -7.30 -1.15
C GLY A 27 2.21 -6.67 -0.70
N CYS A 28 1.95 -5.45 -1.16
CA CYS A 28 0.72 -4.74 -0.79
C CYS A 28 -0.34 -4.91 -1.86
N LYS A 29 -1.60 -4.69 -1.48
CA LYS A 29 -2.72 -4.82 -2.41
C LYS A 29 -3.16 -3.44 -2.91
N ASN A 30 -3.25 -2.48 -1.99
CA ASN A 30 -3.67 -1.13 -2.34
C ASN A 30 -2.67 -0.48 -3.29
N CYS A 31 -1.52 -0.07 -2.74
CA CYS A 31 -0.48 0.57 -3.53
C CYS A 31 0.20 -0.45 -4.45
N GLY A 32 0.36 -1.67 -3.96
CA GLY A 32 1.00 -2.71 -4.74
C GLY A 32 2.51 -2.56 -4.78
N ARG A 33 3.10 -2.33 -3.61
CA ARG A 33 4.55 -2.16 -3.52
C ARG A 33 5.16 -3.26 -2.64
N ALA A 34 6.49 -3.38 -2.69
CA ALA A 34 7.19 -4.38 -1.90
C ALA A 34 7.51 -3.86 -0.51
N PHE A 35 7.07 -4.59 0.51
CA PHE A 35 7.30 -4.20 1.90
C PHE A 35 7.82 -5.39 2.71
N CYS A 36 8.44 -5.09 3.84
CA CYS A 36 8.98 -6.12 4.72
C CYS A 36 7.98 -6.47 5.83
N ASN A 37 7.89 -7.76 6.14
CA ASN A 37 6.98 -8.23 7.18
C ASN A 37 6.79 -7.17 8.26
N GLY A 38 7.87 -6.47 8.58
CA GLY A 38 7.82 -5.43 9.59
C GLY A 38 6.90 -4.28 9.21
N CYS A 39 7.07 -3.77 8.00
CA CYS A 39 6.25 -2.67 7.50
C CYS A 39 4.90 -3.17 7.03
N LEU A 40 4.88 -4.34 6.39
CA LEU A 40 3.65 -4.93 5.89
C LEU A 40 3.00 -5.82 6.96
N SER A 41 2.69 -5.21 8.10
CA SER A 41 2.06 -5.94 9.20
C SER A 41 0.71 -5.34 9.55
N PHE A 42 0.02 -4.83 8.54
CA PHE A 42 -1.29 -4.22 8.74
C PHE A 42 -2.29 -4.74 7.72
N SER A 43 -3.58 -4.55 8.00
CA SER A 43 -4.63 -5.00 7.11
C SER A 43 -5.73 -3.95 6.98
N ALA A 44 -6.24 -3.78 5.77
CA ALA A 44 -7.30 -2.80 5.50
C ALA A 44 -8.01 -3.10 4.18
N LEU A 45 -9.28 -2.78 4.12
CA LEU A 45 -10.07 -3.00 2.91
C LEU A 45 -9.41 -2.36 1.70
N VAL A 46 -9.12 -3.18 0.70
CA VAL A 46 -8.49 -2.70 -0.52
C VAL A 46 -9.46 -2.75 -1.71
N PRO A 47 -9.69 -1.58 -2.33
CA PRO A 47 -10.60 -1.46 -3.47
C PRO A 47 -10.04 -2.12 -4.72
N ARG A 48 -8.74 -2.39 -4.71
CA ARG A 48 -8.08 -3.03 -5.85
C ARG A 48 -8.36 -4.52 -5.87
N ALA A 49 -8.37 -5.14 -4.70
CA ALA A 49 -8.63 -6.57 -4.59
C ALA A 49 -10.12 -6.87 -4.58
N GLY A 50 -10.90 -5.90 -4.09
CA GLY A 50 -12.35 -6.07 -4.03
C GLY A 50 -12.92 -5.76 -2.68
N ASN A 51 -12.46 -4.65 -2.09
CA ASN A 51 -12.93 -4.23 -0.77
C ASN A 51 -12.74 -5.35 0.25
N THR A 52 -11.55 -5.92 0.29
CA THR A 52 -11.23 -6.99 1.22
C THR A 52 -10.09 -6.61 2.15
N GLN A 53 -10.27 -6.87 3.44
CA GLN A 53 -9.25 -6.56 4.43
C GLN A 53 -7.97 -7.35 4.17
N GLN A 54 -7.20 -6.93 3.18
CA GLN A 54 -5.95 -7.60 2.83
C GLN A 54 -4.77 -6.96 3.54
N LYS A 55 -3.67 -7.69 3.63
CA LYS A 55 -2.46 -7.18 4.28
C LYS A 55 -1.87 -6.03 3.50
N VAL A 56 -1.89 -4.84 4.10
CA VAL A 56 -1.35 -3.65 3.45
C VAL A 56 -0.23 -3.03 4.28
N CYS A 57 0.56 -2.15 3.67
CA CYS A 57 1.65 -1.49 4.36
C CYS A 57 1.14 -0.39 5.29
N LYS A 58 1.93 -0.06 6.29
CA LYS A 58 1.56 0.97 7.25
C LYS A 58 0.80 2.10 6.56
N GLN A 59 1.48 2.83 5.69
CA GLN A 59 0.87 3.93 4.97
C GLN A 59 -0.56 3.58 4.53
N CYS A 60 -0.67 2.74 3.51
CA CYS A 60 -1.96 2.32 3.01
C CYS A 60 -2.95 2.06 4.15
N HIS A 61 -2.55 1.20 5.07
CA HIS A 61 -3.38 0.86 6.22
C HIS A 61 -3.98 2.12 6.84
N THR A 62 -3.21 3.20 6.85
CA THR A 62 -3.66 4.46 7.41
C THR A 62 -4.47 5.27 6.39
N ILE A 63 -3.97 5.31 5.16
CA ILE A 63 -4.65 6.04 4.09
C ILE A 63 -6.07 5.54 3.90
N LEU A 64 -6.24 4.21 3.92
CA LEU A 64 -7.55 3.60 3.75
C LEU A 64 -8.40 3.78 5.01
N THR A 65 -7.78 4.29 6.06
CA THR A 65 -8.48 4.52 7.32
C THR A 65 -8.46 5.99 7.71
N ARG A 66 -7.80 6.80 6.90
CA ARG A 66 -7.70 8.23 7.15
C ARG A 66 -8.75 9.00 6.35
N GLY A 67 -8.91 8.60 5.09
CA GLY A 67 -9.88 9.26 4.22
C GLY A 67 -10.33 8.38 3.07
N SER A 68 -10.73 7.15 3.39
CA SER A 68 -11.19 6.21 2.38
C SER A 68 -12.70 6.27 2.21
N SER A 69 -13.21 5.62 1.17
CA SER A 69 -14.63 5.60 0.90
C SER A 69 -14.99 4.45 -0.04
N ASP A 70 -16.29 4.16 -0.13
CA ASP A 70 -16.77 3.07 -0.98
C ASP A 70 -16.76 3.50 -2.45
N ASN A 71 -15.81 2.97 -3.20
CA ASN A 71 -15.68 3.29 -4.63
C ASN A 71 -16.55 2.36 -5.47
N ALA A 72 -17.71 2.85 -5.90
CA ALA A 72 -18.62 2.06 -6.71
C ALA A 72 -19.12 2.86 -7.91
N SER A 73 -19.61 4.06 -7.65
CA SER A 73 -20.14 4.93 -8.70
C SER A 73 -20.39 6.34 -8.17
N LYS A 74 -19.69 7.31 -8.75
CA LYS A 74 -19.83 8.71 -8.33
C LYS A 74 -21.27 9.00 -7.93
N TRP A 75 -21.45 9.40 -6.67
CA TRP A 75 -22.77 9.72 -6.15
C TRP A 75 -22.93 11.21 -5.95
N SER A 76 -24.00 11.77 -6.53
CA SER A 76 -24.27 13.20 -6.41
C SER A 76 -25.57 13.45 -5.65
N PRO A 77 -25.50 14.36 -4.67
CA PRO A 77 -26.66 14.72 -3.84
C PRO A 77 -27.72 15.49 -4.62
N PRO A 78 -28.90 15.66 -4.01
CA PRO A 78 -30.02 16.38 -4.63
C PRO A 78 -29.75 17.87 -4.74
N GLN A 79 -30.43 18.53 -5.67
CA GLN A 79 -30.26 19.97 -5.88
C GLN A 79 -30.81 20.75 -4.70
N ASN A 80 -30.20 21.89 -4.42
CA ASN A 80 -30.62 22.74 -3.32
C ASN A 80 -30.60 21.97 -2.00
N TYR A 81 -29.48 21.32 -1.71
CA TYR A 81 -29.33 20.54 -0.49
C TYR A 81 -29.33 21.45 0.74
N LYS A 82 -28.60 22.55 0.64
CA LYS A 82 -28.51 23.51 1.74
C LYS A 82 -29.41 24.71 1.49
N SER A 83 -29.71 25.45 2.55
CA SER A 83 -30.57 26.62 2.45
C SER A 83 -29.74 27.89 2.28
N GLY A 84 -29.65 28.36 1.03
CA GLY A 84 -28.88 29.56 0.75
C GLY A 84 -29.29 30.21 -0.56
N PRO A 85 -29.11 31.54 -0.64
CA PRO A 85 -29.45 32.31 -1.84
C PRO A 85 -28.51 32.01 -3.01
N SER A 86 -27.25 31.73 -2.70
CA SER A 86 -26.26 31.43 -3.72
C SER A 86 -25.17 30.52 -3.17
N SER A 87 -24.49 29.81 -4.07
CA SER A 87 -23.42 28.89 -3.66
C SER A 87 -22.06 29.57 -3.82
N GLY A 88 -21.04 28.96 -3.20
CA GLY A 88 -19.70 29.51 -3.28
C GLY A 88 -18.69 28.50 -3.81
N GLY A 1 30.23 3.79 10.33
CA GLY A 1 31.61 3.40 10.16
C GLY A 1 31.76 1.96 9.71
N SER A 2 31.01 1.06 10.33
CA SER A 2 31.07 -0.36 9.99
C SER A 2 30.19 -0.67 8.78
N SER A 3 30.41 -1.82 8.17
CA SER A 3 29.64 -2.23 7.00
C SER A 3 28.18 -1.86 7.17
N GLY A 4 27.47 -1.76 6.05
CA GLY A 4 26.06 -1.43 6.08
C GLY A 4 25.26 -2.15 5.01
N SER A 5 24.52 -1.38 4.21
CA SER A 5 23.71 -1.97 3.15
C SER A 5 24.56 -2.29 1.93
N SER A 6 24.48 -3.55 1.48
CA SER A 6 25.25 -4.01 0.33
C SER A 6 24.36 -4.76 -0.65
N GLY A 7 24.61 -4.57 -1.94
CA GLY A 7 23.82 -5.24 -2.96
C GLY A 7 22.51 -4.54 -3.23
N MET A 8 22.27 -4.21 -4.50
CA MET A 8 21.05 -3.53 -4.90
C MET A 8 19.99 -4.53 -5.36
N GLU A 9 19.26 -5.11 -4.41
CA GLU A 9 18.22 -6.08 -4.72
C GLU A 9 16.88 -5.65 -4.14
N SER A 10 15.84 -6.43 -4.43
CA SER A 10 14.50 -6.13 -3.95
C SER A 10 14.54 -5.67 -2.49
N ARG A 11 14.21 -4.40 -2.27
CA ARG A 11 14.21 -3.83 -0.93
C ARG A 11 12.78 -3.50 -0.48
N CYS A 12 12.66 -2.91 0.70
CA CYS A 12 11.36 -2.54 1.25
C CYS A 12 11.01 -1.09 0.89
N TYR A 13 9.76 -0.85 0.58
CA TYR A 13 9.29 0.48 0.21
C TYR A 13 8.88 1.28 1.46
N GLY A 14 9.51 0.95 2.59
CA GLY A 14 9.20 1.64 3.83
C GLY A 14 10.44 1.94 4.65
N CYS A 15 11.35 0.98 4.71
CA CYS A 15 12.59 1.15 5.46
C CYS A 15 13.81 0.89 4.58
N ALA A 16 13.56 0.40 3.36
CA ALA A 16 14.63 0.13 2.42
C ALA A 16 15.48 -1.05 2.89
N VAL A 17 14.87 -1.95 3.65
CA VAL A 17 15.57 -3.12 4.16
C VAL A 17 15.62 -4.24 3.12
N LYS A 18 16.82 -4.71 2.82
CA LYS A 18 17.01 -5.77 1.83
C LYS A 18 16.32 -7.05 2.29
N PHE A 19 15.53 -7.65 1.40
CA PHE A 19 14.82 -8.88 1.70
C PHE A 19 15.77 -10.08 1.70
N THR A 20 16.00 -10.65 2.87
CA THR A 20 16.88 -11.80 3.01
C THR A 20 16.22 -12.92 3.82
N LEU A 21 16.85 -14.09 3.81
CA LEU A 21 16.31 -15.24 4.53
C LEU A 21 15.60 -14.79 5.81
N PHE A 22 16.28 -13.98 6.60
CA PHE A 22 15.70 -13.48 7.85
C PHE A 22 14.55 -12.52 7.57
N LYS A 23 14.76 -11.60 6.63
CA LYS A 23 13.74 -10.63 6.26
C LYS A 23 13.05 -11.03 4.96
N LYS A 24 11.86 -11.60 5.09
CA LYS A 24 11.08 -12.02 3.93
C LYS A 24 10.54 -10.81 3.16
N GLU A 25 10.05 -11.06 1.96
CA GLU A 25 9.52 -9.99 1.12
C GLU A 25 8.00 -10.08 1.05
N TYR A 26 7.33 -8.97 1.32
CA TYR A 26 5.87 -8.91 1.30
C TYR A 26 5.39 -7.93 0.22
N GLY A 27 4.12 -8.07 -0.15
CA GLY A 27 3.56 -7.20 -1.16
C GLY A 27 2.24 -6.58 -0.72
N CYS A 28 2.01 -5.34 -1.15
CA CYS A 28 0.78 -4.63 -0.80
C CYS A 28 -0.29 -4.82 -1.86
N LYS A 29 -1.53 -4.50 -1.51
CA LYS A 29 -2.65 -4.64 -2.44
C LYS A 29 -3.13 -3.27 -2.92
N ASN A 30 -3.18 -2.32 -1.98
CA ASN A 30 -3.63 -0.97 -2.31
C ASN A 30 -2.63 -0.27 -3.23
N CYS A 31 -1.50 0.13 -2.67
CA CYS A 31 -0.46 0.80 -3.44
C CYS A 31 0.22 -0.16 -4.41
N GLY A 32 0.38 -1.41 -3.97
CA GLY A 32 1.01 -2.41 -4.80
C GLY A 32 2.53 -2.29 -4.81
N ARG A 33 3.10 -2.08 -3.64
CA ARG A 33 4.54 -1.95 -3.51
C ARG A 33 5.12 -3.07 -2.64
N ALA A 34 6.44 -3.24 -2.70
CA ALA A 34 7.12 -4.27 -1.92
C ALA A 34 7.45 -3.77 -0.52
N PHE A 35 7.05 -4.54 0.49
CA PHE A 35 7.32 -4.17 1.88
C PHE A 35 7.81 -5.37 2.68
N CYS A 36 8.46 -5.10 3.80
CA CYS A 36 8.99 -6.16 4.66
C CYS A 36 8.00 -6.51 5.76
N ASN A 37 7.89 -7.80 6.06
CA ASN A 37 6.98 -8.28 7.10
C ASN A 37 6.81 -7.23 8.20
N GLY A 38 7.92 -6.55 8.52
CA GLY A 38 7.88 -5.54 9.55
C GLY A 38 6.97 -4.37 9.20
N CYS A 39 7.14 -3.85 7.99
CA CYS A 39 6.33 -2.72 7.53
C CYS A 39 4.96 -3.19 7.06
N LEU A 40 4.93 -4.35 6.39
CA LEU A 40 3.68 -4.91 5.90
C LEU A 40 3.01 -5.79 6.95
N SER A 41 2.78 -5.21 8.12
CA SER A 41 2.15 -5.94 9.22
C SER A 41 0.78 -5.35 9.55
N PHE A 42 0.13 -4.77 8.55
CA PHE A 42 -1.18 -4.16 8.74
C PHE A 42 -2.18 -4.69 7.72
N SER A 43 -3.47 -4.48 7.99
CA SER A 43 -4.53 -4.95 7.10
C SER A 43 -5.60 -3.88 6.93
N ALA A 44 -6.23 -3.87 5.77
CA ALA A 44 -7.27 -2.89 5.47
C ALA A 44 -7.97 -3.22 4.14
N LEU A 45 -9.25 -2.92 4.08
CA LEU A 45 -10.03 -3.18 2.86
C LEU A 45 -9.42 -2.47 1.66
N VAL A 46 -9.11 -3.25 0.62
CA VAL A 46 -8.51 -2.69 -0.59
C VAL A 46 -9.54 -2.63 -1.72
N PRO A 47 -9.72 -1.43 -2.28
CA PRO A 47 -10.68 -1.21 -3.38
C PRO A 47 -10.22 -1.85 -4.68
N ARG A 48 -9.09 -2.55 -4.63
CA ARG A 48 -8.54 -3.23 -5.80
C ARG A 48 -8.78 -4.73 -5.72
N ALA A 49 -8.83 -5.26 -4.50
CA ALA A 49 -9.04 -6.69 -4.29
C ALA A 49 -10.48 -6.97 -3.88
N GLY A 50 -11.40 -6.13 -4.36
CA GLY A 50 -12.80 -6.31 -4.02
C GLY A 50 -13.12 -5.89 -2.60
N ASN A 51 -12.56 -4.75 -2.20
CA ASN A 51 -12.79 -4.22 -0.85
C ASN A 51 -12.61 -5.34 0.19
N THR A 52 -11.48 -6.02 0.14
CA THR A 52 -11.19 -7.10 1.08
C THR A 52 -10.05 -6.72 2.02
N GLN A 53 -10.21 -7.07 3.30
CA GLN A 53 -9.18 -6.78 4.29
C GLN A 53 -7.90 -7.54 4.01
N GLN A 54 -7.09 -7.02 3.09
CA GLN A 54 -5.83 -7.65 2.73
C GLN A 54 -4.66 -7.00 3.45
N LYS A 55 -3.54 -7.70 3.51
CA LYS A 55 -2.34 -7.19 4.17
C LYS A 55 -1.78 -5.99 3.41
N VAL A 56 -1.83 -4.82 4.04
CA VAL A 56 -1.32 -3.60 3.43
C VAL A 56 -0.21 -2.98 4.26
N CYS A 57 0.60 -2.14 3.63
CA CYS A 57 1.70 -1.47 4.32
C CYS A 57 1.19 -0.40 5.27
N LYS A 58 1.96 -0.09 6.30
CA LYS A 58 1.59 0.93 7.27
C LYS A 58 0.85 2.08 6.60
N GLN A 59 1.55 2.81 5.74
CA GLN A 59 0.97 3.94 5.03
C GLN A 59 -0.46 3.62 4.60
N CYS A 60 -0.59 2.81 3.56
CA CYS A 60 -1.90 2.42 3.04
C CYS A 60 -2.88 2.17 4.18
N HIS A 61 -2.51 1.27 5.08
CA HIS A 61 -3.35 0.93 6.22
C HIS A 61 -3.93 2.19 6.87
N THR A 62 -3.15 3.26 6.85
CA THR A 62 -3.58 4.53 7.42
C THR A 62 -4.34 5.37 6.40
N ILE A 63 -3.88 5.33 5.15
CA ILE A 63 -4.52 6.09 4.08
C ILE A 63 -5.97 5.65 3.89
N LEU A 64 -6.18 4.35 3.79
CA LEU A 64 -7.52 3.80 3.60
C LEU A 64 -8.41 4.12 4.80
N THR A 65 -7.88 3.91 6.00
CA THR A 65 -8.63 4.18 7.23
C THR A 65 -8.84 5.68 7.43
N ARG A 66 -7.87 6.47 6.97
CA ARG A 66 -7.95 7.93 7.10
C ARG A 66 -9.09 8.48 6.26
N GLY A 67 -9.00 8.32 4.95
CA GLY A 67 -10.03 8.82 4.06
C GLY A 67 -10.72 7.71 3.30
N SER A 68 -10.91 7.90 1.99
CA SER A 68 -11.56 6.91 1.15
C SER A 68 -11.13 7.06 -0.30
N SER A 69 -10.94 5.93 -0.98
CA SER A 69 -10.51 5.92 -2.37
C SER A 69 -11.68 6.25 -3.29
N ASP A 70 -11.37 6.69 -4.50
CA ASP A 70 -12.39 7.04 -5.48
C ASP A 70 -12.41 6.04 -6.63
N ASN A 71 -13.55 5.93 -7.30
CA ASN A 71 -13.69 5.01 -8.43
C ASN A 71 -13.26 5.66 -9.74
N ALA A 72 -12.87 4.85 -10.70
CA ALA A 72 -12.44 5.35 -12.00
C ALA A 72 -12.18 4.21 -12.98
N SER A 73 -11.87 4.55 -14.22
CA SER A 73 -11.61 3.55 -15.25
C SER A 73 -10.92 2.33 -14.66
N LYS A 74 -11.62 1.20 -14.68
CA LYS A 74 -11.08 -0.04 -14.15
C LYS A 74 -10.87 -1.07 -15.26
N TRP A 75 -10.29 -2.21 -14.90
CA TRP A 75 -10.03 -3.26 -15.87
C TRP A 75 -10.31 -4.63 -15.28
N SER A 76 -11.15 -5.42 -15.96
CA SER A 76 -11.50 -6.75 -15.49
C SER A 76 -10.42 -7.76 -15.85
N PRO A 77 -10.16 -8.70 -14.93
CA PRO A 77 -9.15 -9.75 -15.14
C PRO A 77 -9.57 -10.76 -16.21
N PRO A 78 -8.58 -11.45 -16.79
CA PRO A 78 -8.83 -12.46 -17.82
C PRO A 78 -9.51 -13.70 -17.28
N GLN A 79 -10.05 -14.53 -18.17
CA GLN A 79 -10.73 -15.75 -17.77
C GLN A 79 -10.08 -16.36 -16.54
N ASN A 80 -8.76 -16.33 -16.49
CA ASN A 80 -8.01 -16.88 -15.36
C ASN A 80 -7.82 -15.83 -14.28
N TYR A 81 -8.12 -16.20 -13.04
CA TYR A 81 -7.99 -15.29 -11.91
C TYR A 81 -8.22 -16.02 -10.60
N LYS A 82 -7.88 -15.35 -9.49
CA LYS A 82 -8.06 -15.94 -8.16
C LYS A 82 -9.25 -15.32 -7.44
N SER A 83 -10.41 -15.97 -7.57
CA SER A 83 -11.63 -15.48 -6.94
C SER A 83 -11.41 -15.24 -5.45
N GLY A 84 -10.89 -16.26 -4.77
CA GLY A 84 -10.64 -16.15 -3.34
C GLY A 84 -11.92 -16.00 -2.54
N PRO A 85 -11.79 -16.04 -1.21
CA PRO A 85 -12.94 -15.92 -0.29
C PRO A 85 -13.54 -14.52 -0.31
N SER A 86 -14.77 -14.41 0.18
CA SER A 86 -15.47 -13.13 0.22
C SER A 86 -15.89 -12.78 1.65
N SER A 87 -15.86 -11.50 1.97
CA SER A 87 -16.23 -11.04 3.31
C SER A 87 -17.55 -11.66 3.75
N GLY A 88 -18.61 -11.40 2.98
CA GLY A 88 -19.92 -11.94 3.31
C GLY A 88 -20.96 -10.86 3.50
N GLY A 1 36.02 15.87 -8.52
CA GLY A 1 36.14 14.60 -9.21
C GLY A 1 35.91 13.42 -8.28
N SER A 2 34.64 13.16 -7.96
CA SER A 2 34.29 12.06 -7.07
C SER A 2 33.42 11.03 -7.79
N SER A 3 33.32 9.85 -7.22
CA SER A 3 32.52 8.77 -7.82
C SER A 3 32.00 7.83 -6.75
N GLY A 4 30.80 7.29 -6.97
CA GLY A 4 30.21 6.38 -6.02
C GLY A 4 28.87 5.84 -6.48
N SER A 5 28.32 4.90 -5.71
CA SER A 5 27.03 4.30 -6.06
C SER A 5 26.44 3.56 -4.86
N SER A 6 25.17 3.81 -4.58
CA SER A 6 24.49 3.17 -3.46
C SER A 6 23.26 2.41 -3.93
N GLY A 7 23.44 1.12 -4.23
CA GLY A 7 22.35 0.30 -4.70
C GLY A 7 22.15 -0.94 -3.87
N MET A 8 21.13 -1.72 -4.19
CA MET A 8 20.85 -2.95 -3.46
C MET A 8 19.70 -3.72 -4.11
N GLU A 9 19.67 -5.03 -3.89
CA GLU A 9 18.62 -5.87 -4.45
C GLU A 9 17.25 -5.47 -3.91
N SER A 10 16.21 -6.18 -4.36
CA SER A 10 14.85 -5.90 -3.93
C SER A 10 14.82 -5.48 -2.46
N ARG A 11 14.49 -4.22 -2.21
CA ARG A 11 14.42 -3.70 -0.85
C ARG A 11 12.98 -3.38 -0.46
N CYS A 12 12.81 -2.87 0.76
CA CYS A 12 11.49 -2.53 1.26
C CYS A 12 11.11 -1.10 0.87
N TYR A 13 9.84 -0.89 0.58
CA TYR A 13 9.35 0.44 0.20
C TYR A 13 8.88 1.23 1.41
N GLY A 14 9.49 0.92 2.56
CA GLY A 14 9.12 1.61 3.79
C GLY A 14 10.32 1.96 4.64
N CYS A 15 11.27 1.02 4.75
CA CYS A 15 12.47 1.24 5.54
C CYS A 15 13.72 1.03 4.69
N ALA A 16 13.53 0.49 3.49
CA ALA A 16 14.64 0.24 2.58
C ALA A 16 15.48 -0.94 3.05
N VAL A 17 14.86 -1.84 3.80
CA VAL A 17 15.54 -3.02 4.32
C VAL A 17 15.63 -4.11 3.26
N LYS A 18 16.84 -4.60 3.03
CA LYS A 18 17.07 -5.65 2.03
C LYS A 18 16.36 -6.94 2.43
N PHE A 19 15.69 -7.56 1.48
CA PHE A 19 14.97 -8.80 1.72
C PHE A 19 15.92 -9.99 1.71
N THR A 20 15.84 -10.82 2.76
CA THR A 20 16.69 -11.99 2.87
C THR A 20 16.00 -13.10 3.65
N LEU A 21 16.66 -14.25 3.75
CA LEU A 21 16.10 -15.39 4.48
C LEU A 21 15.38 -14.93 5.74
N PHE A 22 16.00 -14.02 6.47
CA PHE A 22 15.41 -13.50 7.70
C PHE A 22 14.33 -12.46 7.40
N LYS A 23 14.70 -11.46 6.60
CA LYS A 23 13.76 -10.40 6.23
C LYS A 23 13.05 -10.75 4.92
N LYS A 24 12.03 -11.59 5.00
CA LYS A 24 11.27 -11.99 3.82
C LYS A 24 10.73 -10.77 3.08
N GLU A 25 10.11 -11.01 1.93
CA GLU A 25 9.54 -9.93 1.14
C GLU A 25 8.03 -10.05 1.05
N TYR A 26 7.34 -8.95 1.31
CA TYR A 26 5.88 -8.92 1.27
C TYR A 26 5.38 -7.95 0.20
N GLY A 27 4.12 -8.11 -0.18
CA GLY A 27 3.53 -7.25 -1.19
C GLY A 27 2.23 -6.62 -0.73
N CYS A 28 1.98 -5.39 -1.18
CA CYS A 28 0.77 -4.67 -0.82
C CYS A 28 -0.32 -4.87 -1.87
N LYS A 29 -1.55 -4.50 -1.52
CA LYS A 29 -2.67 -4.63 -2.44
C LYS A 29 -3.15 -3.27 -2.90
N ASN A 30 -3.20 -2.31 -1.98
CA ASN A 30 -3.65 -0.96 -2.30
C ASN A 30 -2.66 -0.27 -3.23
N CYS A 31 -1.50 0.09 -2.69
CA CYS A 31 -0.47 0.75 -3.47
C CYS A 31 0.21 -0.23 -4.44
N GLY A 32 0.40 -1.46 -3.98
CA GLY A 32 1.03 -2.47 -4.81
C GLY A 32 2.54 -2.35 -4.83
N ARG A 33 3.12 -2.13 -3.65
CA ARG A 33 4.57 -1.98 -3.53
C ARG A 33 5.17 -3.09 -2.66
N ALA A 34 6.48 -3.24 -2.71
CA ALA A 34 7.17 -4.25 -1.92
C ALA A 34 7.47 -3.74 -0.52
N PHE A 35 7.10 -4.53 0.49
CA PHE A 35 7.33 -4.17 1.88
C PHE A 35 7.82 -5.36 2.68
N CYS A 36 8.51 -5.08 3.78
CA CYS A 36 9.04 -6.13 4.64
C CYS A 36 8.05 -6.49 5.75
N ASN A 37 8.03 -7.76 6.14
CA ASN A 37 7.13 -8.23 7.19
C ASN A 37 6.99 -7.18 8.28
N GLY A 38 8.08 -6.48 8.56
CA GLY A 38 8.05 -5.46 9.60
C GLY A 38 7.15 -4.29 9.24
N CYS A 39 7.17 -3.90 7.96
CA CYS A 39 6.36 -2.78 7.49
C CYS A 39 4.98 -3.27 7.04
N LEU A 40 4.95 -4.38 6.33
CA LEU A 40 3.71 -4.96 5.84
C LEU A 40 3.05 -5.82 6.91
N SER A 41 2.76 -5.22 8.06
CA SER A 41 2.13 -5.93 9.16
C SER A 41 0.78 -5.32 9.50
N PHE A 42 0.08 -4.83 8.48
CA PHE A 42 -1.23 -4.21 8.67
C PHE A 42 -2.23 -4.74 7.64
N SER A 43 -3.51 -4.54 7.92
CA SER A 43 -4.56 -5.00 7.02
C SER A 43 -5.66 -3.96 6.91
N ALA A 44 -6.22 -3.82 5.71
CA ALA A 44 -7.29 -2.86 5.46
C ALA A 44 -8.01 -3.15 4.15
N LEU A 45 -9.30 -2.84 4.10
CA LEU A 45 -10.09 -3.07 2.90
C LEU A 45 -9.46 -2.39 1.68
N VAL A 46 -9.17 -3.17 0.66
CA VAL A 46 -8.57 -2.65 -0.56
C VAL A 46 -9.58 -2.61 -1.70
N PRO A 47 -9.72 -1.44 -2.33
CA PRO A 47 -10.65 -1.25 -3.45
C PRO A 47 -10.20 -1.97 -4.71
N ARG A 48 -9.11 -2.74 -4.59
CA ARG A 48 -8.58 -3.48 -5.73
C ARG A 48 -8.78 -4.98 -5.53
N ALA A 49 -8.80 -5.42 -4.28
CA ALA A 49 -8.99 -6.84 -3.97
C ALA A 49 -10.46 -7.15 -3.69
N GLY A 50 -11.34 -6.38 -4.33
CA GLY A 50 -12.76 -6.59 -4.15
C GLY A 50 -13.24 -6.16 -2.77
N ASN A 51 -12.88 -4.94 -2.38
CA ASN A 51 -13.27 -4.41 -1.08
C ASN A 51 -13.08 -5.45 0.02
N THR A 52 -11.86 -5.99 0.11
CA THR A 52 -11.55 -7.00 1.12
C THR A 52 -10.36 -6.59 1.97
N GLN A 53 -10.39 -6.96 3.25
CA GLN A 53 -9.31 -6.62 4.16
C GLN A 53 -8.06 -7.45 3.87
N GLN A 54 -7.14 -6.86 3.10
CA GLN A 54 -5.90 -7.55 2.75
C GLN A 54 -4.70 -6.92 3.46
N LYS A 55 -3.60 -7.66 3.50
CA LYS A 55 -2.39 -7.17 4.15
C LYS A 55 -1.79 -5.98 3.39
N VAL A 56 -1.85 -4.80 4.00
CA VAL A 56 -1.31 -3.60 3.38
C VAL A 56 -0.20 -2.99 4.23
N CYS A 57 0.63 -2.17 3.60
CA CYS A 57 1.73 -1.52 4.30
C CYS A 57 1.22 -0.43 5.24
N LYS A 58 1.99 -0.15 6.28
CA LYS A 58 1.62 0.87 7.25
C LYS A 58 0.89 2.03 6.57
N GLN A 59 1.61 2.76 5.72
CA GLN A 59 1.03 3.89 5.02
C GLN A 59 -0.40 3.59 4.58
N CYS A 60 -0.54 2.76 3.54
CA CYS A 60 -1.85 2.39 3.03
C CYS A 60 -2.83 2.15 4.17
N HIS A 61 -2.46 1.26 5.09
CA HIS A 61 -3.31 0.94 6.23
C HIS A 61 -3.86 2.21 6.87
N THR A 62 -3.05 3.26 6.86
CA THR A 62 -3.46 4.54 7.45
C THR A 62 -4.20 5.39 6.44
N ILE A 63 -3.77 5.32 5.18
CA ILE A 63 -4.39 6.09 4.12
C ILE A 63 -5.84 5.69 3.92
N LEU A 64 -6.09 4.38 3.85
CA LEU A 64 -7.44 3.86 3.67
C LEU A 64 -8.32 4.21 4.87
N THR A 65 -7.80 3.98 6.07
CA THR A 65 -8.54 4.26 7.29
C THR A 65 -8.72 5.76 7.48
N ARG A 66 -7.72 6.54 7.07
CA ARG A 66 -7.77 7.99 7.19
C ARG A 66 -8.94 8.57 6.40
N GLY A 67 -8.93 8.35 5.09
CA GLY A 67 -9.99 8.85 4.24
C GLY A 67 -10.36 10.29 4.55
N SER A 68 -9.51 11.22 4.13
CA SER A 68 -9.74 12.63 4.38
C SER A 68 -11.15 13.03 3.98
N SER A 69 -11.51 14.29 4.24
CA SER A 69 -12.84 14.79 3.91
C SER A 69 -12.87 15.37 2.49
N ASP A 70 -14.07 15.68 2.01
CA ASP A 70 -14.24 16.24 0.68
C ASP A 70 -14.24 17.77 0.73
N ASN A 71 -13.34 18.33 1.53
CA ASN A 71 -13.24 19.78 1.66
C ASN A 71 -12.31 20.36 0.60
N ALA A 72 -12.89 20.74 -0.54
CA ALA A 72 -12.11 21.31 -1.62
C ALA A 72 -11.39 22.57 -1.18
N SER A 73 -12.09 23.41 -0.42
CA SER A 73 -11.52 24.66 0.07
C SER A 73 -10.47 24.39 1.15
N LYS A 74 -9.64 25.40 1.41
CA LYS A 74 -8.60 25.27 2.43
C LYS A 74 -9.02 25.93 3.73
N TRP A 75 -8.86 25.21 4.83
CA TRP A 75 -9.23 25.73 6.15
C TRP A 75 -7.99 26.06 6.97
N SER A 76 -7.40 27.22 6.71
CA SER A 76 -6.20 27.64 7.43
C SER A 76 -6.55 28.62 8.55
N PRO A 77 -6.47 28.15 9.80
CA PRO A 77 -6.77 28.96 10.98
C PRO A 77 -5.73 30.05 11.21
N PRO A 78 -6.04 30.98 12.13
CA PRO A 78 -5.15 32.08 12.48
C PRO A 78 -3.91 31.62 13.23
N GLN A 79 -3.01 32.55 13.51
CA GLN A 79 -1.77 32.23 14.23
C GLN A 79 -2.06 31.80 15.66
N ASN A 80 -2.61 32.72 16.44
CA ASN A 80 -2.93 32.44 17.84
C ASN A 80 -4.15 31.54 17.94
N TYR A 81 -3.92 30.24 17.96
CA TYR A 81 -5.00 29.27 18.04
C TYR A 81 -5.14 28.74 19.47
N LYS A 82 -5.02 29.64 20.44
CA LYS A 82 -5.14 29.26 21.84
C LYS A 82 -6.49 29.68 22.41
N SER A 83 -7.06 28.83 23.27
CA SER A 83 -8.35 29.11 23.89
C SER A 83 -8.52 28.34 25.19
N GLY A 84 -9.48 28.76 26.00
CA GLY A 84 -9.72 28.10 27.27
C GLY A 84 -8.70 28.47 28.32
N PRO A 85 -8.66 27.69 29.42
CA PRO A 85 -7.73 27.92 30.52
C PRO A 85 -6.29 27.62 30.14
N SER A 86 -5.57 28.64 29.70
CA SER A 86 -4.18 28.49 29.30
C SER A 86 -3.25 28.53 30.51
N SER A 87 -3.68 27.88 31.58
CA SER A 87 -2.89 27.85 32.82
C SER A 87 -1.83 26.76 32.74
N GLY A 88 -0.64 27.14 32.26
CA GLY A 88 0.46 26.20 32.15
C GLY A 88 0.65 25.72 30.72
#